data_8I0K
#
_entry.id   8I0K
#
loop_
_entity.id
_entity.type
_entity.pdbx_description
1 polymer '2-oxoglutarate dehydrogenase complex component E1'
2 polymer 'T-cell activation inhibitor, mitochondrial'
3 non-polymer 'MAGNESIUM ION'
4 non-polymer 'THIAMINE DIPHOSPHATE'
5 non-polymer '2-[3-[(4-azanyl-2-methyl-pyrimidin-5-yl)methyl]-4-methyl-2H-1,3-thiazol-5-yl]ethyl phosphono hydrogen phosphate'
6 non-polymer 'CALCIUM ION'
#
loop_
_entity_poly.entity_id
_entity_poly.type
_entity_poly.pdbx_seq_one_letter_code
_entity_poly.pdbx_strand_id
1 'polypeptide(L)'
;LVEAQPNVDKLVEDHLAVQSLIRAYQIRGHHVAQLDPLGILDADLDSSVPADIISSTDKLGFYGLDESDLDKVFHLPTTT
FIGGQESALPLREIIRRLEMAYCQHIGVEFMFINDLEQCQWIRQKFETPGIMQFTNEEKRTLLARLVRSTRFEEFLQRKW
SSEKRFGLEGCEVLIPALKTIIDKSSENGVDYVIMGMPHRGRLNVLANVIRKELEQIFCQFDSKLEAADEGSGDVKYHLG
MYHRRINRVTDRNITLSLVANPSHLEAADPVVMGKTKAEQFYCGDTEGKKVMSILLHGDAAFAGQGIVYETFHLSDLPSY
TTHGTVHVVVNNQIGFTTDPRMARSSPYPTDVARVVNAPIFHVNSDDPEAVMYVCKVAAEWRSTFHKDVVVDLVCYRRNG
HNEMDEPMFTQPLMYKQIRKQKPVLQKYAELLVSQGVVNQPEYEEEISKYDKICEEAFARSKDEKILHIKHWLDSPWPGF
FTLDGQPRSMSCPSTGLTEDILTHIGNVASSVPVENFTIHGGLSRILKTRGEMVKNRTVDWALAEYMAFGSLLKEGIHIR
LSGQDVERGTFSHRHHVLHDQNVDKRTCIPMNHLWPNQAPYTVCNSSLSEYGVLGFELGFAMASPNALVLWEAQFGDFHN
TAQCIIDQFICPGQAKWVRQNGIVLLLPHGMEGMGPEHSSARPERFLQMCNDDPDVLPDLKEANFDINQLYDCNWVVVNC
STPGNFFHVLRRQILLPFRKPLIIFTPKSLLRHPEARSSFDEMLPGTHFQRVIPEDGPAAQNPENVKRLLFCTGKVYYDL
TRERKARDMVGQVAITRIEQLSPFPFDLLLKEVQKYPNAELAWCQEEHKNQGYYDYVKPRLRTTISRAKPVWYAGRDPAA
APATGNKKTHLTELQRLLDTAFDLDVFKNFS
;
A,B
2 'polypeptide(L)'
;TTLTSWLDNNGKSAVKKLKNSLPLRKELDRLKDELSHQLQLSDIRWQRSWGIAHRCSQLHSLSRLAQQNLETLKKAKGCT
IIFTDRSGMSAVGHVMLGTMDVHHHWTKLFERLPSYFDLQRRLMILEDQISYLLGGIQVVYIEELQPVLTLEEYYSLLDV
FYNRLLKSRILFHPRSLRGLQMILNSDRYAPSLHELGHFNIPTLCDPANLQWFILTKAQQARENMKRKEELKVIENELIQ
ASTKKFSLEKLYKEPSISSIQMVDCCKRLLEQSLPYLHGMHLCISHFYSVMQDGDLCIPWNW
;
C
#
# COMPACT_ATOMS: atom_id res chain seq x y z
N LEU A 11 8.56 -23.80 52.73
CA LEU A 11 7.83 -22.65 52.22
C LEU A 11 8.72 -21.41 52.22
N VAL A 12 10.00 -21.62 52.49
CA VAL A 12 10.94 -20.49 52.59
C VAL A 12 11.01 -19.75 51.25
N GLU A 13 10.97 -20.47 50.14
CA GLU A 13 10.96 -19.84 48.83
C GLU A 13 10.07 -20.61 47.85
N ASP A 14 9.12 -21.39 48.36
CA ASP A 14 8.20 -22.09 47.48
C ASP A 14 7.17 -21.17 46.87
N HIS A 15 6.74 -20.12 47.59
CA HIS A 15 5.83 -19.15 47.00
C HIS A 15 6.40 -18.55 45.74
N LEU A 16 7.73 -18.44 45.66
CA LEU A 16 8.38 -17.95 44.46
C LEU A 16 7.89 -18.69 43.23
N ALA A 17 7.83 -20.03 43.30
CA ALA A 17 7.37 -20.81 42.16
C ALA A 17 5.99 -20.35 41.70
N VAL A 18 5.08 -20.17 42.65
CA VAL A 18 3.73 -19.73 42.31
C VAL A 18 3.77 -18.42 41.54
N GLN A 19 4.61 -17.48 41.99
CA GLN A 19 4.82 -16.27 41.21
C GLN A 19 5.15 -16.62 39.77
N SER A 20 6.24 -17.38 39.58
CA SER A 20 6.62 -17.79 38.24
C SER A 20 5.48 -18.55 37.57
N LEU A 21 4.72 -19.32 38.35
CA LEU A 21 3.59 -20.04 37.80
C LEU A 21 2.69 -19.09 37.02
N ILE A 22 2.29 -17.98 37.65
CA ILE A 22 1.36 -17.06 36.99
C ILE A 22 1.97 -16.53 35.70
N ARG A 23 3.28 -16.17 35.75
CA ARG A 23 3.98 -15.80 34.52
C ARG A 23 3.55 -16.69 33.37
N ALA A 24 3.78 -18.00 33.53
CA ALA A 24 3.53 -18.93 32.44
C ALA A 24 2.20 -18.66 31.79
N TYR A 25 1.13 -18.70 32.57
CA TYR A 25 -0.19 -18.58 31.96
C TYR A 25 -0.31 -17.25 31.24
N GLN A 26 -0.05 -16.16 31.96
CA GLN A 26 -0.28 -14.85 31.36
C GLN A 26 0.64 -14.62 30.18
N ILE A 27 1.74 -15.39 30.09
CA ILE A 27 2.72 -15.14 29.00
C ILE A 27 2.69 -16.31 28.00
N ARG A 28 2.02 -17.42 28.34
CA ARG A 28 2.12 -18.58 27.47
C ARG A 28 0.84 -19.40 27.37
N GLY A 29 -0.19 -19.07 28.15
CA GLY A 29 -1.38 -19.89 28.14
C GLY A 29 -2.01 -20.03 26.76
N HIS A 30 -1.91 -18.97 25.96
CA HIS A 30 -2.50 -19.01 24.63
C HIS A 30 -1.85 -20.03 23.72
N HIS A 31 -0.70 -20.58 24.10
CA HIS A 31 -0.08 -21.63 23.31
C HIS A 31 -0.74 -22.98 23.49
N VAL A 32 -1.61 -23.12 24.50
CA VAL A 32 -2.30 -24.38 24.78
C VAL A 32 -3.82 -24.20 24.81
N ALA A 33 -4.32 -23.12 24.23
CA ALA A 33 -5.75 -22.90 24.19
C ALA A 33 -6.39 -23.68 23.05
N GLN A 34 -7.70 -23.92 23.18
CA GLN A 34 -8.44 -24.70 22.19
C GLN A 34 -9.14 -23.76 21.21
N LEU A 35 -8.34 -23.19 20.29
CA LEU A 35 -8.88 -22.18 19.34
C LEU A 35 -9.36 -22.85 18.03
N ASP A 36 -8.78 -23.98 17.64
CA ASP A 36 -9.23 -24.64 16.43
C ASP A 36 -10.66 -25.18 16.60
N PRO A 37 -11.52 -25.02 15.61
CA PRO A 37 -12.88 -25.57 15.73
C PRO A 37 -12.96 -27.02 15.31
N LEU A 38 -12.08 -27.41 14.37
CA LEU A 38 -12.08 -28.78 13.87
C LEU A 38 -11.64 -29.77 14.93
N GLY A 39 -10.69 -29.40 15.78
CA GLY A 39 -10.13 -30.27 16.78
C GLY A 39 -8.72 -30.73 16.49
N ILE A 40 -8.40 -30.76 15.19
CA ILE A 40 -7.05 -31.14 14.69
C ILE A 40 -6.57 -29.84 14.06
N LEU A 41 -5.41 -29.80 13.41
CA LEU A 41 -4.87 -28.53 12.85
C LEU A 41 -4.79 -27.47 13.96
N ASP A 42 -3.81 -27.56 14.86
CA ASP A 42 -3.59 -26.56 15.96
C ASP A 42 -3.27 -25.18 15.38
N ALA A 43 -3.64 -24.11 16.08
CA ALA A 43 -3.53 -22.80 15.43
C ALA A 43 -2.13 -22.22 15.55
N ASP A 44 -1.39 -22.57 16.60
CA ASP A 44 -0.05 -21.99 16.74
C ASP A 44 0.99 -22.72 15.95
N LEU A 45 0.59 -23.67 15.10
CA LEU A 45 1.48 -24.47 14.22
C LEU A 45 2.44 -25.36 15.04
N ASP A 46 2.34 -25.35 16.37
CA ASP A 46 3.18 -26.26 17.20
C ASP A 46 2.30 -27.03 18.20
N SER A 47 2.42 -28.37 18.25
CA SER A 47 1.54 -29.20 19.10
C SER A 47 2.14 -29.47 20.48
N SER A 48 3.35 -29.00 20.75
CA SER A 48 4.00 -29.31 22.05
C SER A 48 3.36 -28.52 23.18
N VAL A 49 3.40 -29.08 24.40
CA VAL A 49 2.90 -28.33 25.59
C VAL A 49 4.12 -27.80 26.36
N PRO A 50 4.44 -26.48 26.35
CA PRO A 50 5.54 -25.95 27.15
C PRO A 50 5.53 -26.55 28.55
N ALA A 51 6.74 -26.77 29.10
CA ALA A 51 6.85 -27.35 30.43
C ALA A 51 6.35 -26.42 31.53
N ASP A 52 6.20 -25.13 31.24
CA ASP A 52 5.71 -24.21 32.26
C ASP A 52 4.25 -24.45 32.59
N ILE A 53 3.43 -24.71 31.57
CA ILE A 53 1.99 -24.87 31.78
C ILE A 53 1.71 -26.23 32.38
N ILE A 54 0.97 -26.24 33.49
CA ILE A 54 0.66 -27.46 34.22
C ILE A 54 -0.57 -28.10 33.58
N SER A 55 -0.34 -29.05 32.68
CA SER A 55 -1.42 -29.87 32.15
C SER A 55 -1.54 -31.22 32.85
N SER A 56 -0.45 -31.71 33.42
CA SER A 56 -0.46 -32.93 34.21
C SER A 56 0.30 -32.66 35.50
N THR A 57 -0.09 -33.36 36.57
CA THR A 57 0.46 -33.08 37.89
C THR A 57 1.96 -33.34 37.95
N ASP A 58 2.49 -34.21 37.08
CA ASP A 58 3.92 -34.51 37.10
C ASP A 58 4.75 -33.25 36.93
N LYS A 59 4.30 -32.33 36.08
CA LYS A 59 5.06 -31.12 35.81
C LYS A 59 5.12 -30.18 37.01
N LEU A 60 4.38 -30.47 38.08
CA LEU A 60 4.63 -29.76 39.33
C LEU A 60 6.09 -29.88 39.76
N GLY A 61 6.72 -31.02 39.45
CA GLY A 61 8.12 -31.19 39.76
C GLY A 61 9.02 -30.19 39.06
N PHE A 62 8.55 -29.64 37.94
CA PHE A 62 9.29 -28.58 37.27
C PHE A 62 9.47 -27.37 38.17
N TYR A 63 8.48 -27.09 39.01
CA TYR A 63 8.52 -25.95 39.92
C TYR A 63 8.98 -26.34 41.32
N GLY A 64 9.38 -27.59 41.52
CA GLY A 64 9.74 -28.04 42.85
C GLY A 64 8.55 -28.26 43.75
N LEU A 65 7.43 -28.70 43.21
CA LEU A 65 6.21 -28.94 43.97
C LEU A 65 5.72 -30.36 43.72
N ASP A 66 5.05 -30.92 44.71
CA ASP A 66 4.48 -32.26 44.62
C ASP A 66 2.96 -32.20 44.76
N GLU A 67 2.34 -33.37 44.80
CA GLU A 67 0.87 -33.43 44.88
C GLU A 67 0.34 -32.89 46.20
N SER A 68 1.15 -32.88 47.25
CA SER A 68 0.68 -32.41 48.54
C SER A 68 0.52 -30.90 48.61
N ASP A 69 1.07 -30.17 47.65
CA ASP A 69 1.05 -28.72 47.67
C ASP A 69 -0.25 -28.13 47.13
N LEU A 70 -1.15 -28.98 46.62
CA LEU A 70 -2.39 -28.44 45.98
C LEU A 70 -3.35 -27.85 47.01
N ASP A 71 -3.28 -28.29 48.28
CA ASP A 71 -4.30 -27.83 49.28
C ASP A 71 -3.80 -26.63 50.10
N LYS A 72 -2.56 -26.18 49.92
CA LYS A 72 -2.02 -25.07 50.76
C LYS A 72 -2.66 -23.74 50.35
N VAL A 73 -2.95 -22.84 51.30
CA VAL A 73 -3.65 -21.58 50.91
C VAL A 73 -2.61 -20.50 50.61
N PHE A 74 -2.48 -20.09 49.35
CA PHE A 74 -1.45 -19.08 48.97
C PHE A 74 -2.11 -17.71 48.89
N HIS A 75 -1.34 -16.64 48.94
CA HIS A 75 -1.82 -15.27 48.91
C HIS A 75 -1.47 -14.65 47.56
N LEU A 76 -2.50 -14.21 46.84
CA LEU A 76 -2.31 -13.74 45.43
C LEU A 76 -1.61 -12.38 45.32
N PRO A 77 -0.80 -12.10 44.27
CA PRO A 77 -0.24 -10.76 44.11
C PRO A 77 -1.25 -9.75 43.55
N THR A 78 -0.84 -8.49 43.35
CA THR A 78 -1.74 -7.41 42.88
C THR A 78 -1.76 -7.33 41.36
N THR A 79 -1.03 -8.23 40.70
CA THR A 79 -1.02 -8.25 39.21
C THR A 79 -1.99 -9.33 38.72
N THR A 80 -2.92 -9.78 39.59
CA THR A 80 -3.92 -10.80 39.22
C THR A 80 -5.29 -10.34 39.72
N PHE A 81 -6.37 -10.71 39.03
CA PHE A 81 -7.73 -10.27 39.43
C PHE A 81 -8.64 -11.50 39.54
N ILE A 82 -8.06 -12.69 39.69
CA ILE A 82 -8.81 -13.98 39.70
C ILE A 82 -9.37 -14.23 41.09
N GLY A 83 -8.90 -13.50 42.08
CA GLY A 83 -9.32 -13.78 43.46
C GLY A 83 -10.75 -13.37 43.70
N GLY A 84 -11.34 -12.62 42.79
CA GLY A 84 -12.68 -12.09 43.07
C GLY A 84 -12.58 -11.07 44.18
N GLN A 85 -13.24 -11.31 45.31
CA GLN A 85 -13.07 -10.39 46.47
C GLN A 85 -12.16 -11.04 47.52
N GLU A 86 -11.58 -12.20 47.23
CA GLU A 86 -10.79 -12.93 48.28
C GLU A 86 -9.29 -12.82 47.97
N SER A 87 -8.49 -12.43 48.97
CA SER A 87 -7.02 -12.31 48.80
C SER A 87 -6.31 -13.65 48.61
N ALA A 88 -6.73 -14.72 49.32
CA ALA A 88 -6.00 -16.00 49.27
C ALA A 88 -6.79 -17.09 48.54
N LEU A 89 -6.14 -18.21 48.17
CA LEU A 89 -6.82 -19.31 47.50
C LEU A 89 -5.96 -20.56 47.64
N PRO A 90 -6.57 -21.74 47.61
CA PRO A 90 -5.78 -22.96 47.41
C PRO A 90 -5.22 -23.00 46.00
N LEU A 91 -4.02 -23.56 45.86
CA LEU A 91 -3.40 -23.64 44.55
C LEU A 91 -4.24 -24.46 43.59
N ARG A 92 -5.11 -25.31 44.13
CA ARG A 92 -6.01 -26.10 43.26
C ARG A 92 -7.00 -25.15 42.56
N GLU A 93 -7.58 -24.20 43.31
CA GLU A 93 -8.50 -23.24 42.71
C GLU A 93 -7.75 -22.22 41.88
N ILE A 94 -6.50 -21.90 42.26
CA ILE A 94 -5.70 -20.96 41.48
C ILE A 94 -5.46 -21.51 40.09
N ILE A 95 -5.02 -22.76 40.00
CA ILE A 95 -4.80 -23.37 38.70
C ILE A 95 -6.12 -23.47 37.94
N ARG A 96 -7.23 -23.72 38.60
CA ARG A 96 -8.47 -23.88 37.78
C ARG A 96 -8.85 -22.53 37.15
N ARG A 97 -8.86 -21.45 37.93
CA ARG A 97 -9.30 -20.12 37.44
C ARG A 97 -8.38 -19.60 36.34
N LEU A 98 -7.08 -19.82 36.47
CA LEU A 98 -6.11 -19.37 35.45
C LEU A 98 -6.28 -20.12 34.15
N GLU A 99 -6.59 -21.42 34.21
CA GLU A 99 -6.82 -22.23 32.98
C GLU A 99 -8.07 -21.70 32.26
N MET A 100 -9.09 -21.28 33.01
CA MET A 100 -10.30 -20.69 32.38
C MET A 100 -9.91 -19.39 31.66
N ALA A 101 -9.04 -18.58 32.27
CA ALA A 101 -8.69 -17.25 31.70
C ALA A 101 -7.97 -17.37 30.35
N TYR A 102 -7.06 -18.33 30.16
CA TYR A 102 -6.26 -18.35 28.91
C TYR A 102 -6.35 -19.67 28.13
N CYS A 103 -6.69 -20.78 28.78
CA CYS A 103 -6.66 -22.09 28.07
C CYS A 103 -8.04 -22.45 27.51
N GLN A 104 -9.07 -21.62 27.71
CA GLN A 104 -10.36 -21.94 27.10
C GLN A 104 -10.41 -21.32 25.71
N HIS A 105 -11.59 -21.06 25.14
CA HIS A 105 -11.72 -20.67 23.75
C HIS A 105 -11.11 -19.30 23.44
N ILE A 106 -10.63 -18.58 24.45
CA ILE A 106 -10.03 -17.26 24.25
C ILE A 106 -8.55 -17.32 24.60
N GLY A 107 -7.71 -16.85 23.69
CA GLY A 107 -6.29 -16.70 23.95
C GLY A 107 -5.85 -15.25 23.80
N VAL A 108 -5.21 -14.70 24.84
CA VAL A 108 -4.88 -13.29 24.90
C VAL A 108 -3.37 -13.14 24.82
N GLU A 109 -2.90 -12.29 23.92
CA GLU A 109 -1.48 -12.01 23.72
C GLU A 109 -1.29 -10.52 24.01
N PHE A 110 -0.81 -10.21 25.22
CA PHE A 110 -0.74 -8.81 25.64
C PHE A 110 0.48 -8.45 26.51
N MET A 111 1.41 -9.37 26.73
CA MET A 111 2.46 -9.09 27.72
C MET A 111 3.67 -8.37 27.15
N PHE A 112 3.65 -7.99 25.87
CA PHE A 112 4.79 -7.27 25.31
C PHE A 112 4.68 -5.77 25.49
N ILE A 113 3.55 -5.27 25.97
CA ILE A 113 3.41 -3.83 26.17
C ILE A 113 4.06 -3.42 27.49
N ASN A 114 4.57 -2.19 27.53
CA ASN A 114 5.35 -1.76 28.71
C ASN A 114 4.48 -0.99 29.70
N ASP A 115 3.33 -0.50 29.27
CA ASP A 115 2.51 0.34 30.17
C ASP A 115 1.85 -0.54 31.23
N LEU A 116 2.03 -0.22 32.49
CA LEU A 116 1.34 -0.95 33.58
C LEU A 116 -0.15 -0.69 33.51
N GLU A 117 -0.57 0.53 33.19
CA GLU A 117 -2.02 0.88 33.21
C GLU A 117 -2.80 0.09 32.16
N GLN A 118 -2.20 -0.26 31.04
CA GLN A 118 -2.86 -1.01 29.97
C GLN A 118 -2.91 -2.51 30.29
N CYS A 119 -1.94 -3.07 31.01
CA CYS A 119 -1.91 -4.46 31.44
C CYS A 119 -2.91 -4.71 32.55
N GLN A 120 -3.02 -3.80 33.51
CA GLN A 120 -4.02 -3.97 34.56
C GLN A 120 -5.42 -3.95 33.99
N TRP A 121 -5.69 -3.08 33.02
CA TRP A 121 -7.00 -3.04 32.39
C TRP A 121 -7.33 -4.38 31.75
N ILE A 122 -6.40 -4.94 30.98
CA ILE A 122 -6.66 -6.20 30.30
C ILE A 122 -6.86 -7.33 31.30
N ARG A 123 -6.02 -7.37 32.34
CA ARG A 123 -6.15 -8.43 33.34
C ARG A 123 -7.49 -8.34 34.05
N GLN A 124 -7.94 -7.13 34.37
CA GLN A 124 -9.25 -6.98 35.01
C GLN A 124 -10.36 -7.43 34.06
N LYS A 125 -10.23 -7.12 32.77
CA LYS A 125 -11.29 -7.48 31.84
C LYS A 125 -11.41 -8.99 31.68
N PHE A 126 -10.28 -9.71 31.71
CA PHE A 126 -10.32 -11.11 31.31
C PHE A 126 -10.17 -12.11 32.47
N GLU A 127 -9.74 -11.68 33.65
CA GLU A 127 -9.48 -12.64 34.71
C GLU A 127 -10.54 -12.66 35.80
N THR A 128 -11.34 -11.62 35.94
CA THR A 128 -12.28 -11.57 37.05
C THR A 128 -13.39 -12.60 36.85
N PRO A 129 -13.89 -13.21 37.93
CA PRO A 129 -14.90 -14.26 37.77
C PRO A 129 -16.27 -13.70 37.45
N GLY A 130 -16.95 -14.37 36.53
CA GLY A 130 -18.33 -14.04 36.23
C GLY A 130 -18.55 -12.82 35.36
N ILE A 131 -17.49 -12.24 34.80
CA ILE A 131 -17.69 -11.06 33.97
C ILE A 131 -18.23 -11.44 32.61
N MET A 132 -17.96 -12.67 32.15
CA MET A 132 -18.43 -13.13 30.85
C MET A 132 -19.75 -13.87 31.05
N GLN A 133 -20.83 -13.10 31.17
CA GLN A 133 -22.16 -13.67 31.24
C GLN A 133 -23.15 -12.71 30.61
N PHE A 134 -24.13 -13.27 29.90
CA PHE A 134 -25.04 -12.50 29.07
C PHE A 134 -26.45 -12.53 29.65
N THR A 135 -27.30 -11.67 29.12
CA THR A 135 -28.72 -11.67 29.44
C THR A 135 -29.49 -12.36 28.34
N ASN A 136 -30.75 -12.72 28.63
CA ASN A 136 -31.58 -13.44 27.64
C ASN A 136 -31.78 -12.58 26.39
N GLU A 137 -31.90 -11.27 26.57
CA GLU A 137 -32.16 -10.35 25.42
C GLU A 137 -30.98 -10.41 24.44
N GLU A 138 -29.75 -10.43 24.95
CA GLU A 138 -28.55 -10.47 24.07
C GLU A 138 -28.53 -11.82 23.34
N LYS A 139 -28.99 -12.89 23.99
CA LYS A 139 -29.00 -14.21 23.38
C LYS A 139 -30.03 -14.30 22.26
N ARG A 140 -31.22 -13.74 22.48
CA ARG A 140 -32.23 -13.74 21.41
C ARG A 140 -31.74 -12.95 20.20
N THR A 141 -31.14 -11.78 20.44
CA THR A 141 -30.64 -10.98 19.33
C THR A 141 -29.56 -11.73 18.56
N LEU A 142 -28.65 -12.38 19.28
CA LEU A 142 -27.59 -13.15 18.63
C LEU A 142 -28.17 -14.28 17.80
N LEU A 143 -29.18 -14.97 18.32
CA LEU A 143 -29.82 -16.05 17.56
C LEU A 143 -30.43 -15.53 16.28
N ALA A 144 -31.13 -14.40 16.35
CA ALA A 144 -31.73 -13.83 15.15
C ALA A 144 -30.67 -13.48 14.11
N ARG A 145 -29.59 -12.85 14.54
CA ARG A 145 -28.55 -12.45 13.60
C ARG A 145 -27.90 -13.68 12.96
N LEU A 146 -27.64 -14.73 13.74
CA LEU A 146 -27.07 -15.94 13.19
C LEU A 146 -28.01 -16.58 12.17
N VAL A 147 -29.31 -16.61 12.46
CA VAL A 147 -30.27 -17.17 11.53
C VAL A 147 -30.21 -16.45 10.20
N ARG A 148 -30.20 -15.12 10.26
CA ARG A 148 -30.17 -14.31 9.04
C ARG A 148 -28.90 -14.58 8.24
N SER A 149 -27.76 -14.60 8.93
CA SER A 149 -26.48 -14.81 8.26
C SER A 149 -26.42 -16.16 7.57
N THR A 150 -27.01 -17.20 8.17
CA THR A 150 -26.99 -18.52 7.55
C THR A 150 -27.96 -18.61 6.37
N ARG A 151 -29.20 -18.15 6.58
CA ARG A 151 -30.22 -18.34 5.55
C ARG A 151 -29.94 -17.53 4.31
N PHE A 152 -29.24 -16.39 4.44
CA PHE A 152 -28.91 -15.63 3.24
C PHE A 152 -28.04 -16.45 2.29
N GLU A 153 -27.01 -17.11 2.83
CA GLU A 153 -26.13 -17.92 1.98
C GLU A 153 -26.86 -19.16 1.47
N GLU A 154 -27.74 -19.74 2.28
CA GLU A 154 -28.54 -20.86 1.79
C GLU A 154 -29.36 -20.44 0.57
N PHE A 155 -30.00 -19.27 0.65
CA PHE A 155 -30.79 -18.78 -0.47
C PHE A 155 -29.92 -18.51 -1.69
N LEU A 156 -28.73 -17.95 -1.49
CA LEU A 156 -27.83 -17.71 -2.62
C LEU A 156 -27.46 -19.02 -3.31
N GLN A 157 -27.23 -20.08 -2.53
CA GLN A 157 -27.01 -21.38 -3.16
C GLN A 157 -28.22 -21.84 -3.95
N ARG A 158 -29.42 -21.74 -3.37
CA ARG A 158 -30.59 -22.28 -4.06
C ARG A 158 -30.86 -21.54 -5.36
N LYS A 159 -30.72 -20.22 -5.37
CA LYS A 159 -31.12 -19.48 -6.57
C LYS A 159 -29.99 -19.32 -7.58
N TRP A 160 -28.73 -19.43 -7.12
CA TRP A 160 -27.53 -19.26 -7.99
C TRP A 160 -26.41 -20.18 -7.50
N SER A 161 -26.49 -21.48 -7.78
CA SER A 161 -25.49 -22.45 -7.26
C SER A 161 -24.13 -22.22 -7.93
N SER A 162 -24.11 -21.91 -9.23
CA SER A 162 -22.84 -21.78 -9.98
C SER A 162 -22.14 -20.44 -9.71
N GLU A 163 -22.90 -19.40 -9.36
CA GLU A 163 -22.29 -18.06 -9.17
C GLU A 163 -21.26 -18.15 -8.03
N LYS A 164 -20.06 -17.61 -8.26
CA LYS A 164 -19.02 -17.57 -7.20
C LYS A 164 -19.33 -16.37 -6.29
N ARG A 165 -20.03 -16.59 -5.18
CA ARG A 165 -20.47 -15.49 -4.31
C ARG A 165 -19.45 -15.23 -3.19
N PHE A 166 -18.31 -15.94 -3.18
CA PHE A 166 -17.35 -15.80 -2.05
C PHE A 166 -18.10 -16.02 -0.74
N GLY A 167 -18.78 -17.17 -0.60
CA GLY A 167 -19.63 -17.42 0.57
C GLY A 167 -18.89 -17.45 1.89
N LEU A 168 -19.59 -17.11 2.99
CA LEU A 168 -18.96 -17.03 4.33
C LEU A 168 -19.15 -18.36 5.08
N GLU A 169 -19.49 -19.44 4.37
CA GLU A 169 -19.79 -20.73 5.06
C GLU A 169 -18.57 -21.14 5.91
N GLY A 170 -18.81 -21.59 7.14
CA GLY A 170 -17.71 -21.93 8.06
C GLY A 170 -17.27 -20.73 8.88
N CYS A 171 -17.87 -19.56 8.64
CA CYS A 171 -17.55 -18.33 9.41
C CYS A 171 -18.80 -17.44 9.44
N GLU A 172 -19.83 -17.86 10.18
CA GLU A 172 -21.09 -17.12 10.19
C GLU A 172 -21.23 -16.21 11.39
N VAL A 173 -20.21 -16.17 12.26
CA VAL A 173 -20.27 -15.30 13.44
C VAL A 173 -19.67 -13.94 13.17
N LEU A 174 -19.25 -13.68 11.93
CA LEU A 174 -18.66 -12.38 11.60
C LEU A 174 -19.70 -11.27 11.65
N ILE A 175 -20.90 -11.53 11.14
CA ILE A 175 -21.94 -10.50 11.11
C ILE A 175 -22.33 -10.04 12.52
N PRO A 176 -22.67 -10.93 13.46
CA PRO A 176 -22.96 -10.45 14.82
C PRO A 176 -21.77 -9.76 15.46
N ALA A 177 -20.54 -10.18 15.14
CA ALA A 177 -19.37 -9.52 15.70
C ALA A 177 -19.27 -8.07 15.25
N LEU A 178 -19.41 -7.84 13.94
CA LEU A 178 -19.37 -6.46 13.45
C LEU A 178 -20.50 -5.63 14.02
N LYS A 179 -21.70 -6.21 14.12
CA LYS A 179 -22.80 -5.46 14.69
C LYS A 179 -22.54 -5.08 16.14
N THR A 180 -21.96 -6.00 16.91
CA THR A 180 -21.64 -5.69 18.30
C THR A 180 -20.59 -4.60 18.42
N ILE A 181 -19.57 -4.65 17.56
CA ILE A 181 -18.54 -3.60 17.59
C ILE A 181 -19.15 -2.25 17.30
N ILE A 182 -19.98 -2.17 16.25
CA ILE A 182 -20.58 -0.90 15.88
C ILE A 182 -21.52 -0.39 16.98
N ASP A 183 -22.26 -1.29 17.62
CA ASP A 183 -23.18 -0.86 18.67
C ASP A 183 -22.43 -0.30 19.87
N LYS A 184 -21.36 -0.98 20.29
CA LYS A 184 -20.60 -0.47 21.43
C LYS A 184 -19.94 0.86 21.10
N SER A 185 -19.41 1.00 19.89
CA SER A 185 -18.83 2.28 19.49
C SER A 185 -19.89 3.38 19.50
N SER A 186 -21.08 3.10 18.98
CA SER A 186 -22.15 4.09 19.00
C SER A 186 -22.51 4.47 20.43
N GLU A 187 -22.49 3.51 21.34
CA GLU A 187 -22.63 3.84 22.75
C GLU A 187 -21.56 4.81 23.23
N ASN A 188 -20.32 4.63 22.79
CA ASN A 188 -19.22 5.45 23.25
C ASN A 188 -19.08 6.77 22.50
N GLY A 189 -20.08 7.16 21.71
CA GLY A 189 -20.10 8.47 21.09
C GLY A 189 -19.69 8.55 19.64
N VAL A 190 -19.45 7.43 18.96
CA VAL A 190 -19.06 7.48 17.56
C VAL A 190 -20.28 7.72 16.69
N ASP A 191 -20.12 8.51 15.64
CA ASP A 191 -21.22 8.80 14.73
C ASP A 191 -20.92 8.49 13.27
N TYR A 192 -19.73 8.03 12.94
CA TYR A 192 -19.37 7.84 11.54
C TYR A 192 -18.31 6.77 11.46
N VAL A 193 -18.60 5.70 10.71
CA VAL A 193 -17.73 4.53 10.64
C VAL A 193 -17.35 4.30 9.18
N ILE A 194 -16.08 4.04 8.92
CA ILE A 194 -15.58 3.77 7.59
C ILE A 194 -14.95 2.38 7.57
N MET A 195 -15.28 1.59 6.56
CA MET A 195 -14.90 0.19 6.53
C MET A 195 -14.22 -0.18 5.22
N GLY A 196 -13.32 -1.14 5.32
CA GLY A 196 -12.71 -1.73 4.14
C GLY A 196 -12.67 -3.23 4.30
N MET A 197 -12.85 -3.94 3.19
CA MET A 197 -13.09 -5.37 3.32
C MET A 197 -12.69 -6.12 2.06
N PRO A 198 -12.14 -7.33 2.18
CA PRO A 198 -11.79 -8.10 1.00
C PRO A 198 -12.97 -8.84 0.38
N HIS A 199 -12.67 -9.72 -0.57
CA HIS A 199 -13.70 -10.42 -1.33
C HIS A 199 -14.58 -11.31 -0.45
N ARG A 200 -13.99 -12.01 0.51
CA ARG A 200 -14.72 -13.07 1.21
C ARG A 200 -15.82 -12.49 2.09
N GLY A 201 -17.06 -12.80 1.76
CA GLY A 201 -18.19 -12.41 2.58
C GLY A 201 -18.72 -11.03 2.33
N ARG A 202 -18.42 -10.43 1.18
CA ARG A 202 -18.80 -9.05 0.93
C ARG A 202 -20.32 -8.90 0.81
N LEU A 203 -20.97 -9.81 0.09
CA LEU A 203 -22.40 -9.66 -0.13
C LEU A 203 -23.20 -9.80 1.16
N ASN A 204 -22.78 -10.70 2.04
CA ASN A 204 -23.48 -10.87 3.30
C ASN A 204 -23.41 -9.60 4.13
N VAL A 205 -22.24 -8.97 4.14
CA VAL A 205 -22.06 -7.71 4.94
C VAL A 205 -22.95 -6.62 4.36
N LEU A 206 -23.01 -6.50 3.02
CA LEU A 206 -23.81 -5.45 2.39
C LEU A 206 -25.28 -5.64 2.75
N ALA A 207 -25.75 -6.89 2.72
CA ALA A 207 -27.17 -7.19 3.03
C ALA A 207 -27.53 -6.86 4.48
N ASN A 208 -26.66 -7.19 5.45
CA ASN A 208 -27.05 -7.00 6.87
C ASN A 208 -26.33 -5.81 7.52
N VAL A 209 -24.98 -5.81 7.52
CA VAL A 209 -24.24 -4.74 8.24
C VAL A 209 -24.50 -3.38 7.58
N ILE A 210 -24.41 -3.30 6.25
CA ILE A 210 -24.59 -1.99 5.54
C ILE A 210 -26.08 -1.81 5.24
N ARG A 211 -26.88 -2.87 5.44
CA ARG A 211 -28.36 -2.79 5.22
C ARG A 211 -28.69 -2.34 3.80
N LYS A 212 -27.95 -2.81 2.79
CA LYS A 212 -28.29 -2.49 1.38
C LYS A 212 -29.57 -3.24 1.01
N GLU A 213 -30.40 -2.67 0.13
CA GLU A 213 -31.69 -3.31 -0.23
C GLU A 213 -31.43 -4.66 -0.90
N LEU A 214 -32.22 -5.67 -0.54
CA LEU A 214 -32.05 -7.04 -1.11
C LEU A 214 -32.30 -7.00 -2.62
N GLU A 215 -33.30 -6.22 -3.06
CA GLU A 215 -33.66 -6.18 -4.50
C GLU A 215 -32.46 -5.68 -5.31
N GLN A 216 -31.75 -4.67 -4.80
CA GLN A 216 -30.57 -4.10 -5.51
C GLN A 216 -29.49 -5.18 -5.65
N ILE A 217 -29.28 -5.98 -4.59
CA ILE A 217 -28.27 -7.09 -4.66
C ILE A 217 -28.72 -8.08 -5.72
N PHE A 218 -29.98 -8.55 -5.65
CA PHE A 218 -30.48 -9.57 -6.61
C PHE A 218 -30.40 -9.03 -8.04
N CYS A 219 -30.62 -7.73 -8.23
CA CYS A 219 -30.60 -7.12 -9.59
C CYS A 219 -29.22 -7.29 -10.24
N GLN A 220 -28.14 -7.19 -9.45
CA GLN A 220 -26.77 -7.29 -10.01
C GLN A 220 -26.58 -8.64 -10.69
N PHE A 221 -27.08 -9.71 -10.10
CA PHE A 221 -26.86 -11.09 -10.61
C PHE A 221 -27.52 -11.34 -11.97
N ASP A 222 -28.43 -10.45 -12.38
CA ASP A 222 -29.13 -10.61 -13.67
C ASP A 222 -28.15 -10.37 -14.83
N SER A 223 -28.15 -11.25 -15.84
CA SER A 223 -27.21 -11.10 -16.99
C SER A 223 -27.54 -9.97 -17.96
N LYS A 224 -28.82 -9.79 -18.33
CA LYS A 224 -29.19 -8.78 -19.37
C LYS A 224 -28.92 -7.36 -18.86
N LEU A 225 -28.30 -7.24 -17.68
CA LEU A 225 -28.09 -5.94 -17.04
C LEU A 225 -27.20 -5.07 -17.92
N GLU A 226 -27.65 -3.83 -18.13
CA GLU A 226 -26.85 -2.80 -18.78
C GLU A 226 -26.48 -1.70 -17.78
N ALA A 227 -25.38 -1.01 -18.09
CA ALA A 227 -24.89 0.09 -17.22
C ALA A 227 -25.15 1.43 -17.92
N ALA A 228 -25.90 2.33 -17.26
CA ALA A 228 -26.21 3.66 -17.83
C ALA A 228 -24.94 4.50 -17.97
N ASP A 229 -24.02 4.38 -17.01
CA ASP A 229 -22.82 5.27 -17.00
C ASP A 229 -21.88 4.95 -18.16
N GLU A 230 -21.09 5.94 -18.58
CA GLU A 230 -20.08 5.70 -19.65
C GLU A 230 -18.92 4.94 -19.02
N GLY A 231 -18.94 4.78 -17.69
CA GLY A 231 -17.90 4.02 -17.00
C GLY A 231 -17.82 2.60 -17.52
N SER A 232 -16.61 2.04 -17.58
CA SER A 232 -16.46 0.62 -17.96
C SER A 232 -17.26 -0.21 -16.97
N GLY A 233 -17.29 0.21 -15.70
CA GLY A 233 -18.00 -0.55 -14.67
C GLY A 233 -17.07 -1.53 -13.98
N ASP A 234 -17.49 -2.09 -12.84
CA ASP A 234 -16.65 -3.09 -12.10
C ASP A 234 -17.59 -4.21 -11.61
N VAL A 235 -17.01 -5.27 -11.04
CA VAL A 235 -17.84 -6.43 -10.59
C VAL A 235 -18.53 -6.07 -9.27
N LYS A 236 -19.58 -6.79 -8.89
CA LYS A 236 -20.36 -6.45 -7.66
C LYS A 236 -19.45 -6.42 -6.44
N TYR A 237 -18.48 -7.35 -6.34
CA TYR A 237 -17.61 -7.42 -5.13
C TYR A 237 -16.57 -6.31 -5.08
N HIS A 238 -16.69 -5.25 -5.87
CA HIS A 238 -15.66 -4.20 -5.91
C HIS A 238 -16.34 -2.84 -5.87
N LEU A 239 -17.62 -2.82 -5.51
CA LEU A 239 -18.39 -1.55 -5.50
C LEU A 239 -18.58 -1.10 -4.05
N GLY A 240 -18.62 0.21 -3.82
CA GLY A 240 -18.78 0.75 -2.47
C GLY A 240 -20.21 1.06 -2.14
N MET A 241 -20.52 1.30 -0.88
CA MET A 241 -21.92 1.58 -0.44
C MET A 241 -21.92 2.53 0.77
N TYR A 242 -22.72 3.59 0.71
CA TYR A 242 -22.83 4.56 1.84
C TYR A 242 -24.28 4.57 2.34
N HIS A 243 -24.49 4.59 3.66
CA HIS A 243 -25.86 4.52 4.19
C HIS A 243 -25.91 5.04 5.63
N ARG A 244 -26.96 5.76 6.02
CA ARG A 244 -27.12 6.31 7.38
C ARG A 244 -28.42 5.79 7.96
N ARG A 245 -28.44 5.33 9.21
CA ARG A 245 -29.67 4.73 9.72
C ARG A 245 -29.70 4.83 11.23
N ILE A 246 -30.88 4.74 11.82
CA ILE A 246 -30.99 4.76 13.30
C ILE A 246 -30.56 3.40 13.83
N ASN A 247 -29.67 3.36 14.81
CA ASN A 247 -29.28 2.08 15.46
C ASN A 247 -30.43 1.59 16.34
N ARG A 248 -30.62 0.27 16.42
CA ARG A 248 -31.67 -0.30 17.30
C ARG A 248 -31.24 -0.10 18.76
N VAL A 249 -30.01 -0.50 19.10
CA VAL A 249 -29.53 -0.39 20.51
C VAL A 249 -29.48 1.08 20.94
N THR A 250 -28.99 1.97 20.07
CA THR A 250 -28.86 3.41 20.45
C THR A 250 -29.77 4.26 19.56
N ASP A 251 -30.59 5.12 20.17
CA ASP A 251 -31.54 5.96 19.40
C ASP A 251 -30.76 6.89 18.46
N ARG A 252 -29.50 7.18 18.82
CA ARG A 252 -28.64 8.10 18.02
C ARG A 252 -28.50 7.57 16.59
N ASN A 253 -28.57 8.46 15.59
CA ASN A 253 -28.34 8.03 14.20
C ASN A 253 -26.85 7.70 14.03
N ILE A 254 -26.54 6.67 13.21
CA ILE A 254 -25.11 6.36 12.92
C ILE A 254 -24.93 6.29 11.40
N THR A 255 -23.76 6.72 10.90
CA THR A 255 -23.55 6.76 9.42
C THR A 255 -22.47 5.74 9.05
N LEU A 256 -22.74 4.91 8.03
CA LEU A 256 -21.77 3.85 7.63
C LEU A 256 -21.25 4.11 6.22
N SER A 257 -20.06 3.59 5.90
CA SER A 257 -19.47 3.75 4.58
C SER A 257 -18.56 2.58 4.29
N LEU A 258 -18.69 2.03 3.09
CA LEU A 258 -17.85 0.93 2.62
C LEU A 258 -17.16 1.38 1.35
N VAL A 259 -15.83 1.28 1.32
CA VAL A 259 -15.00 1.84 0.28
C VAL A 259 -14.78 0.80 -0.81
N ALA A 260 -14.97 1.20 -2.06
CA ALA A 260 -14.70 0.32 -3.18
C ALA A 260 -13.20 0.07 -3.31
N ASN A 261 -12.84 -1.20 -3.50
CA ASN A 261 -11.44 -1.61 -3.60
C ASN A 261 -11.24 -2.51 -4.80
N PRO A 262 -10.00 -2.74 -5.30
CA PRO A 262 -9.77 -3.69 -6.39
C PRO A 262 -9.67 -5.14 -5.87
N SER A 263 -9.44 -6.11 -6.76
CA SER A 263 -9.23 -7.51 -6.33
C SER A 263 -7.94 -7.60 -5.51
N HIS A 264 -6.96 -6.74 -5.82
CA HIS A 264 -5.65 -6.80 -5.12
C HIS A 264 -5.91 -6.70 -3.61
N LEU A 265 -5.30 -7.60 -2.83
CA LEU A 265 -5.59 -7.65 -1.36
C LEU A 265 -4.78 -6.61 -0.60
N GLU A 266 -5.33 -6.11 0.52
CA GLU A 266 -4.59 -5.17 1.42
C GLU A 266 -4.22 -3.84 0.76
N ALA A 267 -4.56 -3.61 -0.51
CA ALA A 267 -4.11 -2.36 -1.09
C ALA A 267 -5.00 -1.18 -0.74
N ALA A 268 -6.15 -1.42 -0.12
CA ALA A 268 -7.07 -0.36 0.26
C ALA A 268 -6.97 0.03 1.72
N ASP A 269 -5.97 -0.47 2.44
CA ASP A 269 -5.79 -0.06 3.84
C ASP A 269 -5.39 1.41 3.96
N PRO A 270 -4.34 1.89 3.30
CA PRO A 270 -4.02 3.31 3.41
C PRO A 270 -5.11 4.23 2.89
N VAL A 271 -5.89 3.79 1.89
CA VAL A 271 -6.98 4.61 1.40
C VAL A 271 -8.03 4.82 2.49
N VAL A 272 -8.35 3.75 3.23
CA VAL A 272 -9.30 3.87 4.33
C VAL A 272 -8.74 4.77 5.43
N MET A 273 -7.45 4.61 5.74
CA MET A 273 -6.84 5.49 6.74
C MET A 273 -6.91 6.96 6.31
N GLY A 274 -6.60 7.24 5.05
CA GLY A 274 -6.64 8.62 4.59
C GLY A 274 -8.02 9.22 4.64
N LYS A 275 -9.03 8.44 4.22
CA LYS A 275 -10.39 8.94 4.29
C LYS A 275 -10.81 9.21 5.73
N THR A 276 -10.44 8.33 6.65
CA THR A 276 -10.75 8.57 8.05
C THR A 276 -10.10 9.85 8.56
N LYS A 277 -8.84 10.06 8.20
CA LYS A 277 -8.14 11.27 8.63
C LYS A 277 -8.81 12.52 8.10
N ALA A 278 -9.23 12.48 6.84
CA ALA A 278 -9.91 13.66 6.26
C ALA A 278 -11.23 13.94 6.97
N GLU A 279 -12.02 12.90 7.23
CA GLU A 279 -13.29 13.11 7.92
C GLU A 279 -13.07 13.64 9.34
N GLN A 280 -12.05 13.14 10.04
CA GLN A 280 -11.74 13.66 11.36
C GLN A 280 -11.32 15.12 11.29
N PHE A 281 -10.52 15.48 10.29
CA PHE A 281 -10.06 16.86 10.15
C PHE A 281 -11.22 17.81 9.90
N TYR A 282 -12.11 17.47 8.97
CA TYR A 282 -13.17 18.40 8.59
C TYR A 282 -14.18 18.59 9.71
N CYS A 283 -14.45 17.55 10.48
CA CYS A 283 -15.38 17.70 11.60
C CYS A 283 -14.76 18.38 12.78
N GLY A 284 -13.56 18.93 12.68
CA GLY A 284 -12.93 19.58 13.82
C GLY A 284 -12.68 18.64 14.99
N ASP A 285 -12.24 17.42 14.71
CA ASP A 285 -12.03 16.41 15.72
C ASP A 285 -10.54 16.30 16.01
N THR A 286 -10.15 16.52 17.26
CA THR A 286 -8.74 16.59 17.59
C THR A 286 -8.16 15.24 18.00
N GLU A 287 -9.00 14.33 18.51
CA GLU A 287 -8.54 12.99 18.86
C GLU A 287 -9.46 11.93 18.28
N GLY A 288 -10.09 12.21 17.14
CA GLY A 288 -10.78 11.18 16.39
C GLY A 288 -11.83 10.46 17.20
N LYS A 289 -12.51 11.16 18.11
CA LYS A 289 -13.44 10.45 19.04
C LYS A 289 -14.76 10.12 18.33
N LYS A 290 -15.17 10.88 17.31
CA LYS A 290 -16.48 10.67 16.66
C LYS A 290 -16.35 9.99 15.31
N VAL A 291 -15.14 9.67 14.85
CA VAL A 291 -14.94 8.94 13.62
C VAL A 291 -14.06 7.74 13.90
N MET A 292 -14.45 6.59 13.36
CA MET A 292 -13.76 5.34 13.64
C MET A 292 -13.51 4.60 12.33
N SER A 293 -12.50 3.74 12.32
CA SER A 293 -12.17 2.93 11.17
C SER A 293 -12.17 1.45 11.56
N ILE A 294 -12.62 0.59 10.64
CA ILE A 294 -12.59 -0.85 10.83
C ILE A 294 -12.06 -1.49 9.55
N LEU A 295 -11.19 -2.48 9.69
CA LEU A 295 -10.60 -3.15 8.55
C LEU A 295 -10.73 -4.67 8.71
N LEU A 296 -10.99 -5.34 7.59
CA LEU A 296 -11.09 -6.80 7.56
C LEU A 296 -9.97 -7.37 6.69
N HIS A 297 -9.38 -8.46 7.16
CA HIS A 297 -8.25 -9.08 6.49
C HIS A 297 -8.46 -10.59 6.41
N GLY A 298 -7.68 -11.23 5.55
CA GLY A 298 -7.56 -12.67 5.53
C GLY A 298 -6.20 -13.09 6.04
N ASP A 299 -6.11 -14.31 6.57
CA ASP A 299 -4.89 -14.72 7.26
C ASP A 299 -3.70 -14.81 6.31
N ALA A 300 -3.91 -15.30 5.09
CA ALA A 300 -2.78 -15.47 4.18
C ALA A 300 -2.27 -14.14 3.66
N ALA A 301 -3.16 -13.20 3.39
CA ALA A 301 -2.74 -11.90 2.88
C ALA A 301 -2.19 -11.01 3.99
N PHE A 302 -2.72 -11.12 5.20
CA PHE A 302 -2.28 -10.28 6.31
C PHE A 302 -0.84 -10.57 6.72
N ALA A 303 -0.30 -11.73 6.35
CA ALA A 303 1.02 -12.13 6.80
C ALA A 303 2.02 -12.26 5.64
N GLY A 304 1.69 -11.74 4.47
CA GLY A 304 2.58 -11.88 3.35
C GLY A 304 2.74 -10.66 2.48
N GLN A 305 1.95 -9.61 2.75
CA GLN A 305 2.00 -8.39 1.96
C GLN A 305 2.78 -7.32 2.71
N GLY A 306 3.55 -6.54 1.96
CA GLY A 306 4.41 -5.55 2.58
C GLY A 306 3.68 -4.32 3.06
N ILE A 307 2.59 -3.95 2.39
CA ILE A 307 1.89 -2.71 2.70
C ILE A 307 1.27 -2.75 4.09
N VAL A 308 1.04 -3.93 4.65
CA VAL A 308 0.54 -4.03 6.02
C VAL A 308 1.56 -3.41 6.98
N TYR A 309 2.83 -3.72 6.79
CA TYR A 309 3.89 -3.17 7.62
C TYR A 309 3.90 -1.64 7.55
N GLU A 310 3.85 -1.09 6.34
CA GLU A 310 3.89 0.35 6.17
C GLU A 310 2.68 1.03 6.78
N THR A 311 1.50 0.44 6.63
CA THR A 311 0.31 1.02 7.23
C THR A 311 0.42 1.02 8.76
N PHE A 312 0.87 -0.09 9.34
CA PHE A 312 1.01 -0.13 10.79
C PHE A 312 2.01 0.89 11.27
N HIS A 313 3.06 1.16 10.49
CA HIS A 313 4.00 2.20 10.89
C HIS A 313 3.39 3.59 10.76
N LEU A 314 2.60 3.84 9.73
CA LEU A 314 1.90 5.11 9.59
C LEU A 314 0.90 5.35 10.71
N SER A 315 0.46 4.29 11.39
CA SER A 315 -0.65 4.41 12.34
C SER A 315 -0.40 5.40 13.46
N ASP A 316 0.84 5.74 13.77
CA ASP A 316 1.13 6.48 15.01
C ASP A 316 1.84 7.80 14.75
N LEU A 317 2.46 8.00 13.60
CA LEU A 317 3.12 9.26 13.30
C LEU A 317 2.15 10.42 13.42
N PRO A 318 2.53 11.52 14.05
CA PRO A 318 1.67 12.72 14.02
C PRO A 318 1.49 13.21 12.60
N SER A 319 0.33 13.79 12.34
CA SER A 319 -0.13 14.23 11.02
C SER A 319 -0.52 13.06 10.12
N TYR A 320 -0.39 11.83 10.60
CA TYR A 320 -0.93 10.66 9.92
C TYR A 320 -1.78 9.79 10.82
N THR A 321 -1.71 9.96 12.14
CA THR A 321 -2.45 9.10 13.05
C THR A 321 -3.93 9.41 13.03
N THR A 322 -4.74 8.36 13.10
CA THR A 322 -6.19 8.51 13.19
C THR A 322 -6.72 8.09 14.56
N HIS A 323 -5.84 7.90 15.53
CA HIS A 323 -6.20 7.69 16.93
C HIS A 323 -6.95 6.38 17.16
N GLY A 324 -6.55 5.32 16.48
CA GLY A 324 -7.10 4.01 16.78
C GLY A 324 -7.83 3.33 15.63
N THR A 325 -7.53 2.05 15.44
CA THR A 325 -8.20 1.23 14.45
C THR A 325 -8.46 -0.14 15.04
N VAL A 326 -9.56 -0.75 14.61
CA VAL A 326 -9.91 -2.12 14.98
C VAL A 326 -9.71 -2.99 13.75
N HIS A 327 -8.74 -3.90 13.83
CA HIS A 327 -8.49 -4.85 12.76
C HIS A 327 -9.16 -6.16 13.11
N VAL A 328 -9.81 -6.78 12.12
CA VAL A 328 -10.45 -8.07 12.29
C VAL A 328 -9.86 -9.01 11.25
N VAL A 329 -9.26 -10.10 11.71
CA VAL A 329 -8.63 -11.08 10.83
C VAL A 329 -9.47 -12.35 10.85
N VAL A 330 -9.76 -12.87 9.66
CA VAL A 330 -10.55 -14.09 9.49
C VAL A 330 -9.55 -15.20 9.22
N ASN A 331 -9.12 -15.89 10.28
CA ASN A 331 -8.12 -16.94 10.18
C ASN A 331 -8.82 -18.26 9.93
N ASN A 332 -9.02 -18.61 8.66
CA ASN A 332 -9.60 -19.89 8.31
C ASN A 332 -8.56 -20.94 7.97
N GLN A 333 -7.30 -20.68 8.27
CA GLN A 333 -6.22 -21.67 8.24
C GLN A 333 -5.94 -22.19 6.84
N ILE A 334 -6.23 -21.40 5.81
CA ILE A 334 -5.92 -21.80 4.45
C ILE A 334 -5.87 -20.56 3.58
N GLY A 335 -5.00 -20.59 2.57
CA GLY A 335 -4.93 -19.55 1.58
C GLY A 335 -5.80 -19.89 0.39
N PHE A 336 -5.21 -19.97 -0.80
CA PHE A 336 -5.96 -20.43 -1.97
C PHE A 336 -6.00 -21.95 -2.02
N THR A 337 -4.83 -22.57 -2.13
CA THR A 337 -4.65 -24.01 -1.93
C THR A 337 -3.39 -24.27 -1.12
N THR A 338 -2.91 -23.26 -0.40
CA THR A 338 -1.61 -23.32 0.25
C THR A 338 -1.75 -23.62 1.73
N ASP A 339 -1.01 -24.62 2.18
CA ASP A 339 -0.97 -24.96 3.59
C ASP A 339 -0.43 -23.78 4.39
N PRO A 340 -1.01 -23.45 5.55
CA PRO A 340 -0.50 -22.32 6.33
C PRO A 340 0.92 -22.51 6.81
N ARG A 341 1.47 -23.72 6.74
CA ARG A 341 2.83 -23.93 7.19
C ARG A 341 3.85 -23.32 6.24
N MET A 342 3.53 -23.26 4.94
CA MET A 342 4.38 -22.66 3.94
C MET A 342 3.94 -21.26 3.55
N ALA A 343 3.30 -20.53 4.46
CA ALA A 343 2.84 -19.19 4.17
C ALA A 343 3.45 -18.12 5.07
N ARG A 344 4.05 -18.50 6.20
CA ARG A 344 4.57 -17.51 7.13
C ARG A 344 5.64 -18.18 7.98
N SER A 345 6.44 -17.33 8.63
CA SER A 345 7.55 -17.76 9.47
C SER A 345 7.31 -17.46 10.94
N SER A 346 6.07 -17.21 11.32
CA SER A 346 5.71 -16.82 12.67
C SER A 346 4.57 -17.71 13.16
N PRO A 347 4.41 -17.86 14.48
CA PRO A 347 3.36 -18.75 14.99
C PRO A 347 1.96 -18.37 14.53
N TYR A 348 1.65 -17.08 14.47
CA TYR A 348 0.32 -16.62 14.12
C TYR A 348 0.40 -15.66 12.95
N PRO A 349 -0.67 -15.55 12.15
CA PRO A 349 -0.67 -14.53 11.08
C PRO A 349 -0.63 -13.12 11.63
N THR A 350 -1.09 -12.91 12.86
CA THR A 350 -1.19 -11.59 13.46
C THR A 350 -0.01 -11.35 14.38
N ASP A 351 1.18 -11.26 13.80
CA ASP A 351 2.37 -10.89 14.55
C ASP A 351 3.00 -9.60 14.12
N VAL A 352 2.57 -9.00 13.01
CA VAL A 352 3.02 -7.64 12.71
C VAL A 352 2.48 -6.69 13.76
N ALA A 353 1.33 -7.01 14.35
CA ALA A 353 0.75 -6.16 15.38
C ALA A 353 1.64 -6.02 16.59
N ARG A 354 2.62 -6.92 16.75
CA ARG A 354 3.54 -6.85 17.88
C ARG A 354 4.62 -5.81 17.70
N VAL A 355 4.79 -5.24 16.50
CA VAL A 355 5.84 -4.24 16.32
C VAL A 355 5.41 -2.86 16.78
N VAL A 356 4.11 -2.65 17.00
CA VAL A 356 3.60 -1.37 17.48
C VAL A 356 2.90 -1.51 18.83
N ASN A 357 3.05 -2.65 19.49
CA ASN A 357 2.53 -2.89 20.83
C ASN A 357 1.00 -2.75 20.87
N ALA A 358 0.34 -3.60 20.10
CA ALA A 358 -1.12 -3.67 20.07
C ALA A 358 -1.55 -5.03 20.58
N PRO A 359 -2.43 -5.12 21.57
CA PRO A 359 -2.82 -6.43 22.10
C PRO A 359 -3.60 -7.23 21.07
N ILE A 360 -3.55 -8.55 21.21
CA ILE A 360 -4.24 -9.44 20.27
C ILE A 360 -5.11 -10.40 21.05
N PHE A 361 -6.34 -10.58 20.60
CA PHE A 361 -7.27 -11.54 21.18
C PHE A 361 -7.68 -12.54 20.12
N HIS A 362 -7.23 -13.78 20.26
CA HIS A 362 -7.70 -14.88 19.44
C HIS A 362 -8.91 -15.51 20.12
N VAL A 363 -9.93 -15.82 19.33
CA VAL A 363 -11.14 -16.43 19.87
C VAL A 363 -11.59 -17.54 18.94
N ASN A 364 -12.03 -18.65 19.52
CA ASN A 364 -12.56 -19.76 18.76
C ASN A 364 -13.94 -19.41 18.24
N SER A 365 -14.07 -19.27 16.93
CA SER A 365 -15.32 -18.79 16.36
C SER A 365 -16.41 -19.80 16.38
N ASP A 366 -16.24 -20.93 17.05
CA ASP A 366 -17.30 -21.91 17.20
C ASP A 366 -18.11 -21.70 18.47
N ASP A 367 -17.71 -20.74 19.31
CA ASP A 367 -18.45 -20.35 20.50
C ASP A 367 -18.83 -18.88 20.38
N PRO A 368 -20.04 -18.56 19.94
CA PRO A 368 -20.37 -17.15 19.66
C PRO A 368 -20.36 -16.25 20.89
N GLU A 369 -20.69 -16.80 22.06
CA GLU A 369 -20.82 -15.98 23.25
C GLU A 369 -19.49 -15.48 23.79
N ALA A 370 -18.38 -16.05 23.34
CA ALA A 370 -17.07 -15.45 23.61
C ALA A 370 -16.66 -14.47 22.54
N VAL A 371 -17.09 -14.69 21.30
CA VAL A 371 -16.82 -13.74 20.24
C VAL A 371 -17.46 -12.39 20.57
N MET A 372 -18.68 -12.42 21.07
CA MET A 372 -19.36 -11.17 21.42
C MET A 372 -18.59 -10.41 22.49
N TYR A 373 -18.13 -11.11 23.52
CA TYR A 373 -17.41 -10.45 24.60
C TYR A 373 -16.09 -9.87 24.11
N VAL A 374 -15.37 -10.62 23.27
CA VAL A 374 -14.09 -10.11 22.76
C VAL A 374 -14.31 -8.86 21.92
N CYS A 375 -15.35 -8.86 21.08
CA CYS A 375 -15.62 -7.68 20.27
C CYS A 375 -15.98 -6.48 21.13
N LYS A 376 -16.78 -6.70 22.17
CA LYS A 376 -17.12 -5.62 23.09
C LYS A 376 -15.89 -5.06 23.77
N VAL A 377 -14.99 -5.93 24.23
CA VAL A 377 -13.79 -5.47 24.92
C VAL A 377 -12.90 -4.67 23.98
N ALA A 378 -12.75 -5.12 22.73
CA ALA A 378 -11.94 -4.37 21.78
C ALA A 378 -12.53 -3.00 21.51
N ALA A 379 -13.85 -2.92 21.37
CA ALA A 379 -14.49 -1.62 21.15
C ALA A 379 -14.28 -0.69 22.33
N GLU A 380 -14.33 -1.22 23.55
CA GLU A 380 -14.03 -0.37 24.71
C GLU A 380 -12.57 0.07 24.75
N TRP A 381 -11.65 -0.82 24.38
CA TRP A 381 -10.23 -0.46 24.41
C TRP A 381 -9.94 0.69 23.47
N ARG A 382 -10.50 0.65 22.26
CA ARG A 382 -10.22 1.71 21.30
C ARG A 382 -10.66 3.07 21.84
N SER A 383 -11.78 3.12 22.54
CA SER A 383 -12.24 4.38 23.09
C SER A 383 -11.43 4.80 24.30
N THR A 384 -11.00 3.86 25.14
CA THR A 384 -10.31 4.24 26.34
C THR A 384 -8.88 4.71 26.07
N PHE A 385 -8.15 4.01 25.20
CA PHE A 385 -6.73 4.28 25.04
C PHE A 385 -6.35 4.86 23.69
N HIS A 386 -7.25 4.83 22.71
CA HIS A 386 -6.98 5.38 21.38
C HIS A 386 -5.74 4.75 20.76
N LYS A 387 -5.72 3.43 20.71
CA LYS A 387 -4.66 2.64 20.11
C LYS A 387 -5.28 1.65 19.14
N ASP A 388 -4.44 0.94 18.39
CA ASP A 388 -4.92 -0.11 17.51
C ASP A 388 -5.25 -1.35 18.35
N VAL A 389 -6.11 -2.22 17.80
CA VAL A 389 -6.38 -3.50 18.44
C VAL A 389 -6.74 -4.49 17.35
N VAL A 390 -6.33 -5.74 17.53
CA VAL A 390 -6.52 -6.78 16.53
C VAL A 390 -7.35 -7.89 17.14
N VAL A 391 -8.34 -8.38 16.40
CA VAL A 391 -9.20 -9.47 16.81
C VAL A 391 -9.09 -10.57 15.76
N ASP A 392 -8.71 -11.76 16.21
CA ASP A 392 -8.46 -12.91 15.33
C ASP A 392 -9.58 -13.93 15.51
N LEU A 393 -10.30 -14.23 14.44
CA LEU A 393 -11.39 -15.20 14.47
C LEU A 393 -10.90 -16.48 13.81
N VAL A 394 -10.70 -17.52 14.62
CA VAL A 394 -10.26 -18.81 14.10
C VAL A 394 -11.48 -19.61 13.66
N CYS A 395 -11.52 -19.97 12.39
CA CYS A 395 -12.68 -20.64 11.82
C CYS A 395 -12.19 -21.61 10.77
N TYR A 396 -13.08 -22.04 9.87
CA TYR A 396 -12.71 -22.91 8.78
C TYR A 396 -13.49 -22.50 7.53
N ARG A 397 -13.09 -23.06 6.41
CA ARG A 397 -13.70 -22.78 5.11
C ARG A 397 -14.47 -24.02 4.67
N ARG A 398 -15.79 -23.92 4.63
CA ARG A 398 -16.60 -25.11 4.39
C ARG A 398 -16.52 -25.57 2.94
N ASN A 399 -16.55 -24.65 1.99
CA ASN A 399 -16.51 -24.99 0.59
C ASN A 399 -15.07 -24.84 0.07
N GLY A 400 -14.92 -24.88 -1.26
CA GLY A 400 -13.59 -24.65 -1.84
C GLY A 400 -13.38 -23.16 -2.00
N HIS A 401 -12.24 -22.74 -2.56
CA HIS A 401 -11.97 -21.28 -2.64
C HIS A 401 -13.05 -20.64 -3.51
N ASN A 402 -13.42 -21.30 -4.61
CA ASN A 402 -14.52 -20.79 -5.48
C ASN A 402 -15.75 -21.69 -5.27
N GLU A 403 -16.94 -21.19 -5.61
CA GLU A 403 -18.16 -22.03 -5.50
C GLU A 403 -18.01 -23.24 -6.43
N MET A 404 -17.46 -23.04 -7.63
CA MET A 404 -17.19 -24.17 -8.55
C MET A 404 -15.73 -24.59 -8.35
N ASP A 405 -15.45 -25.35 -7.29
CA ASP A 405 -14.03 -25.71 -6.97
C ASP A 405 -13.98 -27.07 -6.29
N GLU A 406 -12.85 -27.77 -6.41
CA GLU A 406 -12.67 -29.07 -5.75
C GLU A 406 -11.53 -29.00 -4.73
N PRO A 407 -11.83 -28.90 -3.43
CA PRO A 407 -10.76 -28.79 -2.45
C PRO A 407 -10.11 -30.11 -2.05
N MET A 408 -10.68 -31.26 -2.43
CA MET A 408 -10.10 -32.54 -2.08
C MET A 408 -8.82 -32.88 -2.83
N PHE A 409 -8.45 -32.11 -3.85
CA PHE A 409 -7.23 -32.45 -4.58
C PHE A 409 -5.99 -32.24 -3.74
N THR A 410 -6.02 -31.27 -2.82
CA THR A 410 -4.83 -30.89 -2.07
C THR A 410 -4.96 -31.01 -0.57
N GLN A 411 -6.17 -30.94 -0.01
CA GLN A 411 -6.39 -31.09 1.43
C GLN A 411 -7.45 -32.15 1.66
N PRO A 412 -7.10 -33.42 1.55
CA PRO A 412 -8.10 -34.47 1.67
C PRO A 412 -8.62 -34.68 3.09
N LEU A 413 -7.71 -34.75 4.05
CA LEU A 413 -8.12 -35.14 5.40
C LEU A 413 -8.76 -33.98 6.15
N MET A 414 -8.32 -32.76 5.87
CA MET A 414 -8.97 -31.60 6.46
C MET A 414 -10.44 -31.55 6.07
N TYR A 415 -10.75 -31.81 4.82
CA TYR A 415 -12.13 -31.77 4.39
C TYR A 415 -12.91 -33.02 4.72
N LYS A 416 -12.25 -34.17 4.86
CA LYS A 416 -12.90 -35.32 5.46
C LYS A 416 -13.35 -35.01 6.88
N GLN A 417 -12.52 -34.31 7.64
CA GLN A 417 -12.91 -33.88 8.97
C GLN A 417 -14.01 -32.82 8.90
N ILE A 418 -13.95 -31.92 7.93
CA ILE A 418 -14.93 -30.84 7.84
C ILE A 418 -16.32 -31.40 7.61
N ARG A 419 -16.49 -32.32 6.67
CA ARG A 419 -17.84 -32.79 6.42
C ARG A 419 -18.41 -33.67 7.51
N LYS A 420 -17.77 -33.76 8.67
CA LYS A 420 -18.37 -34.44 9.82
C LYS A 420 -18.72 -33.49 10.94
N GLN A 421 -18.81 -32.20 10.68
CA GLN A 421 -18.98 -31.21 11.75
C GLN A 421 -20.21 -30.34 11.50
N LYS A 422 -20.94 -30.07 12.59
CA LYS A 422 -22.21 -29.34 12.58
C LYS A 422 -21.97 -27.85 12.42
N PRO A 423 -22.88 -27.14 11.74
CA PRO A 423 -22.78 -25.68 11.69
C PRO A 423 -23.06 -25.06 13.05
N VAL A 424 -22.55 -23.83 13.22
CA VAL A 424 -22.63 -23.16 14.52
C VAL A 424 -24.07 -22.83 14.89
N LEU A 425 -24.89 -22.50 13.88
CA LEU A 425 -26.27 -22.11 14.16
C LEU A 425 -27.04 -23.25 14.82
N GLN A 426 -26.85 -24.47 14.35
CA GLN A 426 -27.51 -25.62 14.95
C GLN A 426 -27.15 -25.72 16.42
N LYS A 427 -25.88 -25.98 16.72
CA LYS A 427 -25.48 -26.24 18.10
C LYS A 427 -25.86 -25.09 19.02
N TYR A 428 -25.82 -23.85 18.52
CA TYR A 428 -26.30 -22.74 19.35
C TYR A 428 -27.79 -22.87 19.61
N ALA A 429 -28.56 -23.28 18.61
CA ALA A 429 -30.00 -23.44 18.79
C ALA A 429 -30.31 -24.52 19.83
N GLU A 430 -29.64 -25.67 19.74
CA GLU A 430 -29.89 -26.69 20.76
C GLU A 430 -29.43 -26.23 22.14
N LEU A 431 -28.32 -25.51 22.24
CA LEU A 431 -27.90 -25.01 23.56
C LEU A 431 -28.95 -24.08 24.16
N LEU A 432 -29.47 -23.17 23.33
CA LEU A 432 -30.50 -22.24 23.82
C LEU A 432 -31.76 -22.99 24.22
N VAL A 433 -32.18 -23.97 23.42
CA VAL A 433 -33.39 -24.72 23.75
C VAL A 433 -33.20 -25.49 25.05
N SER A 434 -32.03 -26.11 25.22
CA SER A 434 -31.75 -26.82 26.46
C SER A 434 -31.79 -25.90 27.67
N GLN A 435 -31.23 -24.70 27.55
CA GLN A 435 -31.25 -23.78 28.67
C GLN A 435 -32.65 -23.24 28.96
N GLY A 436 -33.57 -23.34 28.01
CA GLY A 436 -34.91 -22.81 28.16
C GLY A 436 -35.07 -21.36 27.76
N VAL A 437 -34.03 -20.74 27.21
CA VAL A 437 -34.12 -19.35 26.78
C VAL A 437 -35.13 -19.20 25.66
N VAL A 438 -35.11 -20.10 24.68
CA VAL A 438 -36.01 -20.04 23.54
C VAL A 438 -36.64 -21.42 23.39
N ASN A 439 -37.76 -21.47 22.65
CA ASN A 439 -38.43 -22.77 22.36
C ASN A 439 -38.11 -23.17 20.91
N GLN A 440 -38.18 -24.47 20.60
CA GLN A 440 -37.89 -24.96 19.23
C GLN A 440 -38.88 -24.39 18.18
N PRO A 441 -40.21 -24.29 18.42
CA PRO A 441 -41.11 -23.70 17.43
C PRO A 441 -40.78 -22.24 17.11
N GLU A 442 -40.40 -21.45 18.11
CA GLU A 442 -40.02 -20.02 17.88
C GLU A 442 -38.80 -19.97 16.95
N TYR A 443 -37.83 -20.85 17.17
CA TYR A 443 -36.64 -20.91 16.28
C TYR A 443 -37.08 -21.30 14.86
N GLU A 444 -38.01 -22.26 14.75
CA GLU A 444 -38.48 -22.72 13.43
C GLU A 444 -39.22 -21.60 12.69
N GLU A 445 -40.08 -20.83 13.37
CA GLU A 445 -40.89 -19.79 12.68
C GLU A 445 -40.01 -18.68 12.10
N GLU A 446 -38.95 -18.27 12.80
CA GLU A 446 -38.11 -17.14 12.32
C GLU A 446 -37.46 -17.50 10.98
N ILE A 447 -37.07 -18.77 10.80
CA ILE A 447 -36.38 -19.21 9.54
C ILE A 447 -37.32 -19.00 8.35
N SER A 448 -38.60 -19.38 8.49
CA SER A 448 -39.58 -19.25 7.37
C SER A 448 -39.93 -17.78 7.17
N LYS A 449 -39.95 -16.99 8.25
CA LYS A 449 -40.22 -15.56 8.18
C LYS A 449 -39.19 -14.85 7.30
N TYR A 450 -37.90 -15.10 7.56
CA TYR A 450 -36.83 -14.45 6.77
C TYR A 450 -36.92 -14.90 5.31
N ASP A 451 -37.35 -16.15 5.10
CA ASP A 451 -37.50 -16.69 3.73
C ASP A 451 -38.62 -15.99 2.96
N LYS A 452 -39.71 -15.59 3.62
CA LYS A 452 -40.74 -14.81 2.89
C LYS A 452 -40.12 -13.51 2.38
N ILE A 453 -39.39 -12.79 3.23
CA ILE A 453 -38.78 -11.49 2.84
C ILE A 453 -37.84 -11.72 1.67
N CYS A 454 -37.07 -12.80 1.70
CA CYS A 454 -36.09 -13.09 0.62
C CYS A 454 -36.82 -13.39 -0.68
N GLU A 455 -37.96 -14.10 -0.61
CA GLU A 455 -38.70 -14.49 -1.83
C GLU A 455 -39.40 -13.26 -2.43
N GLU A 456 -39.92 -12.38 -1.58
CA GLU A 456 -40.63 -11.17 -2.06
C GLU A 456 -39.66 -10.28 -2.84
N ALA A 457 -38.52 -9.93 -2.23
CA ALA A 457 -37.53 -9.04 -2.88
C ALA A 457 -37.05 -9.66 -4.20
N PHE A 458 -36.95 -10.99 -4.26
CA PHE A 458 -36.47 -11.69 -5.48
C PHE A 458 -37.49 -11.51 -6.63
N ALA A 459 -38.78 -11.53 -6.32
CA ALA A 459 -39.82 -11.39 -7.37
C ALA A 459 -39.83 -9.96 -7.90
N ARG A 460 -39.72 -8.97 -7.01
CA ARG A 460 -39.73 -7.53 -7.41
C ARG A 460 -38.54 -7.31 -8.32
N SER A 461 -37.43 -7.95 -8.00
CA SER A 461 -36.20 -7.78 -8.80
C SER A 461 -36.47 -8.26 -10.21
N LYS A 462 -37.23 -9.37 -10.35
CA LYS A 462 -37.50 -9.94 -11.70
C LYS A 462 -38.55 -9.09 -12.41
N ASP A 463 -39.34 -8.31 -11.66
CA ASP A 463 -40.38 -7.43 -12.26
C ASP A 463 -39.71 -6.22 -12.91
N MET A 490 -19.60 24.48 -20.52
CA MET A 490 -18.64 24.67 -19.45
C MET A 490 -17.56 25.65 -19.86
N SER A 491 -17.08 26.43 -18.90
CA SER A 491 -16.02 27.39 -19.14
C SER A 491 -15.21 27.55 -17.87
N CYS A 492 -14.00 28.08 -18.01
CA CYS A 492 -13.11 28.29 -16.88
C CYS A 492 -12.78 29.78 -16.74
N PRO A 493 -12.97 30.36 -15.57
CA PRO A 493 -12.58 31.76 -15.37
C PRO A 493 -11.07 31.93 -15.47
N SER A 494 -10.66 33.15 -15.81
CA SER A 494 -9.25 33.46 -15.88
C SER A 494 -8.62 33.31 -14.49
N THR A 495 -7.38 32.84 -14.46
CA THR A 495 -6.71 32.54 -13.20
C THR A 495 -5.76 33.64 -12.74
N GLY A 496 -5.75 34.78 -13.42
CA GLY A 496 -4.86 35.86 -13.04
C GLY A 496 -5.31 36.56 -11.76
N LEU A 497 -4.38 37.33 -11.18
CA LEU A 497 -4.63 38.06 -9.96
C LEU A 497 -4.15 39.50 -10.11
N THR A 498 -4.77 40.38 -9.32
CA THR A 498 -4.35 41.77 -9.28
C THR A 498 -3.01 41.92 -8.57
N GLU A 499 -2.32 43.02 -8.86
CA GLU A 499 -0.90 43.11 -8.54
C GLU A 499 -0.64 43.21 -7.06
N ASP A 500 -1.52 43.89 -6.32
CA ASP A 500 -1.25 44.15 -4.91
C ASP A 500 -1.25 42.85 -4.11
N ILE A 501 -2.09 41.89 -4.50
CA ILE A 501 -2.07 40.58 -3.86
C ILE A 501 -0.71 39.92 -4.07
N LEU A 502 -0.19 39.98 -5.30
CA LEU A 502 1.11 39.37 -5.58
C LEU A 502 2.21 40.04 -4.77
N THR A 503 2.19 41.37 -4.69
CA THR A 503 3.22 42.07 -3.92
C THR A 503 3.15 41.72 -2.44
N HIS A 504 1.93 41.65 -1.89
CA HIS A 504 1.79 41.30 -0.48
C HIS A 504 2.31 39.89 -0.22
N ILE A 505 1.97 38.94 -1.10
CA ILE A 505 2.45 37.57 -0.92
C ILE A 505 3.97 37.51 -1.00
N GLY A 506 4.55 38.22 -1.97
CA GLY A 506 6.00 38.20 -2.09
C GLY A 506 6.70 38.80 -0.88
N ASN A 507 6.16 39.91 -0.37
CA ASN A 507 6.77 40.54 0.79
C ASN A 507 6.71 39.64 2.01
N VAL A 508 5.59 38.92 2.17
CA VAL A 508 5.42 38.04 3.36
C VAL A 508 6.45 36.89 3.28
N ALA A 509 6.55 36.23 2.13
CA ALA A 509 7.46 35.07 2.02
C ALA A 509 8.92 35.49 2.24
N SER A 510 9.34 36.61 1.64
CA SER A 510 10.74 37.09 1.78
C SER A 510 11.03 37.48 3.23
N SER A 511 10.08 38.16 3.89
CA SER A 511 10.30 38.64 5.29
C SER A 511 10.16 37.49 6.29
N VAL A 512 10.74 37.63 7.47
CA VAL A 512 10.58 36.61 8.55
C VAL A 512 9.61 37.18 9.60
N PRO A 513 8.43 36.57 9.91
CA PRO A 513 7.47 37.20 10.83
C PRO A 513 8.00 37.47 12.25
N VAL A 514 8.98 36.68 12.71
CA VAL A 514 9.48 36.82 14.11
C VAL A 514 10.85 37.51 14.11
N GLU A 515 10.94 38.71 14.69
CA GLU A 515 12.25 39.42 14.80
C GLU A 515 13.19 38.60 15.70
N ASN A 516 12.65 38.00 16.76
CA ASN A 516 13.48 37.21 17.73
C ASN A 516 14.10 36.02 17.00
N PHE A 517 13.37 35.41 16.06
CA PHE A 517 13.87 34.21 15.35
C PHE A 517 15.18 34.56 14.63
N THR A 518 16.17 33.67 14.70
CA THR A 518 17.46 33.90 13.99
C THR A 518 17.51 32.97 12.78
N ILE A 519 17.90 33.51 11.61
CA ILE A 519 17.88 32.71 10.36
C ILE A 519 19.32 32.45 9.90
N HIS A 520 19.65 31.21 9.54
CA HIS A 520 21.01 30.85 9.04
C HIS A 520 21.47 31.89 8.01
N GLY A 521 22.75 32.27 8.04
CA GLY A 521 23.24 33.33 7.12
C GLY A 521 22.99 32.98 5.67
N GLY A 522 23.22 31.73 5.27
CA GLY A 522 22.91 31.30 3.89
C GLY A 522 21.43 31.41 3.61
N LEU A 523 20.59 30.99 4.55
CA LEU A 523 19.11 31.10 4.39
C LEU A 523 18.72 32.58 4.32
N SER A 524 19.38 33.43 5.12
CA SER A 524 19.08 34.90 5.11
C SER A 524 19.41 35.46 3.72
N ARG A 525 20.50 35.01 3.10
CA ARG A 525 20.85 35.47 1.74
C ARG A 525 19.76 35.04 0.76
N ILE A 526 19.23 33.82 0.91
CA ILE A 526 18.13 33.33 0.04
C ILE A 526 16.91 34.23 0.22
N LEU A 527 16.61 34.61 1.47
CA LEU A 527 15.43 35.48 1.76
C LEU A 527 15.70 36.88 1.19
N LYS A 528 16.96 37.34 1.22
CA LYS A 528 17.27 38.64 0.64
C LYS A 528 17.18 38.61 -0.87
N THR A 529 17.63 37.52 -1.49
CA THR A 529 17.50 37.39 -2.95
C THR A 529 16.04 37.30 -3.37
N ARG A 530 15.21 36.65 -2.55
CA ARG A 530 13.78 36.63 -2.84
C ARG A 530 13.22 38.04 -2.88
N GLY A 531 13.61 38.87 -1.90
CA GLY A 531 13.21 40.27 -1.94
C GLY A 531 13.77 41.03 -3.13
N GLU A 532 15.01 40.74 -3.50
CA GLU A 532 15.61 41.30 -4.71
C GLU A 532 14.70 41.08 -5.90
N MET A 533 14.25 39.85 -6.09
CA MET A 533 13.38 39.56 -7.24
C MET A 533 12.01 40.20 -7.09
N VAL A 534 11.44 40.16 -5.89
CA VAL A 534 10.08 40.64 -5.70
C VAL A 534 9.97 42.12 -5.99
N LYS A 535 11.00 42.90 -5.64
CA LYS A 535 10.96 44.38 -5.85
C LYS A 535 11.08 44.69 -7.35
N ASN A 536 11.65 43.78 -8.14
CA ASN A 536 11.89 43.97 -9.56
C ASN A 536 10.74 43.39 -10.39
N ARG A 537 9.70 42.85 -9.74
CA ARG A 537 8.54 42.29 -10.42
C ARG A 537 8.92 41.10 -11.29
N THR A 538 9.56 40.12 -10.66
CA THR A 538 9.98 38.89 -11.31
C THR A 538 9.90 37.77 -10.29
N VAL A 539 9.57 36.57 -10.75
CA VAL A 539 9.43 35.41 -9.88
C VAL A 539 10.30 34.28 -10.39
N ASP A 540 10.97 33.59 -9.48
CA ASP A 540 11.66 32.35 -9.77
C ASP A 540 10.69 31.20 -9.52
N TRP A 541 11.20 29.98 -9.49
CA TRP A 541 10.31 28.83 -9.33
C TRP A 541 9.74 28.75 -7.92
N ALA A 542 10.52 29.15 -6.91
CA ALA A 542 10.05 29.02 -5.54
C ALA A 542 8.97 30.04 -5.23
N LEU A 543 9.04 31.22 -5.85
CA LEU A 543 8.07 32.27 -5.55
C LEU A 543 6.72 32.00 -6.18
N ALA A 544 6.69 31.35 -7.35
CA ALA A 544 5.43 31.01 -7.98
C ALA A 544 4.61 30.05 -7.12
N GLU A 545 5.26 29.14 -6.41
CA GLU A 545 4.54 28.22 -5.56
C GLU A 545 3.87 28.94 -4.38
N TYR A 546 4.56 29.89 -3.75
CA TYR A 546 3.92 30.78 -2.79
C TYR A 546 2.76 31.54 -3.41
N MET A 547 2.96 32.12 -4.59
CA MET A 547 1.89 32.95 -5.14
C MET A 547 0.70 32.13 -5.62
N ALA A 548 0.84 30.83 -5.81
CA ALA A 548 -0.31 29.99 -6.06
C ALA A 548 -0.98 29.56 -4.75
N PHE A 549 -0.18 29.08 -3.79
CA PHE A 549 -0.75 28.56 -2.56
C PHE A 549 -1.43 29.65 -1.75
N GLY A 550 -0.81 30.84 -1.66
CA GLY A 550 -1.43 31.91 -0.91
C GLY A 550 -2.72 32.41 -1.54
N SER A 551 -2.73 32.54 -2.86
CA SER A 551 -3.94 32.97 -3.55
C SER A 551 -5.05 31.96 -3.39
N LEU A 552 -4.73 30.66 -3.33
CA LEU A 552 -5.78 29.68 -3.07
C LEU A 552 -6.23 29.71 -1.61
N LEU A 553 -5.29 29.82 -0.67
CA LEU A 553 -5.64 29.88 0.74
C LEU A 553 -6.48 31.10 1.08
N LYS A 554 -6.41 32.15 0.27
CA LYS A 554 -7.23 33.32 0.52
C LYS A 554 -8.72 32.98 0.51
N GLU A 555 -9.18 32.25 -0.51
CA GLU A 555 -10.60 31.91 -0.62
C GLU A 555 -10.91 30.53 -0.04
N GLY A 556 -10.45 30.26 1.18
CA GLY A 556 -10.91 29.10 1.93
C GLY A 556 -10.70 27.76 1.26
N ILE A 557 -9.54 27.52 0.67
CA ILE A 557 -9.19 26.21 0.11
C ILE A 557 -8.11 25.61 0.97
N HIS A 558 -8.37 24.46 1.57
CA HIS A 558 -7.36 23.76 2.35
C HIS A 558 -6.29 23.23 1.41
N ILE A 559 -5.03 23.30 1.84
CA ILE A 559 -3.91 22.82 1.04
C ILE A 559 -3.07 21.90 1.89
N ARG A 560 -2.80 20.70 1.38
CA ARG A 560 -2.00 19.71 2.07
C ARG A 560 -0.89 19.25 1.15
N LEU A 561 0.34 19.68 1.43
CA LEU A 561 1.50 19.25 0.68
C LEU A 561 2.23 18.19 1.49
N SER A 562 2.34 16.99 0.94
CA SER A 562 2.95 15.88 1.65
C SER A 562 3.95 15.19 0.74
N GLY A 563 4.90 14.51 1.35
CA GLY A 563 5.92 13.85 0.56
C GLY A 563 7.12 13.51 1.43
N GLN A 564 8.28 13.50 0.79
CA GLN A 564 9.51 13.04 1.40
C GLN A 564 10.50 14.20 1.42
N ASP A 565 10.72 14.76 2.62
CA ASP A 565 11.60 15.92 2.80
C ASP A 565 11.10 17.12 1.99
N VAL A 566 9.84 17.50 2.22
CA VAL A 566 9.23 18.58 1.47
C VAL A 566 9.24 19.90 2.24
N GLU A 567 9.46 19.87 3.55
CA GLU A 567 9.50 21.10 4.32
C GLU A 567 10.66 21.99 3.92
N ARG A 568 11.74 21.42 3.44
CA ARG A 568 12.90 22.17 2.98
C ARG A 568 13.16 22.03 1.50
N GLY A 569 12.87 20.88 0.91
CA GLY A 569 13.15 20.65 -0.50
C GLY A 569 14.33 19.73 -0.69
N THR A 570 14.21 18.79 -1.64
CA THR A 570 15.32 17.89 -1.90
C THR A 570 16.52 18.66 -2.43
N PHE A 571 16.27 19.67 -3.27
CA PHE A 571 17.33 20.52 -3.79
C PHE A 571 17.46 21.81 -3.02
N SER A 572 16.80 21.91 -1.86
CA SER A 572 16.95 23.03 -0.94
C SER A 572 16.61 24.36 -1.61
N HIS A 573 15.35 24.47 -2.04
CA HIS A 573 14.94 25.64 -2.80
C HIS A 573 13.71 26.35 -2.25
N ARG A 574 12.91 25.75 -1.38
CA ARG A 574 11.68 26.38 -0.94
C ARG A 574 11.72 26.87 0.50
N HIS A 575 12.19 26.05 1.44
CA HIS A 575 12.29 26.45 2.84
C HIS A 575 10.95 26.96 3.36
N HIS A 576 9.95 26.07 3.34
CA HIS A 576 8.64 26.44 3.85
C HIS A 576 8.59 26.47 5.36
N VAL A 577 9.60 25.95 6.03
CA VAL A 577 9.66 25.88 7.49
C VAL A 577 11.03 26.34 7.95
N LEU A 578 11.07 27.27 8.90
CA LEU A 578 12.31 27.84 9.40
C LEU A 578 12.55 27.42 10.84
N HIS A 579 13.80 27.14 11.17
CA HIS A 579 14.19 26.65 12.49
C HIS A 579 15.08 27.66 13.19
N ASP A 580 14.80 27.91 14.47
CA ASP A 580 15.66 28.77 15.27
C ASP A 580 16.99 28.09 15.55
N GLN A 581 18.07 28.86 15.47
CA GLN A 581 19.39 28.27 15.68
C GLN A 581 19.72 28.09 17.16
N ASN A 582 19.05 28.81 18.05
CA ASN A 582 19.39 28.78 19.46
C ASN A 582 18.36 28.06 20.33
N VAL A 583 17.08 28.30 20.12
CA VAL A 583 16.03 27.68 20.92
C VAL A 583 15.59 26.39 20.24
N ASP A 584 15.47 25.33 21.02
CA ASP A 584 15.19 24.04 20.43
C ASP A 584 13.68 23.90 20.25
N LYS A 585 13.29 23.24 19.15
CA LYS A 585 11.91 22.87 18.84
C LYS A 585 11.03 24.04 18.43
N ARG A 586 11.59 25.21 18.15
CA ARG A 586 10.80 26.38 17.78
C ARG A 586 10.82 26.55 16.27
N THR A 587 9.65 26.86 15.70
CA THR A 587 9.45 26.77 14.26
C THR A 587 8.49 27.85 13.79
N CYS A 588 8.72 28.38 12.58
CA CYS A 588 7.82 29.33 11.94
C CYS A 588 7.47 28.85 10.54
N ILE A 589 6.23 29.07 10.14
CA ILE A 589 5.76 28.82 8.79
C ILE A 589 5.25 30.12 8.21
N PRO A 590 6.02 30.78 7.35
CA PRO A 590 5.63 32.11 6.88
C PRO A 590 4.32 32.15 6.11
N MET A 591 3.86 31.02 5.59
CA MET A 591 2.63 31.00 4.80
C MET A 591 1.38 30.95 5.67
N ASN A 592 1.54 30.80 6.98
CA ASN A 592 0.41 30.83 7.91
C ASN A 592 0.13 32.22 8.43
N HIS A 593 0.76 33.24 7.85
CA HIS A 593 0.62 34.62 8.37
C HIS A 593 0.24 35.57 7.24
N LEU A 594 -0.29 35.04 6.14
CA LEU A 594 -0.56 35.87 4.96
C LEU A 594 -1.77 36.78 5.17
N TRP A 595 -2.88 36.26 5.71
CA TRP A 595 -4.12 37.04 5.94
C TRP A 595 -4.76 36.59 7.24
N PRO A 596 -5.55 37.42 7.94
CA PRO A 596 -6.25 37.00 9.16
C PRO A 596 -7.31 35.91 9.01
N ASN A 597 -8.15 35.98 7.98
CA ASN A 597 -9.14 34.91 7.73
C ASN A 597 -8.67 34.06 6.54
N GLN A 598 -8.00 32.95 6.79
CA GLN A 598 -7.41 32.15 5.69
C GLN A 598 -7.61 30.68 6.02
N ALA A 599 -7.58 29.80 5.01
CA ALA A 599 -7.77 28.36 5.22
C ALA A 599 -6.52 27.72 5.81
N PRO A 600 -6.63 26.56 6.47
CA PRO A 600 -5.47 25.87 7.00
C PRO A 600 -4.40 25.42 5.99
N TYR A 601 -3.12 25.42 6.36
CA TYR A 601 -2.03 24.91 5.50
C TYR A 601 -1.27 23.83 6.27
N THR A 602 -0.91 22.73 5.62
CA THR A 602 -0.21 21.61 6.24
C THR A 602 0.96 21.17 5.37
N VAL A 603 2.14 21.13 5.97
CA VAL A 603 3.33 20.55 5.34
C VAL A 603 3.86 19.49 6.30
N CYS A 604 4.01 18.27 5.81
CA CYS A 604 4.44 17.18 6.67
C CYS A 604 5.48 16.33 5.95
N ASN A 605 6.51 15.94 6.68
CA ASN A 605 7.51 15.00 6.21
C ASN A 605 7.04 13.60 6.52
N SER A 606 6.97 12.75 5.50
CA SER A 606 6.44 11.42 5.66
C SER A 606 7.55 10.43 6.02
N SER A 607 7.15 9.23 6.38
CA SER A 607 8.11 8.17 6.55
C SER A 607 8.68 7.78 5.19
N LEU A 608 9.74 6.99 5.22
CA LEU A 608 10.41 6.58 3.98
C LEU A 608 9.57 5.50 3.32
N SER A 609 8.58 5.94 2.56
CA SER A 609 7.69 5.01 1.87
C SER A 609 6.90 5.73 0.79
N GLU A 610 6.75 5.10 -0.37
CA GLU A 610 5.98 5.67 -1.47
C GLU A 610 4.65 4.99 -1.65
N TYR A 611 4.48 3.77 -1.15
CA TYR A 611 3.32 2.96 -1.45
C TYR A 611 2.23 3.15 -0.41
N GLY A 612 2.60 3.45 0.83
CA GLY A 612 1.61 3.78 1.85
C GLY A 612 1.24 5.24 1.89
N VAL A 613 2.20 6.13 1.73
CA VAL A 613 1.93 7.57 1.79
C VAL A 613 1.10 8.02 0.61
N LEU A 614 1.38 7.52 -0.59
CA LEU A 614 0.57 7.89 -1.75
C LEU A 614 -0.86 7.41 -1.60
N GLY A 615 -1.05 6.20 -1.08
CA GLY A 615 -2.39 5.73 -0.82
C GLY A 615 -3.11 6.57 0.21
N PHE A 616 -2.40 6.95 1.27
CA PHE A 616 -2.98 7.83 2.29
C PHE A 616 -3.44 9.14 1.66
N GLU A 617 -2.60 9.76 0.84
CA GLU A 617 -2.95 11.03 0.23
C GLU A 617 -4.12 10.88 -0.73
N LEU A 618 -4.15 9.79 -1.50
CA LEU A 618 -5.27 9.57 -2.40
C LEU A 618 -6.57 9.41 -1.63
N GLY A 619 -6.54 8.70 -0.51
CA GLY A 619 -7.73 8.61 0.32
C GLY A 619 -8.14 9.95 0.91
N PHE A 620 -7.16 10.77 1.27
CA PHE A 620 -7.47 12.12 1.77
C PHE A 620 -8.10 12.98 0.69
N ALA A 621 -7.70 12.81 -0.57
CA ALA A 621 -8.18 13.66 -1.64
C ALA A 621 -9.61 13.34 -2.09
N MET A 622 -10.18 12.23 -1.66
CA MET A 622 -11.51 11.82 -2.09
C MET A 622 -12.57 12.05 -1.03
N ALA A 623 -12.31 12.95 -0.08
CA ALA A 623 -13.28 13.28 0.95
C ALA A 623 -13.91 14.64 0.79
N SER A 624 -13.38 15.50 -0.09
CA SER A 624 -13.96 16.79 -0.38
C SER A 624 -13.31 17.40 -1.61
N PRO A 625 -14.08 18.08 -2.47
CA PRO A 625 -13.50 18.74 -3.64
C PRO A 625 -12.95 20.13 -3.35
N ASN A 626 -13.00 20.59 -2.10
CA ASN A 626 -12.51 21.91 -1.71
C ASN A 626 -11.17 21.83 -1.01
N ALA A 627 -10.28 20.96 -1.48
CA ALA A 627 -8.93 20.84 -0.96
C ALA A 627 -7.99 20.54 -2.10
N LEU A 628 -6.73 20.93 -1.94
CA LEU A 628 -5.68 20.64 -2.90
C LEU A 628 -4.63 19.79 -2.20
N VAL A 629 -4.54 18.53 -2.60
CA VAL A 629 -3.63 17.57 -1.99
C VAL A 629 -2.52 17.29 -2.98
N LEU A 630 -1.28 17.57 -2.57
CA LEU A 630 -0.11 17.38 -3.43
C LEU A 630 0.79 16.32 -2.82
N TRP A 631 1.27 15.40 -3.65
CA TRP A 631 2.26 14.42 -3.25
C TRP A 631 3.55 14.69 -4.00
N GLU A 632 4.64 14.81 -3.26
CA GLU A 632 5.95 15.12 -3.80
C GLU A 632 6.84 13.89 -3.75
N ALA A 633 7.49 13.57 -4.87
CA ALA A 633 8.46 12.50 -4.91
C ALA A 633 9.87 13.07 -4.86
N GLN A 634 10.74 12.41 -4.10
CA GLN A 634 12.12 12.89 -3.99
C GLN A 634 12.79 12.93 -5.35
N PHE A 635 12.69 11.84 -6.11
CA PHE A 635 13.04 11.82 -7.52
C PHE A 635 11.91 11.12 -8.25
N GLY A 636 11.71 11.48 -9.51
CA GLY A 636 10.61 10.88 -10.25
C GLY A 636 10.76 9.39 -10.45
N ASP A 637 11.93 8.84 -10.17
CA ASP A 637 12.25 7.45 -10.45
C ASP A 637 11.80 6.49 -9.36
N PHE A 638 11.44 7.00 -8.19
CA PHE A 638 11.03 6.16 -7.09
C PHE A 638 9.53 5.97 -7.03
N HIS A 639 8.80 6.45 -8.02
CA HIS A 639 7.35 6.31 -8.02
C HIS A 639 6.89 4.90 -8.35
N ASN A 640 7.72 4.10 -9.03
CA ASN A 640 7.25 2.77 -9.44
C ASN A 640 7.02 1.84 -8.26
N THR A 641 7.61 2.13 -7.10
CA THR A 641 7.29 1.36 -5.90
C THR A 641 5.82 1.45 -5.54
N ALA A 642 5.13 2.49 -6.02
CA ALA A 642 3.70 2.66 -5.78
C ALA A 642 2.88 2.38 -7.02
N GLN A 643 3.45 1.65 -7.99
CA GLN A 643 2.78 1.43 -9.26
C GLN A 643 1.36 0.92 -9.10
N CYS A 644 1.15 -0.01 -8.16
CA CYS A 644 -0.19 -0.54 -7.94
C CYS A 644 -1.20 0.57 -7.72
N ILE A 645 -0.91 1.49 -6.80
CA ILE A 645 -1.86 2.56 -6.51
C ILE A 645 -2.13 3.38 -7.76
N ILE A 646 -1.10 3.63 -8.55
CA ILE A 646 -1.28 4.43 -9.74
C ILE A 646 -2.10 3.67 -10.78
N ASP A 647 -1.91 2.36 -10.86
CA ASP A 647 -2.53 1.61 -11.94
C ASP A 647 -3.99 1.31 -11.64
N GLN A 648 -4.34 1.16 -10.37
CA GLN A 648 -5.61 0.58 -10.00
C GLN A 648 -6.59 1.60 -9.44
N PHE A 649 -6.09 2.69 -8.86
CA PHE A 649 -6.90 3.68 -8.18
C PHE A 649 -6.99 4.99 -8.94
N ILE A 650 -5.85 5.55 -9.35
CA ILE A 650 -5.83 6.86 -9.97
C ILE A 650 -6.16 6.78 -11.45
N CYS A 651 -5.68 5.73 -12.13
CA CYS A 651 -5.88 5.67 -13.58
C CYS A 651 -7.33 5.37 -13.96
N PRO A 652 -7.93 4.26 -13.55
CA PRO A 652 -9.31 3.95 -13.97
C PRO A 652 -10.39 4.31 -12.96
N GLY A 653 -10.04 5.04 -11.90
CA GLY A 653 -10.96 5.17 -10.76
C GLY A 653 -12.32 5.72 -11.13
N GLN A 654 -12.37 6.67 -12.07
CA GLN A 654 -13.66 7.34 -12.44
C GLN A 654 -14.48 6.43 -13.37
N ALA A 655 -13.83 5.69 -14.27
CA ALA A 655 -14.52 4.74 -15.16
C ALA A 655 -15.09 3.56 -14.37
N LYS A 656 -14.31 2.96 -13.47
CA LYS A 656 -14.77 1.80 -12.68
C LYS A 656 -15.83 2.20 -11.67
N TRP A 657 -15.60 3.30 -10.92
CA TRP A 657 -16.56 3.80 -9.91
C TRP A 657 -16.85 5.28 -10.18
N VAL A 658 -18.06 5.77 -9.90
CA VAL A 658 -18.45 7.18 -10.27
C VAL A 658 -17.56 8.26 -9.62
N ARG A 659 -17.10 8.07 -8.38
CA ARG A 659 -16.32 9.10 -7.64
C ARG A 659 -15.30 9.88 -8.51
N GLN A 660 -15.25 11.22 -8.36
CA GLN A 660 -14.24 12.05 -9.07
C GLN A 660 -13.16 12.45 -8.06
N ASN A 661 -11.88 12.50 -8.46
CA ASN A 661 -10.76 12.81 -7.54
C ASN A 661 -9.75 13.66 -8.29
N GLY A 662 -9.21 14.70 -7.65
CA GLY A 662 -8.25 15.61 -8.33
C GLY A 662 -6.94 15.69 -7.57
N ILE A 663 -6.22 14.57 -7.45
CA ILE A 663 -4.92 14.55 -6.73
C ILE A 663 -3.82 15.08 -7.67
N VAL A 664 -2.83 15.80 -7.12
CA VAL A 664 -1.74 16.32 -7.93
C VAL A 664 -0.47 15.58 -7.55
N LEU A 665 0.28 15.14 -8.54
CA LEU A 665 1.55 14.45 -8.33
C LEU A 665 2.68 15.24 -8.96
N LEU A 666 3.67 15.59 -8.17
CA LEU A 666 4.85 16.33 -8.64
C LEU A 666 6.02 15.38 -8.68
N LEU A 667 6.63 15.21 -9.85
CA LEU A 667 7.71 14.25 -10.05
C LEU A 667 8.89 14.93 -10.73
N PRO A 668 10.00 15.17 -10.03
CA PRO A 668 11.16 15.78 -10.67
C PRO A 668 11.70 14.91 -11.79
N HIS A 669 12.15 15.55 -12.85
CA HIS A 669 12.48 14.83 -14.08
C HIS A 669 13.47 15.64 -14.89
N GLY A 670 14.45 14.96 -15.47
CA GLY A 670 15.43 15.62 -16.32
C GLY A 670 16.78 14.94 -16.30
N MET A 671 17.44 14.84 -17.44
CA MET A 671 18.72 14.15 -17.56
C MET A 671 19.86 15.14 -17.41
N GLU A 672 20.65 15.03 -16.34
CA GLU A 672 21.69 16.07 -16.10
C GLU A 672 23.07 15.44 -15.79
N GLY A 673 23.38 14.30 -16.42
CA GLY A 673 24.66 13.62 -16.14
C GLY A 673 24.59 12.94 -14.78
N MET A 674 23.38 12.83 -14.22
CA MET A 674 23.19 12.18 -12.90
C MET A 674 23.14 10.67 -13.09
N GLY A 675 23.00 9.92 -12.00
CA GLY A 675 22.89 8.46 -12.10
C GLY A 675 21.63 8.07 -12.84
N PRO A 676 21.52 6.85 -13.41
CA PRO A 676 20.37 6.49 -14.24
C PRO A 676 19.09 6.65 -13.41
N GLU A 677 19.15 6.30 -12.13
CA GLU A 677 17.96 6.38 -11.24
C GLU A 677 17.75 7.81 -10.75
N HIS A 678 18.39 8.82 -11.37
CA HIS A 678 18.18 10.21 -11.02
C HIS A 678 17.91 11.03 -12.26
N SER A 679 17.44 10.40 -13.34
CA SER A 679 17.36 11.06 -14.64
C SER A 679 15.94 11.21 -15.15
N SER A 680 15.19 10.13 -15.30
CA SER A 680 13.98 10.16 -16.13
C SER A 680 12.83 9.50 -15.39
N ALA A 681 11.84 10.30 -15.01
CA ALA A 681 10.63 9.86 -14.31
C ALA A 681 9.73 9.00 -15.15
N ARG A 682 10.14 8.60 -16.34
CA ARG A 682 9.40 7.71 -17.23
C ARG A 682 8.07 8.30 -17.67
N PRO A 683 8.07 9.42 -18.38
CA PRO A 683 6.80 9.97 -18.87
C PRO A 683 6.12 9.08 -19.90
N GLU A 684 6.87 8.24 -20.61
CA GLU A 684 6.26 7.41 -21.64
C GLU A 684 5.34 6.36 -21.05
N ARG A 685 5.49 6.03 -19.76
CA ARG A 685 4.59 5.09 -19.12
C ARG A 685 3.27 5.74 -18.76
N PHE A 686 3.30 7.00 -18.31
CA PHE A 686 2.05 7.71 -18.04
C PHE A 686 1.33 8.06 -19.31
N LEU A 687 2.06 8.41 -20.37
CA LEU A 687 1.41 8.87 -21.58
C LEU A 687 0.70 7.77 -22.34
N GLN A 688 1.02 6.51 -22.08
CA GLN A 688 0.36 5.42 -22.79
C GLN A 688 -0.88 4.92 -22.07
N MET A 689 -1.06 5.33 -20.80
CA MET A 689 -2.28 4.94 -20.04
C MET A 689 -3.43 5.86 -20.48
N CYS A 690 -3.13 6.90 -21.26
CA CYS A 690 -4.16 7.86 -21.72
C CYS A 690 -5.18 7.15 -22.61
N ASN A 691 -6.46 7.49 -22.48
CA ASN A 691 -7.53 6.81 -23.25
C ASN A 691 -7.79 7.56 -24.56
N ASP A 692 -6.92 8.52 -24.90
CA ASP A 692 -7.08 9.30 -26.16
C ASP A 692 -6.76 8.41 -27.37
N ASP A 693 -7.41 8.67 -28.52
CA ASP A 693 -7.15 7.88 -29.75
C ASP A 693 -6.39 8.79 -30.73
N PRO A 694 -5.20 8.40 -31.22
CA PRO A 694 -4.46 9.21 -32.19
C PRO A 694 -5.23 9.36 -33.51
N ASP A 695 -5.83 8.27 -34.01
CA ASP A 695 -6.54 8.32 -35.31
C ASP A 695 -7.75 9.25 -35.20
N VAL A 696 -8.49 9.18 -34.09
CA VAL A 696 -9.70 10.05 -33.90
C VAL A 696 -9.24 11.50 -33.77
N LEU A 697 -9.94 12.43 -34.43
CA LEU A 697 -9.60 13.87 -34.30
C LEU A 697 -10.80 14.60 -33.70
N PRO A 698 -10.65 15.35 -32.59
CA PRO A 698 -11.75 16.14 -32.03
C PRO A 698 -12.14 17.24 -33.02
N ASP A 699 -13.44 17.53 -33.14
CA ASP A 699 -13.89 18.54 -34.13
C ASP A 699 -13.25 19.88 -33.80
N LEU A 700 -12.68 20.56 -34.79
CA LEU A 700 -12.04 21.88 -34.57
C LEU A 700 -13.12 22.88 -34.12
N LYS A 701 -14.32 22.79 -34.69
CA LYS A 701 -15.41 23.75 -34.34
C LYS A 701 -16.12 23.29 -33.07
N GLU A 702 -15.45 23.39 -31.92
CA GLU A 702 -16.09 23.06 -30.61
C GLU A 702 -15.73 24.16 -29.62
N ALA A 703 -16.57 24.39 -28.61
CA ALA A 703 -16.32 25.52 -27.68
C ALA A 703 -15.01 25.31 -26.92
N ASN A 704 -14.20 26.35 -26.84
CA ASN A 704 -12.92 26.21 -26.12
C ASN A 704 -12.17 25.00 -26.70
N PHE A 705 -12.86 23.90 -27.03
CA PHE A 705 -12.22 22.65 -27.48
C PHE A 705 -11.55 22.05 -26.26
N ASP A 706 -10.89 22.84 -25.42
CA ASP A 706 -10.19 22.28 -24.27
C ASP A 706 -11.12 21.95 -23.13
N ILE A 707 -11.92 22.88 -22.66
CA ILE A 707 -12.76 22.48 -21.50
C ILE A 707 -13.42 21.16 -21.88
N ASN A 708 -13.48 20.85 -23.18
CA ASN A 708 -13.98 19.53 -23.64
C ASN A 708 -12.81 18.55 -23.83
N GLN A 709 -11.58 18.97 -24.21
CA GLN A 709 -10.52 17.94 -24.27
C GLN A 709 -10.23 17.44 -22.84
N LEU A 710 -10.18 18.36 -21.87
CA LEU A 710 -9.91 17.97 -20.46
C LEU A 710 -11.04 17.06 -19.97
N TYR A 711 -12.29 17.39 -20.29
CA TYR A 711 -13.44 16.60 -19.78
C TYR A 711 -13.39 15.18 -20.35
N ASP A 712 -13.10 15.05 -21.65
CA ASP A 712 -13.06 13.71 -22.29
C ASP A 712 -11.66 13.10 -22.28
N CYS A 713 -11.20 12.90 -21.02
CA CYS A 713 -9.81 12.46 -20.71
C CYS A 713 -9.77 11.78 -19.34
N ASN A 714 -8.84 10.83 -19.11
CA ASN A 714 -8.65 10.14 -17.80
C ASN A 714 -7.84 11.03 -16.86
N TRP A 715 -6.62 11.46 -17.24
CA TRP A 715 -6.01 12.45 -16.32
C TRP A 715 -5.15 13.45 -17.10
N VAL A 716 -4.81 14.58 -16.48
CA VAL A 716 -4.03 15.64 -17.19
C VAL A 716 -2.54 15.50 -16.87
N VAL A 717 -1.68 15.53 -17.88
CA VAL A 717 -0.20 15.48 -17.68
C VAL A 717 0.34 16.81 -18.22
N VAL A 718 1.42 17.35 -17.66
CA VAL A 718 2.02 18.61 -18.10
C VAL A 718 3.50 18.61 -17.76
N ASN A 719 4.26 19.33 -18.57
CA ASN A 719 5.70 19.50 -18.38
C ASN A 719 5.99 20.99 -18.53
N CYS A 720 5.90 21.71 -17.42
CA CYS A 720 6.06 23.15 -17.44
C CYS A 720 7.53 23.55 -17.48
N SER A 721 7.82 24.62 -18.24
CA SER A 721 9.18 25.12 -18.36
C SER A 721 9.36 26.52 -17.81
N THR A 722 8.29 27.23 -17.49
CA THR A 722 8.36 28.56 -16.91
C THR A 722 7.54 28.60 -15.63
N PRO A 723 7.92 29.45 -14.68
CA PRO A 723 7.14 29.54 -13.43
C PRO A 723 5.75 30.13 -13.62
N GLY A 724 5.52 30.93 -14.65
CA GLY A 724 4.19 31.47 -14.86
C GLY A 724 3.17 30.39 -15.18
N ASN A 725 3.54 29.46 -16.06
CA ASN A 725 2.65 28.35 -16.37
C ASN A 725 2.43 27.48 -15.14
N PHE A 726 3.47 27.27 -14.33
CA PHE A 726 3.29 26.50 -13.12
C PHE A 726 2.35 27.20 -12.15
N PHE A 727 2.35 28.53 -12.14
CA PHE A 727 1.38 29.26 -11.35
C PHE A 727 -0.03 29.04 -11.87
N HIS A 728 -0.19 29.06 -13.20
CA HIS A 728 -1.53 29.01 -13.78
C HIS A 728 -2.16 27.62 -13.66
N VAL A 729 -1.35 26.56 -13.75
CA VAL A 729 -1.90 25.20 -13.76
C VAL A 729 -2.58 24.89 -12.44
N LEU A 730 -1.91 25.23 -11.32
CA LEU A 730 -2.45 24.87 -10.02
C LEU A 730 -3.75 25.61 -9.73
N ARG A 731 -3.90 26.81 -10.28
CA ARG A 731 -5.15 27.54 -10.10
C ARG A 731 -6.25 27.00 -11.01
N ARG A 732 -5.89 26.61 -12.23
CA ARG A 732 -6.88 26.00 -13.11
C ARG A 732 -7.39 24.69 -12.54
N GLN A 733 -6.56 23.98 -11.80
CA GLN A 733 -6.99 22.72 -11.21
C GLN A 733 -8.18 22.90 -10.28
N ILE A 734 -8.27 24.04 -9.61
CA ILE A 734 -9.32 24.29 -8.64
C ILE A 734 -10.49 25.07 -9.24
N LEU A 735 -10.21 26.02 -10.13
CA LEU A 735 -11.31 26.84 -10.64
C LEU A 735 -12.20 26.11 -11.65
N LEU A 736 -11.85 24.90 -12.06
CA LEU A 736 -12.65 24.17 -13.03
C LEU A 736 -13.93 23.63 -12.37
N PRO A 737 -14.99 23.41 -13.16
CA PRO A 737 -16.21 22.84 -12.59
C PRO A 737 -16.06 21.41 -12.10
N PHE A 738 -15.07 20.66 -12.57
CA PHE A 738 -14.91 19.26 -12.19
C PHE A 738 -13.50 19.01 -11.67
N ARG A 739 -13.16 17.75 -11.39
CA ARG A 739 -11.85 17.41 -10.85
C ARG A 739 -11.27 16.24 -11.62
N LYS A 740 -10.00 16.34 -12.00
CA LYS A 740 -9.29 15.23 -12.62
C LYS A 740 -7.84 15.23 -12.15
N PRO A 741 -7.22 14.06 -12.06
CA PRO A 741 -5.84 14.01 -11.57
C PRO A 741 -4.87 14.71 -12.52
N LEU A 742 -3.81 15.27 -11.94
CA LEU A 742 -2.83 16.05 -12.66
C LEU A 742 -1.44 15.53 -12.35
N ILE A 743 -0.63 15.40 -13.40
CA ILE A 743 0.73 14.86 -13.29
C ILE A 743 1.67 15.92 -13.85
N ILE A 744 2.44 16.56 -12.98
CA ILE A 744 3.36 17.61 -13.40
C ILE A 744 4.77 17.06 -13.32
N PHE A 745 5.56 17.30 -14.37
CA PHE A 745 6.96 16.89 -14.38
C PHE A 745 7.82 18.11 -14.06
N THR A 746 8.20 18.24 -12.80
CA THR A 746 8.91 19.43 -12.35
C THR A 746 10.38 19.36 -12.73
N PRO A 747 11.05 20.51 -12.87
CA PRO A 747 12.46 20.51 -13.25
C PRO A 747 13.37 20.35 -12.04
N LYS A 748 14.65 20.16 -12.33
CA LYS A 748 15.67 20.01 -11.30
C LYS A 748 16.74 21.09 -11.38
N SER A 749 17.34 21.30 -12.54
CA SER A 749 18.38 22.31 -12.67
C SER A 749 17.83 23.67 -13.05
N LEU A 750 16.56 23.76 -13.43
CA LEU A 750 15.96 25.05 -13.74
C LEU A 750 15.55 25.82 -12.50
N LEU A 751 15.68 25.24 -11.32
CA LEU A 751 15.36 25.96 -10.10
C LEU A 751 16.34 27.09 -9.81
N ARG A 752 17.51 27.10 -10.46
CA ARG A 752 18.48 28.16 -10.30
C ARG A 752 18.95 28.74 -11.62
N HIS A 753 18.32 28.38 -12.73
CA HIS A 753 18.79 28.83 -14.02
C HIS A 753 18.43 30.30 -14.21
N PRO A 754 19.41 31.16 -14.54
CA PRO A 754 19.17 32.61 -14.46
C PRO A 754 18.07 33.11 -15.37
N GLU A 755 17.87 32.52 -16.54
CA GLU A 755 16.87 33.00 -17.48
C GLU A 755 15.58 32.18 -17.45
N ALA A 756 15.42 31.31 -16.46
CA ALA A 756 14.16 30.61 -16.25
C ALA A 756 13.32 31.31 -15.19
N ARG A 757 12.91 32.54 -15.51
CA ARG A 757 12.03 33.30 -14.65
C ARG A 757 11.18 34.23 -15.50
N SER A 758 10.03 34.62 -14.95
CA SER A 758 9.03 35.35 -15.72
C SER A 758 8.52 36.53 -14.91
N SER A 759 7.96 37.51 -15.61
CA SER A 759 7.53 38.76 -15.02
C SER A 759 6.16 38.62 -14.36
N PHE A 760 5.72 39.71 -13.72
CA PHE A 760 4.38 39.76 -13.17
C PHE A 760 3.32 39.88 -14.25
N ASP A 761 3.71 40.24 -15.47
CA ASP A 761 2.75 40.50 -16.53
C ASP A 761 2.06 39.25 -17.04
N GLU A 762 2.56 38.06 -16.70
CA GLU A 762 1.86 36.83 -17.04
C GLU A 762 0.94 36.34 -15.93
N MET A 763 0.82 37.09 -14.84
CA MET A 763 -0.05 36.71 -13.75
C MET A 763 -1.18 37.70 -13.53
N LEU A 764 -1.20 38.81 -14.27
CA LEU A 764 -2.21 39.82 -14.10
C LEU A 764 -3.56 39.32 -14.62
N PRO A 765 -4.67 39.95 -14.23
CA PRO A 765 -5.98 39.44 -14.64
C PRO A 765 -6.15 39.43 -16.14
N GLY A 766 -6.85 38.40 -16.63
CA GLY A 766 -7.04 38.21 -18.04
C GLY A 766 -6.05 37.29 -18.71
N THR A 767 -5.17 36.64 -17.96
CA THR A 767 -4.18 35.72 -18.50
C THR A 767 -4.61 34.29 -18.25
N HIS A 768 -4.19 33.41 -19.16
CA HIS A 768 -4.65 32.03 -19.20
C HIS A 768 -3.46 31.09 -19.23
N PHE A 769 -3.69 29.85 -18.80
CA PHE A 769 -2.68 28.83 -18.95
C PHE A 769 -2.45 28.54 -20.43
N GLN A 770 -1.19 28.42 -20.82
CA GLN A 770 -0.82 28.23 -22.22
C GLN A 770 -0.42 26.78 -22.45
N ARG A 771 -1.21 26.08 -23.28
CA ARG A 771 -0.90 24.71 -23.62
C ARG A 771 0.24 24.60 -24.62
N VAL A 772 0.33 25.53 -25.56
CA VAL A 772 1.44 25.62 -26.48
C VAL A 772 1.96 27.04 -26.42
N ILE A 773 3.27 27.20 -26.22
CA ILE A 773 3.89 28.52 -26.19
C ILE A 773 4.45 28.80 -27.57
N PRO A 774 3.89 29.77 -28.31
CA PRO A 774 4.34 30.02 -29.68
C PRO A 774 5.82 30.36 -29.76
N GLU A 775 6.29 30.48 -31.00
CA GLU A 775 7.64 30.97 -31.26
C GLU A 775 7.59 32.48 -31.41
N ASP A 776 8.18 33.19 -30.44
CA ASP A 776 8.28 34.64 -30.48
C ASP A 776 9.75 35.01 -30.61
N GLY A 777 10.07 35.79 -31.64
CA GLY A 777 11.43 36.18 -31.89
C GLY A 777 11.59 36.71 -33.30
N PRO A 778 12.84 36.87 -33.74
CA PRO A 778 13.07 37.40 -35.09
C PRO A 778 12.59 36.49 -36.19
N ALA A 779 12.36 35.21 -35.90
CA ALA A 779 11.90 34.29 -36.94
C ALA A 779 10.45 34.56 -37.31
N ALA A 780 9.61 34.87 -36.32
CA ALA A 780 8.20 35.09 -36.56
C ALA A 780 7.95 36.34 -37.41
N GLN A 781 8.94 37.21 -37.55
CA GLN A 781 8.74 38.43 -38.32
C GLN A 781 8.79 38.17 -39.82
N ASN A 782 9.62 37.19 -40.22
CA ASN A 782 9.70 36.77 -41.65
C ASN A 782 9.56 35.24 -41.67
N PRO A 783 8.33 34.68 -41.65
CA PRO A 783 8.14 33.23 -41.56
C PRO A 783 8.68 32.42 -42.75
N GLU A 784 8.59 32.95 -43.97
CA GLU A 784 9.03 32.21 -45.18
C GLU A 784 10.52 31.89 -45.08
N ASN A 785 11.31 32.79 -44.48
CA ASN A 785 12.79 32.60 -44.40
C ASN A 785 13.13 31.36 -43.58
N VAL A 786 12.33 31.02 -42.56
CA VAL A 786 12.66 29.86 -41.68
C VAL A 786 12.63 28.58 -42.52
N LYS A 787 13.65 27.73 -42.38
CA LYS A 787 13.73 26.48 -43.19
C LYS A 787 13.48 25.26 -42.33
N ARG A 788 13.54 25.37 -40.99
CA ARG A 788 13.22 24.23 -40.09
C ARG A 788 12.45 24.66 -38.84
N LEU A 789 11.48 23.85 -38.41
CA LEU A 789 10.66 24.13 -37.19
C LEU A 789 10.89 22.99 -36.20
N LEU A 790 11.42 23.30 -35.01
CA LEU A 790 11.75 22.25 -34.02
C LEU A 790 10.75 22.34 -32.89
N PHE A 791 10.14 21.22 -32.51
CA PHE A 791 9.20 21.19 -31.38
C PHE A 791 9.96 20.53 -30.25
N CYS A 792 9.89 21.06 -29.05
CA CYS A 792 10.62 20.55 -27.90
C CYS A 792 9.69 20.54 -26.69
N THR A 793 10.23 20.24 -25.52
CA THR A 793 9.43 20.18 -24.30
C THR A 793 10.35 20.36 -23.10
N GLY A 794 10.23 21.49 -22.42
CA GLY A 794 10.87 21.64 -21.12
C GLY A 794 12.34 21.98 -21.21
N LYS A 795 13.13 21.27 -20.41
CA LYS A 795 14.52 21.63 -20.16
C LYS A 795 15.36 21.70 -21.42
N VAL A 796 14.97 20.99 -22.48
CA VAL A 796 15.76 21.00 -23.71
C VAL A 796 15.80 22.39 -24.31
N TYR A 797 14.74 23.18 -24.11
CA TYR A 797 14.60 24.45 -24.80
C TYR A 797 15.82 25.35 -24.56
N TYR A 798 16.22 25.49 -23.30
CA TYR A 798 17.32 26.38 -22.97
C TYR A 798 18.65 25.88 -23.51
N ASP A 799 18.73 24.61 -23.89
CA ASP A 799 19.96 24.07 -24.51
C ASP A 799 19.95 24.42 -26.00
N LEU A 800 18.80 24.23 -26.67
CA LEU A 800 18.69 24.52 -28.12
C LEU A 800 18.91 26.01 -28.40
N THR A 801 18.34 26.89 -27.57
CA THR A 801 18.44 28.34 -27.82
C THR A 801 19.91 28.79 -27.77
N ARG A 802 20.68 28.26 -26.80
CA ARG A 802 22.11 28.63 -26.66
C ARG A 802 22.86 28.19 -27.91
N GLU A 803 22.57 26.98 -28.41
CA GLU A 803 23.25 26.46 -29.62
C GLU A 803 22.88 27.31 -30.85
N ARG A 804 21.61 27.73 -30.96
CA ARG A 804 21.17 28.46 -32.18
C ARG A 804 21.92 29.79 -32.35
N LYS A 805 22.06 30.56 -31.26
CA LYS A 805 22.82 31.85 -31.34
C LYS A 805 24.30 31.58 -31.64
N ALA A 806 24.87 30.53 -31.04
CA ALA A 806 26.31 30.23 -31.21
C ALA A 806 26.59 29.92 -32.69
N ARG A 807 25.56 29.55 -33.46
CA ARG A 807 25.75 29.20 -34.85
C ARG A 807 25.21 30.24 -35.81
N ASP A 808 24.73 31.37 -35.30
CA ASP A 808 24.14 32.43 -36.13
C ASP A 808 22.97 31.89 -36.96
N MET A 809 22.02 31.27 -36.27
CA MET A 809 20.87 30.68 -36.95
C MET A 809 19.55 31.24 -36.46
N VAL A 810 19.57 32.31 -35.67
CA VAL A 810 18.33 32.98 -35.31
C VAL A 810 17.70 33.55 -36.56
N GLY A 811 16.43 33.26 -36.77
CA GLY A 811 15.76 33.60 -38.00
C GLY A 811 15.84 32.53 -39.06
N GLN A 812 16.65 31.49 -38.86
CA GLN A 812 16.66 30.32 -39.72
C GLN A 812 15.96 29.12 -39.11
N VAL A 813 15.74 29.13 -37.79
CA VAL A 813 15.15 28.02 -37.09
C VAL A 813 14.15 28.56 -36.08
N ALA A 814 12.98 27.94 -36.01
CA ALA A 814 11.92 28.35 -35.11
C ALA A 814 11.66 27.21 -34.13
N ILE A 815 11.76 27.51 -32.84
CA ILE A 815 11.59 26.52 -31.79
C ILE A 815 10.27 26.76 -31.08
N THR A 816 9.48 25.71 -30.89
CA THR A 816 8.18 25.81 -30.26
C THR A 816 8.10 24.81 -29.11
N ARG A 817 7.56 25.25 -27.98
CA ARG A 817 7.39 24.42 -26.80
C ARG A 817 5.97 23.86 -26.75
N ILE A 818 5.85 22.66 -26.20
CA ILE A 818 4.56 22.03 -25.95
C ILE A 818 4.45 21.80 -24.45
N GLU A 819 3.39 22.34 -23.85
CA GLU A 819 3.28 22.33 -22.40
C GLU A 819 2.33 21.28 -21.84
N GLN A 820 1.28 20.89 -22.56
CA GLN A 820 0.34 19.95 -21.95
C GLN A 820 0.64 18.50 -22.32
N LEU A 821 0.52 18.14 -23.59
CA LEU A 821 0.72 16.78 -24.08
C LEU A 821 -0.38 15.81 -23.68
N SER A 822 -1.23 16.19 -22.73
CA SER A 822 -2.14 15.17 -22.22
C SER A 822 -3.35 14.96 -23.12
N PRO A 823 -4.31 15.90 -23.13
CA PRO A 823 -5.33 15.85 -24.11
C PRO A 823 -4.45 16.68 -25.05
N PHE A 824 -3.83 16.04 -26.03
CA PHE A 824 -2.92 16.73 -26.97
C PHE A 824 -3.61 17.97 -27.54
N PRO A 825 -2.91 19.11 -27.67
CA PRO A 825 -3.49 20.30 -28.31
C PRO A 825 -3.50 20.33 -29.83
N PHE A 826 -4.55 19.86 -30.52
CA PHE A 826 -4.50 19.77 -31.97
C PHE A 826 -4.59 21.12 -32.64
N ASP A 827 -5.49 21.99 -32.16
CA ASP A 827 -5.83 23.21 -32.88
C ASP A 827 -4.67 24.20 -32.96
N LEU A 828 -4.03 24.47 -31.82
CA LEU A 828 -2.91 25.41 -31.80
C LEU A 828 -1.74 24.92 -32.65
N LEU A 829 -1.42 23.62 -32.53
CA LEU A 829 -0.23 23.07 -33.25
C LEU A 829 -0.46 23.09 -34.76
N LEU A 830 -1.71 22.94 -35.20
CA LEU A 830 -2.03 22.97 -36.66
C LEU A 830 -1.65 24.36 -37.21
N LYS A 831 -1.93 25.41 -36.45
CA LYS A 831 -1.64 26.80 -36.89
C LYS A 831 -0.12 26.98 -37.07
N GLU A 832 0.69 26.39 -36.19
CA GLU A 832 2.16 26.59 -36.24
C GLU A 832 2.71 26.06 -37.57
N VAL A 833 2.23 24.90 -38.03
CA VAL A 833 2.68 24.34 -39.33
C VAL A 833 2.25 25.30 -40.45
N GLN A 834 1.03 25.84 -40.37
CA GLN A 834 0.52 26.79 -41.39
C GLN A 834 1.38 28.06 -41.38
N LYS A 835 1.85 28.48 -40.20
CA LYS A 835 2.61 29.75 -40.07
C LYS A 835 3.88 29.72 -40.94
N TYR A 836 4.56 28.57 -41.00
CA TYR A 836 5.78 28.43 -41.83
C TYR A 836 5.49 27.52 -43.04
N PRO A 837 4.87 27.96 -44.17
CA PRO A 837 4.52 27.05 -45.25
C PRO A 837 5.59 26.02 -45.58
N ASN A 838 6.86 26.40 -45.57
CA ASN A 838 7.94 25.58 -46.11
C ASN A 838 9.03 25.38 -45.07
N ALA A 839 8.86 24.37 -44.23
CA ALA A 839 9.83 24.07 -43.17
C ALA A 839 9.63 22.63 -42.73
N GLU A 840 10.70 21.86 -42.72
CA GLU A 840 10.61 20.49 -42.26
C GLU A 840 10.37 20.45 -40.75
N LEU A 841 9.61 19.46 -40.32
CA LEU A 841 9.18 19.33 -38.94
C LEU A 841 10.07 18.34 -38.20
N ALA A 842 10.67 18.79 -37.10
CA ALA A 842 11.50 17.91 -36.30
C ALA A 842 11.01 17.92 -34.87
N TRP A 843 11.16 16.79 -34.19
CA TRP A 843 10.89 16.67 -32.77
C TRP A 843 12.23 16.48 -32.07
N CYS A 844 12.60 17.42 -31.22
CA CYS A 844 13.87 17.34 -30.50
C CYS A 844 13.62 16.95 -29.06
N GLN A 845 14.49 16.10 -28.52
CA GLN A 845 14.18 15.41 -27.29
C GLN A 845 15.45 15.17 -26.49
N GLU A 846 15.29 15.14 -25.17
CA GLU A 846 16.39 14.93 -24.25
C GLU A 846 16.76 13.47 -24.08
N GLU A 847 15.76 12.61 -23.98
CA GLU A 847 15.93 11.24 -23.54
C GLU A 847 16.29 10.35 -24.72
N HIS A 848 16.21 9.03 -24.50
CA HIS A 848 16.49 8.07 -25.54
C HIS A 848 15.25 7.85 -26.41
N LYS A 849 15.46 7.26 -27.58
CA LYS A 849 14.39 7.19 -28.57
C LYS A 849 13.22 6.34 -28.08
N ASN A 850 13.51 5.27 -27.33
CA ASN A 850 12.45 4.41 -26.85
C ASN A 850 11.86 4.88 -25.54
N GLN A 851 12.29 6.03 -25.02
CA GLN A 851 11.68 6.62 -23.84
C GLN A 851 11.26 8.06 -24.14
N GLY A 852 10.86 8.80 -23.12
CA GLY A 852 10.50 10.18 -23.36
C GLY A 852 9.15 10.31 -24.03
N TYR A 853 9.03 11.36 -24.85
CA TYR A 853 7.74 11.75 -25.42
C TYR A 853 7.58 11.34 -26.87
N TYR A 854 8.66 11.05 -27.58
CA TYR A 854 8.53 10.51 -28.92
C TYR A 854 7.84 9.16 -28.84
N ASP A 855 7.14 8.81 -29.92
CA ASP A 855 6.28 7.66 -30.14
C ASP A 855 4.93 7.79 -29.47
N TYR A 856 4.72 8.78 -28.62
CA TYR A 856 3.38 9.26 -28.29
C TYR A 856 3.04 10.50 -29.07
N VAL A 857 4.00 11.40 -29.22
CA VAL A 857 3.76 12.66 -29.90
C VAL A 857 3.70 12.47 -31.40
N LYS A 858 4.51 11.56 -31.95
CA LYS A 858 4.63 11.46 -33.40
C LYS A 858 3.33 11.09 -34.11
N PRO A 859 2.57 10.07 -33.69
CA PRO A 859 1.28 9.83 -34.36
C PRO A 859 0.35 11.03 -34.29
N ARG A 860 0.32 11.72 -33.16
CA ARG A 860 -0.56 12.87 -33.02
C ARG A 860 -0.14 14.01 -33.95
N LEU A 861 1.15 14.32 -34.01
CA LEU A 861 1.61 15.34 -34.93
C LEU A 861 1.34 14.94 -36.36
N ARG A 862 1.45 13.65 -36.65
CA ARG A 862 1.16 13.15 -38.03
C ARG A 862 -0.33 13.28 -38.30
N THR A 863 -1.17 13.11 -37.27
CA THR A 863 -2.65 13.23 -37.43
C THR A 863 -3.05 14.67 -37.80
N THR A 864 -2.43 15.68 -37.16
CA THR A 864 -2.86 17.09 -37.40
C THR A 864 -2.66 17.47 -38.87
N ILE A 865 -1.50 17.12 -39.44
CA ILE A 865 -1.24 17.39 -40.88
C ILE A 865 -1.82 16.25 -41.71
N SER A 866 -2.02 16.44 -43.01
CA SER A 866 -2.46 15.31 -43.86
C SER A 866 -1.21 14.56 -44.34
N ARG A 867 -0.29 14.25 -43.42
CA ARG A 867 0.98 13.57 -43.76
C ARG A 867 1.74 14.39 -44.81
N ALA A 868 1.62 15.72 -44.75
CA ALA A 868 2.28 16.59 -45.74
C ALA A 868 3.80 16.49 -45.61
N LYS A 869 4.32 16.50 -44.37
CA LYS A 869 5.79 16.46 -44.15
C LYS A 869 6.14 15.33 -43.18
N PRO A 870 7.12 14.46 -43.52
CA PRO A 870 7.56 13.41 -42.58
C PRO A 870 8.14 14.04 -41.30
N VAL A 871 7.62 13.64 -40.13
CA VAL A 871 8.07 14.21 -38.88
C VAL A 871 9.38 13.51 -38.52
N TRP A 872 10.47 14.28 -38.49
CA TRP A 872 11.78 13.69 -38.26
C TRP A 872 12.04 13.55 -36.77
N TYR A 873 13.27 13.25 -36.39
CA TYR A 873 13.59 13.04 -34.98
C TYR A 873 15.03 13.46 -34.73
N ALA A 874 15.24 14.16 -33.61
CA ALA A 874 16.59 14.55 -33.19
C ALA A 874 16.70 14.31 -31.70
N GLY A 875 17.63 13.45 -31.29
CA GLY A 875 17.73 13.11 -29.90
C GLY A 875 18.74 12.00 -29.69
N ARG A 876 18.60 11.29 -28.58
CA ARG A 876 19.52 10.21 -28.25
C ARG A 876 19.03 8.87 -28.79
N ASP A 877 19.97 7.96 -28.99
CA ASP A 877 19.68 6.66 -29.55
C ASP A 877 19.02 5.76 -28.51
N PRO A 878 18.33 4.70 -28.94
CA PRO A 878 17.66 3.83 -27.97
C PRO A 878 18.64 3.14 -27.05
N ALA A 879 18.20 2.87 -25.83
CA ALA A 879 19.03 2.18 -24.86
C ALA A 879 18.14 1.50 -23.83
N ALA A 880 18.69 0.48 -23.19
CA ALA A 880 17.91 -0.30 -22.23
C ALA A 880 17.68 0.47 -20.94
N ALA A 881 18.75 1.10 -20.41
CA ALA A 881 18.73 1.84 -19.15
C ALA A 881 18.29 3.27 -19.37
N PRO A 882 17.66 3.89 -18.36
CA PRO A 882 17.20 5.27 -18.53
C PRO A 882 18.29 6.26 -18.86
N ALA A 883 19.49 6.09 -18.30
CA ALA A 883 20.59 7.00 -18.57
C ALA A 883 21.90 6.28 -18.27
N THR A 884 22.97 6.79 -18.87
CA THR A 884 24.28 6.16 -18.74
C THR A 884 24.96 6.57 -17.44
N GLY A 885 25.75 5.66 -16.88
CA GLY A 885 26.50 5.92 -15.67
C GLY A 885 27.85 6.54 -15.88
N ASN A 886 28.30 6.61 -17.13
CA ASN A 886 29.61 7.25 -17.45
C ASN A 886 29.36 8.72 -17.81
N LYS A 887 29.96 9.65 -17.07
CA LYS A 887 29.76 11.11 -17.31
C LYS A 887 30.31 11.51 -18.69
N LYS A 888 31.46 10.95 -19.10
CA LYS A 888 32.11 11.38 -20.37
C LYS A 888 31.20 11.12 -21.57
N THR A 889 30.58 9.94 -21.64
CA THR A 889 29.71 9.59 -22.81
C THR A 889 28.48 10.51 -22.84
N HIS A 890 27.93 10.87 -21.67
CA HIS A 890 26.69 11.69 -21.62
C HIS A 890 26.92 13.04 -22.30
N LEU A 891 28.07 13.66 -22.08
CA LEU A 891 28.40 14.98 -22.69
C LEU A 891 28.50 14.80 -24.22
N THR A 892 29.27 13.81 -24.67
CA THR A 892 29.39 13.52 -26.10
C THR A 892 28.04 13.26 -26.74
N GLU A 893 27.16 12.53 -26.05
CA GLU A 893 25.82 12.31 -26.57
C GLU A 893 25.07 13.62 -26.73
N LEU A 894 25.14 14.49 -25.73
CA LEU A 894 24.47 15.79 -25.85
C LEU A 894 25.03 16.61 -27.01
N GLN A 895 26.35 16.57 -27.19
CA GLN A 895 26.96 17.30 -28.29
C GLN A 895 26.49 16.80 -29.63
N ARG A 896 26.40 15.47 -29.81
CA ARG A 896 25.94 14.96 -31.10
C ARG A 896 24.46 15.25 -31.32
N LEU A 897 23.67 15.26 -30.23
CA LEU A 897 22.28 15.67 -30.32
C LEU A 897 22.17 17.09 -30.87
N LEU A 898 22.91 18.03 -30.29
CA LEU A 898 22.86 19.39 -30.79
C LEU A 898 23.46 19.51 -32.18
N ASP A 899 24.39 18.61 -32.54
CA ASP A 899 24.93 18.60 -33.90
C ASP A 899 23.87 18.25 -34.93
N THR A 900 23.08 17.20 -34.65
CA THR A 900 22.10 16.78 -35.64
C THR A 900 20.91 17.73 -35.70
N ALA A 901 20.63 18.45 -34.60
CA ALA A 901 19.47 19.33 -34.61
C ALA A 901 19.62 20.47 -35.60
N PHE A 902 20.81 21.04 -35.75
CA PHE A 902 21.01 22.25 -36.53
C PHE A 902 21.80 22.02 -37.82
N ASP A 903 21.81 20.80 -38.35
CA ASP A 903 22.63 20.53 -39.52
C ASP A 903 22.00 21.07 -40.80
N LEU A 904 20.67 21.00 -40.88
CA LEU A 904 19.84 21.45 -42.00
C LEU A 904 19.99 20.56 -43.24
N ASP A 905 20.74 19.45 -43.17
CA ASP A 905 20.85 18.56 -44.32
C ASP A 905 20.84 17.08 -43.95
N VAL A 906 20.66 16.74 -42.67
CA VAL A 906 20.71 15.33 -42.28
C VAL A 906 19.54 14.56 -42.90
N PHE A 907 18.35 15.17 -42.81
CA PHE A 907 17.12 14.51 -43.37
C PHE A 907 16.71 15.25 -44.64
N LYS A 908 17.27 16.44 -44.87
CA LYS A 908 16.87 17.25 -46.07
C LYS A 908 17.24 16.50 -47.34
N ASN A 909 18.42 15.86 -47.37
CA ASN A 909 18.84 15.08 -48.56
C ASN A 909 17.87 13.91 -48.78
N PHE A 910 17.44 13.25 -47.70
CA PHE A 910 16.48 12.12 -47.81
C PHE A 910 15.15 12.63 -48.38
N SER A 911 14.71 13.81 -47.94
CA SER A 911 13.43 14.38 -48.42
C SER A 911 13.68 15.35 -49.58
N LEU B 11 10.68 -11.28 55.84
CA LEU B 11 11.31 -12.02 54.76
C LEU B 11 10.39 -13.13 54.28
N VAL B 12 9.16 -13.12 54.78
CA VAL B 12 8.21 -14.18 54.44
C VAL B 12 7.94 -14.21 52.95
N GLU B 13 7.85 -13.03 52.32
CA GLU B 13 7.68 -12.96 50.87
C GLU B 13 8.45 -11.79 50.28
N ASP B 14 9.49 -11.32 50.96
CA ASP B 14 10.30 -10.24 50.42
C ASP B 14 11.22 -10.73 49.31
N HIS B 15 11.71 -11.98 49.38
CA HIS B 15 12.50 -12.53 48.30
C HIS B 15 11.75 -12.46 46.98
N LEU B 16 10.42 -12.57 47.04
CA LEU B 16 9.61 -12.44 45.83
C LEU B 16 9.96 -11.19 45.06
N ALA B 17 10.07 -10.04 45.76
CA ALA B 17 10.39 -8.80 45.08
C ALA B 17 11.68 -8.93 44.30
N VAL B 18 12.72 -9.52 44.91
CA VAL B 18 13.99 -9.70 44.23
C VAL B 18 13.81 -10.48 42.94
N GLN B 19 13.01 -11.54 42.99
CA GLN B 19 12.66 -12.24 41.76
C GLN B 19 12.15 -11.26 40.72
N SER B 20 11.07 -10.54 41.05
CA SER B 20 10.55 -9.54 40.13
C SER B 20 11.60 -8.51 39.77
N LEU B 21 12.49 -8.20 40.72
CA LEU B 21 13.57 -7.26 40.43
C LEU B 21 14.32 -7.69 39.19
N ILE B 22 14.75 -8.94 39.15
CA ILE B 22 15.56 -9.40 38.03
C ILE B 22 14.77 -9.29 36.73
N ARG B 23 13.48 -9.67 36.76
CA ARG B 23 12.61 -9.42 35.61
C ARG B 23 12.92 -8.08 34.99
N ALA B 24 12.75 -7.02 35.78
CA ALA B 24 12.88 -5.67 35.25
C ALA B 24 14.11 -5.54 34.38
N TYR B 25 15.29 -5.85 34.94
CA TYR B 25 16.50 -5.63 34.19
C TYR B 25 16.49 -6.44 32.92
N GLN B 26 16.29 -7.75 33.04
CA GLN B 26 16.39 -8.60 31.86
C GLN B 26 15.31 -8.27 30.85
N ILE B 27 14.25 -7.59 31.28
CA ILE B 27 13.12 -7.32 30.33
C ILE B 27 13.06 -5.82 30.04
N ARG B 28 13.80 -4.98 30.77
CA ARG B 28 13.63 -3.55 30.58
C ARG B 28 14.90 -2.74 30.72
N GLY B 29 16.02 -3.36 31.11
CA GLY B 29 17.24 -2.59 31.34
C GLY B 29 17.67 -1.80 30.13
N HIS B 30 17.44 -2.34 28.93
CA HIS B 30 17.86 -1.65 27.72
C HIS B 30 17.12 -0.35 27.50
N HIS B 31 16.05 -0.08 28.24
CA HIS B 31 15.37 1.20 28.14
C HIS B 31 16.11 2.31 28.87
N VAL B 32 17.09 1.98 29.70
CA VAL B 32 17.85 2.97 30.45
C VAL B 32 19.34 2.85 30.20
N ALA B 33 19.74 2.21 29.11
CA ALA B 33 21.15 2.07 28.78
C ALA B 33 21.66 3.33 28.09
N GLN B 34 22.98 3.52 28.13
CA GLN B 34 23.62 4.70 27.56
C GLN B 34 24.15 4.37 26.17
N LEU B 35 23.22 4.29 25.22
CA LEU B 35 23.56 3.91 23.86
C LEU B 35 23.92 5.11 22.98
N ASP B 36 23.32 6.27 23.23
CA ASP B 36 23.65 7.43 22.42
C ASP B 36 25.10 7.88 22.64
N PRO B 37 25.83 8.23 21.60
CA PRO B 37 27.21 8.70 21.80
C PRO B 37 27.27 10.19 22.11
N LEU B 38 26.38 10.98 21.52
CA LEU B 38 26.39 12.45 21.69
C LEU B 38 26.15 12.78 23.15
N GLY B 39 25.16 12.15 23.78
CA GLY B 39 24.80 12.49 25.18
C GLY B 39 23.37 12.96 25.20
N ILE B 40 22.99 13.83 24.25
CA ILE B 40 21.57 14.24 24.10
C ILE B 40 20.96 13.19 23.19
N LEU B 41 19.65 13.22 22.95
CA LEU B 41 18.94 12.26 22.05
C LEU B 41 18.92 10.84 22.62
N ASP B 42 17.79 10.37 23.16
CA ASP B 42 17.70 8.95 23.59
C ASP B 42 17.35 8.11 22.37
N ALA B 43 18.15 7.10 21.99
CA ALA B 43 17.80 6.34 20.76
C ALA B 43 16.44 5.67 20.87
N ASP B 44 15.99 5.32 22.08
CA ASP B 44 14.71 4.60 22.27
C ASP B 44 13.53 5.57 22.22
N LEU B 45 13.78 6.85 21.89
CA LEU B 45 12.72 7.88 21.78
C LEU B 45 11.97 8.01 23.12
N ASP B 46 12.43 7.32 24.16
CA ASP B 46 11.79 7.44 25.50
C ASP B 46 12.80 8.02 26.50
N SER B 47 12.49 9.17 27.10
CA SER B 47 13.37 9.74 28.15
C SER B 47 12.90 9.28 29.53
N SER B 48 11.70 8.69 29.61
CA SER B 48 11.12 8.27 30.91
C SER B 48 11.92 7.09 31.48
N VAL B 49 11.97 6.98 32.82
CA VAL B 49 12.68 5.85 33.48
C VAL B 49 11.62 4.92 34.07
N PRO B 50 11.62 3.61 33.75
CA PRO B 50 10.58 2.69 34.24
C PRO B 50 10.61 2.57 35.77
N ALA B 51 9.43 2.47 36.39
CA ALA B 51 9.36 2.28 37.86
C ALA B 51 10.03 0.96 38.22
N ASP B 52 10.01 -0.01 37.32
CA ASP B 52 10.69 -1.30 37.61
C ASP B 52 12.17 -1.08 37.93
N ILE B 53 12.92 -0.39 37.07
CA ILE B 53 14.38 -0.23 37.27
C ILE B 53 14.64 0.66 38.48
N ILE B 54 15.63 0.31 39.32
CA ILE B 54 15.97 1.11 40.52
C ILE B 54 17.18 1.98 40.18
N SER B 55 16.97 3.26 39.85
CA SER B 55 18.13 4.17 39.61
C SER B 55 18.42 4.94 40.91
N SER B 56 17.37 5.22 41.70
CA SER B 56 17.52 5.90 42.97
C SER B 56 16.93 5.02 44.06
N THR B 57 17.48 5.13 45.27
CA THR B 57 17.09 4.24 46.35
C THR B 57 15.63 4.39 46.72
N ASP B 58 15.01 5.55 46.45
CA ASP B 58 13.62 5.76 46.81
C ASP B 58 12.72 4.71 46.16
N LYS B 59 13.02 4.33 44.93
CA LYS B 59 12.20 3.36 44.20
C LYS B 59 12.26 1.97 44.80
N LEU B 60 13.15 1.72 45.77
CA LEU B 60 13.03 0.49 46.55
C LEU B 60 11.66 0.36 47.17
N GLY B 61 11.03 1.48 47.53
CA GLY B 61 9.68 1.43 48.07
C GLY B 61 8.67 0.86 47.09
N PHE B 62 8.97 0.93 45.79
CA PHE B 62 8.11 0.30 44.80
C PHE B 62 8.02 -1.21 45.03
N TYR B 63 9.10 -1.81 45.49
CA TYR B 63 9.13 -3.25 45.74
C TYR B 63 8.88 -3.60 47.20
N GLY B 64 8.54 -2.60 48.03
CA GLY B 64 8.38 -2.86 49.44
C GLY B 64 9.67 -3.07 50.19
N LEU B 65 10.74 -2.38 49.77
CA LEU B 65 12.05 -2.49 50.40
C LEU B 65 12.54 -1.11 50.79
N ASP B 66 13.37 -1.06 51.84
CA ASP B 66 13.95 0.17 52.33
C ASP B 66 15.47 0.09 52.22
N GLU B 67 16.15 1.13 52.73
CA GLU B 67 17.60 1.20 52.65
C GLU B 67 18.28 0.11 53.47
N SER B 68 17.62 -0.44 54.48
CA SER B 68 18.25 -1.45 55.32
C SER B 68 18.35 -2.80 54.63
N ASP B 69 17.66 -3.00 53.51
CA ASP B 69 17.64 -4.28 52.84
C ASP B 69 18.84 -4.49 51.92
N LEU B 70 19.67 -3.47 51.74
CA LEU B 70 20.75 -3.55 50.76
C LEU B 70 21.82 -4.56 51.17
N ASP B 71 22.17 -4.64 52.45
CA ASP B 71 23.20 -5.57 52.88
C ASP B 71 22.67 -6.98 53.09
N LYS B 72 21.36 -7.19 53.14
CA LYS B 72 20.91 -8.56 53.46
C LYS B 72 21.40 -9.48 52.34
N VAL B 73 21.61 -10.77 52.62
CA VAL B 73 22.21 -11.66 51.58
C VAL B 73 21.11 -12.51 50.93
N PHE B 74 21.03 -12.48 49.60
CA PHE B 74 19.94 -13.20 48.88
C PHE B 74 20.54 -14.35 48.07
N HIS B 75 19.77 -15.41 47.85
CA HIS B 75 20.21 -16.59 47.10
C HIS B 75 19.65 -16.49 45.68
N LEU B 76 20.55 -16.61 44.70
CA LEU B 76 20.20 -16.37 43.31
C LEU B 76 19.47 -17.57 42.71
N PRO B 77 18.70 -17.39 41.60
CA PRO B 77 18.11 -18.52 40.88
C PRO B 77 18.99 -19.03 39.74
N THR B 78 18.50 -19.96 38.92
CA THR B 78 19.31 -20.56 37.82
C THR B 78 19.08 -19.78 36.53
N THR B 79 18.24 -18.74 36.59
CA THR B 79 18.01 -17.87 35.41
C THR B 79 18.96 -16.68 35.50
N THR B 80 19.94 -16.74 36.41
CA THR B 80 20.98 -15.68 36.50
C THR B 80 22.37 -16.30 36.57
N PHE B 81 23.33 -15.69 35.89
CA PHE B 81 24.74 -16.17 35.92
C PHE B 81 25.65 -15.06 36.49
N ILE B 82 25.08 -14.02 37.08
CA ILE B 82 25.86 -12.88 37.64
C ILE B 82 26.74 -13.39 38.77
N GLY B 83 26.24 -14.35 39.54
CA GLY B 83 26.96 -14.85 40.73
C GLY B 83 28.30 -15.43 40.39
N GLY B 84 28.43 -16.05 39.22
CA GLY B 84 29.67 -16.75 38.85
C GLY B 84 29.91 -17.90 39.81
N GLN B 85 31.05 -17.93 40.47
CA GLN B 85 31.32 -18.98 41.49
C GLN B 85 30.32 -18.86 42.63
N GLU B 86 29.99 -17.64 43.06
CA GLU B 86 29.11 -17.43 44.24
C GLU B 86 27.67 -17.91 44.00
N SER B 87 27.02 -18.44 45.03
CA SER B 87 25.61 -18.87 44.92
C SER B 87 24.71 -17.88 45.68
N ALA B 88 25.31 -16.95 46.41
CA ALA B 88 24.52 -15.96 47.19
C ALA B 88 25.23 -14.60 47.14
N LEU B 89 24.49 -13.50 47.31
CA LEU B 89 25.10 -12.19 47.17
C LEU B 89 24.31 -11.19 48.00
N PRO B 90 24.95 -10.12 48.46
CA PRO B 90 24.18 -8.99 48.98
C PRO B 90 23.44 -8.29 47.84
N LEU B 91 22.26 -7.78 48.15
CA LEU B 91 21.47 -7.10 47.12
C LEU B 91 22.21 -5.88 46.57
N ARG B 92 23.10 -5.32 47.37
CA ARG B 92 24.02 -4.28 46.89
C ARG B 92 24.76 -4.75 45.64
N GLU B 93 25.48 -5.87 45.77
CA GLU B 93 26.28 -6.40 44.68
C GLU B 93 25.39 -6.92 43.56
N ILE B 94 24.20 -7.43 43.90
CA ILE B 94 23.27 -7.90 42.87
C ILE B 94 22.87 -6.76 41.96
N ILE B 95 22.46 -5.64 42.55
CA ILE B 95 22.10 -4.48 41.73
C ILE B 95 23.30 -3.99 40.95
N ARG B 96 24.49 -3.99 41.57
CA ARG B 96 25.66 -3.50 40.86
C ARG B 96 25.94 -4.36 39.63
N ARG B 97 25.93 -5.68 39.81
CA ARG B 97 26.20 -6.62 38.67
C ARG B 97 25.13 -6.43 37.58
N LEU B 98 23.86 -6.37 37.96
CA LEU B 98 22.75 -6.25 36.96
C LEU B 98 22.87 -4.94 36.18
N GLU B 99 23.21 -3.85 36.85
CA GLU B 99 23.35 -2.53 36.17
C GLU B 99 24.50 -2.61 35.15
N MET B 100 25.62 -3.25 35.52
CA MET B 100 26.73 -3.44 34.55
C MET B 100 26.28 -4.35 33.40
N ALA B 101 25.51 -5.40 33.71
CA ALA B 101 25.10 -6.39 32.69
C ALA B 101 24.20 -5.78 31.61
N TYR B 102 23.26 -4.89 31.96
CA TYR B 102 22.30 -4.42 30.93
C TYR B 102 22.20 -2.89 30.81
N CYS B 103 22.65 -2.12 31.79
CA CYS B 103 22.40 -0.66 31.70
C CYS B 103 23.74 0.07 31.53
N GLN B 104 24.42 -0.12 30.41
CA GLN B 104 25.73 0.52 30.18
C GLN B 104 25.89 0.82 28.71
N HIS B 105 26.77 0.11 28.03
CA HIS B 105 27.05 0.43 26.61
C HIS B 105 26.43 -0.64 25.72
N ILE B 106 25.87 -1.68 26.31
CA ILE B 106 25.21 -2.75 25.59
C ILE B 106 23.79 -2.92 26.11
N GLY B 107 22.82 -2.93 25.20
CA GLY B 107 21.44 -3.23 25.54
C GLY B 107 20.94 -4.45 24.78
N VAL B 108 20.43 -5.44 25.49
CA VAL B 108 20.06 -6.72 24.91
C VAL B 108 18.55 -6.87 24.97
N GLU B 109 17.94 -7.19 23.84
CA GLU B 109 16.50 -7.40 23.72
C GLU B 109 16.29 -8.84 23.28
N PHE B 110 15.97 -9.72 24.23
CA PHE B 110 15.90 -11.15 23.95
C PHE B 110 14.81 -11.91 24.68
N MET B 111 13.94 -11.26 25.45
CA MET B 111 13.02 -12.00 26.29
C MET B 111 11.72 -12.41 25.61
N PHE B 112 11.56 -12.13 24.33
CA PHE B 112 10.34 -12.53 23.64
C PHE B 112 10.42 -13.93 23.06
N ILE B 113 11.59 -14.56 23.09
CA ILE B 113 11.70 -15.91 22.55
C ILE B 113 11.22 -16.93 23.59
N ASN B 114 10.60 -17.99 23.10
CA ASN B 114 9.98 -18.95 24.06
C ASN B 114 10.76 -20.25 24.03
N ASP B 115 12.07 -20.20 23.85
CA ASP B 115 12.90 -21.42 23.97
C ASP B 115 13.83 -21.17 25.14
N LEU B 116 13.81 -22.02 26.16
CA LEU B 116 14.66 -21.83 27.36
C LEU B 116 16.14 -21.96 27.01
N GLU B 117 16.54 -22.90 26.17
CA GLU B 117 17.97 -23.13 25.87
C GLU B 117 18.59 -21.94 25.15
N GLN B 118 17.81 -21.18 24.39
CA GLN B 118 18.31 -19.96 23.70
C GLN B 118 18.46 -18.81 24.70
N CYS B 119 17.61 -18.72 25.71
CA CYS B 119 17.67 -17.70 26.75
C CYS B 119 18.82 -17.97 27.71
N GLN B 120 19.03 -19.24 28.08
CA GLN B 120 20.15 -19.56 28.96
C GLN B 120 21.48 -19.25 28.27
N TRP B 121 21.58 -19.54 26.98
CA TRP B 121 22.79 -19.23 26.24
C TRP B 121 23.09 -17.74 26.28
N ILE B 122 22.08 -16.92 26.01
CA ILE B 122 22.29 -15.47 25.98
C ILE B 122 22.66 -14.95 27.36
N ARG B 123 21.96 -15.44 28.40
CA ARG B 123 22.26 -14.99 29.75
C ARG B 123 23.68 -15.35 30.15
N GLN B 124 24.13 -16.56 29.80
CA GLN B 124 25.50 -16.94 30.11
C GLN B 124 26.49 -16.07 29.36
N LYS B 125 26.18 -15.72 28.11
CA LYS B 125 27.12 -14.92 27.33
C LYS B 125 27.27 -13.52 27.89
N PHE B 126 26.18 -12.95 28.42
CA PHE B 126 26.22 -11.52 28.74
C PHE B 126 26.24 -11.20 30.23
N GLU B 127 25.97 -12.16 31.11
CA GLU B 127 25.87 -11.83 32.53
C GLU B 127 27.07 -12.30 33.35
N THR B 128 27.84 -13.26 32.87
CA THR B 128 28.91 -13.80 33.69
C THR B 128 30.03 -12.76 33.87
N PRO B 129 30.70 -12.65 35.04
CA PRO B 129 31.70 -11.58 35.24
C PRO B 129 33.06 -11.81 34.57
N GLY B 130 33.59 -10.80 33.88
CA GLY B 130 34.95 -10.89 33.31
C GLY B 130 35.01 -11.59 31.95
N ILE B 131 33.85 -11.97 31.39
CA ILE B 131 33.86 -12.73 30.10
C ILE B 131 34.46 -11.86 28.99
N MET B 132 34.10 -10.56 28.98
CA MET B 132 34.52 -9.63 27.92
C MET B 132 35.94 -9.14 28.18
N GLN B 133 36.94 -9.99 27.99
CA GLN B 133 38.35 -9.61 28.26
C GLN B 133 39.12 -9.69 26.95
N PHE B 134 39.84 -8.63 26.59
CA PHE B 134 40.54 -8.60 25.28
C PHE B 134 42.06 -8.61 25.48
N THR B 135 42.77 -9.41 24.68
CA THR B 135 44.25 -9.48 24.78
C THR B 135 44.88 -8.21 24.21
N ASN B 136 46.11 -7.90 24.58
CA ASN B 136 46.81 -6.69 24.08
C ASN B 136 46.95 -6.79 22.55
N GLU B 137 47.22 -7.99 22.03
CA GLU B 137 47.36 -8.18 20.56
C GLU B 137 46.03 -7.85 19.87
N GLU B 138 44.91 -8.25 20.47
CA GLU B 138 43.56 -7.92 19.89
C GLU B 138 43.38 -6.40 19.87
N LYS B 139 43.80 -5.71 20.94
CA LYS B 139 43.71 -4.22 20.97
C LYS B 139 44.59 -3.65 19.87
N ARG B 140 45.78 -4.22 19.65
CA ARG B 140 46.71 -3.73 18.60
C ARG B 140 46.04 -3.86 17.23
N THR B 141 45.46 -5.02 16.93
CA THR B 141 44.80 -5.21 15.65
C THR B 141 43.64 -4.23 15.47
N LEU B 142 42.86 -4.02 16.52
CA LEU B 142 41.76 -3.08 16.47
C LEU B 142 42.26 -1.67 16.21
N LEU B 143 43.35 -1.28 16.87
CA LEU B 143 43.91 0.04 16.65
C LEU B 143 44.34 0.23 15.20
N ALA B 144 45.01 -0.77 14.63
CA ALA B 144 45.43 -0.68 13.24
C ALA B 144 44.24 -0.53 12.30
N ARG B 145 43.20 -1.32 12.51
CA ARG B 145 42.03 -1.24 11.64
C ARG B 145 41.33 0.10 11.75
N LEU B 146 41.23 0.64 12.97
CA LEU B 146 40.63 1.96 13.14
C LEU B 146 41.44 3.04 12.44
N VAL B 147 42.77 2.96 12.54
CA VAL B 147 43.62 3.94 11.87
C VAL B 147 43.37 3.93 10.39
N ARG B 148 43.32 2.74 9.81
CA ARG B 148 43.10 2.62 8.37
C ARG B 148 41.75 3.19 7.97
N SER B 149 40.70 2.83 8.73
CA SER B 149 39.37 3.30 8.40
C SER B 149 39.26 4.82 8.45
N THR B 150 39.96 5.46 9.39
CA THR B 150 39.89 6.91 9.48
C THR B 150 40.71 7.59 8.39
N ARG B 151 41.95 7.13 8.19
CA ARG B 151 42.84 7.82 7.26
C ARG B 151 42.37 7.68 5.82
N PHE B 152 41.66 6.61 5.47
CA PHE B 152 41.15 6.51 4.12
C PHE B 152 40.19 7.65 3.80
N GLU B 153 39.26 7.94 4.72
CA GLU B 153 38.31 9.02 4.48
C GLU B 153 39.00 10.38 4.53
N GLU B 154 40.00 10.53 5.41
CA GLU B 154 40.77 11.77 5.41
C GLU B 154 41.41 12.01 4.04
N PHE B 155 42.01 10.98 3.47
CA PHE B 155 42.63 11.10 2.16
C PHE B 155 41.60 11.42 1.08
N LEU B 156 40.43 10.79 1.15
CA LEU B 156 39.39 11.10 0.17
C LEU B 156 38.99 12.57 0.25
N GLN B 157 38.88 13.12 1.45
CA GLN B 157 38.63 14.54 1.56
C GLN B 157 39.73 15.37 0.94
N ARG B 158 41.00 15.05 1.23
CA ARG B 158 42.08 15.90 0.74
C ARG B 158 42.17 15.87 -0.78
N LYS B 159 41.83 14.77 -1.43
CA LYS B 159 42.06 14.73 -2.89
C LYS B 159 40.83 15.10 -3.72
N TRP B 160 39.61 14.88 -3.20
CA TRP B 160 38.37 15.15 -3.99
C TRP B 160 37.34 15.83 -3.10
N SER B 161 37.52 17.13 -2.81
CA SER B 161 36.61 17.88 -1.89
C SER B 161 35.20 18.03 -2.44
N SER B 162 35.02 18.18 -3.76
CA SER B 162 33.67 18.49 -4.30
C SER B 162 32.76 17.27 -4.46
N GLU B 163 33.30 16.07 -4.60
CA GLU B 163 32.46 14.88 -4.91
C GLU B 163 31.60 14.45 -3.72
N LYS B 164 30.52 13.69 -3.98
CA LYS B 164 29.62 13.20 -2.89
C LYS B 164 30.09 11.81 -2.46
N ARG B 165 31.10 11.74 -1.58
CA ARG B 165 31.69 10.45 -1.15
C ARG B 165 30.72 9.57 -0.36
N PHE B 166 29.79 10.15 0.41
CA PHE B 166 28.91 9.33 1.31
C PHE B 166 29.81 8.56 2.28
N GLY B 167 30.81 9.25 2.85
CA GLY B 167 31.79 8.59 3.75
C GLY B 167 31.24 8.22 5.12
N LEU B 168 31.97 7.36 5.85
CA LEU B 168 31.48 6.86 7.17
C LEU B 168 32.02 7.68 8.35
N GLU B 169 32.19 9.00 8.22
CA GLU B 169 32.59 9.76 9.42
C GLU B 169 31.48 9.72 10.45
N GLY B 170 31.83 9.37 11.68
CA GLY B 170 30.88 9.17 12.75
C GLY B 170 30.67 7.71 13.10
N CYS B 171 30.80 6.82 12.13
CA CYS B 171 30.75 5.38 12.36
C CYS B 171 31.99 4.76 11.70
N GLU B 172 33.12 4.83 12.38
CA GLU B 172 34.34 4.22 11.88
C GLU B 172 34.61 2.85 12.46
N VAL B 173 33.72 2.36 13.33
CA VAL B 173 33.91 1.05 13.93
C VAL B 173 33.22 -0.04 13.12
N LEU B 174 32.64 0.31 11.98
CA LEU B 174 31.97 -0.69 11.15
C LEU B 174 32.97 -1.65 10.52
N ILE B 175 34.11 -1.14 10.05
CA ILE B 175 35.09 -2.00 9.40
C ILE B 175 35.65 -3.06 10.35
N PRO B 176 36.14 -2.73 11.55
CA PRO B 176 36.57 -3.78 12.47
C PRO B 176 35.47 -4.74 12.85
N ALA B 177 34.23 -4.26 12.93
CA ALA B 177 33.11 -5.14 13.25
C ALA B 177 32.91 -6.19 12.18
N LEU B 178 32.87 -5.77 10.91
CA LEU B 178 32.71 -6.74 9.83
C LEU B 178 33.89 -7.71 9.78
N LYS B 179 35.11 -7.21 9.99
CA LYS B 179 36.26 -8.11 9.97
C LYS B 179 36.17 -9.14 11.09
N THR B 180 35.72 -8.73 12.29
CA THR B 180 35.58 -9.67 13.39
C THR B 180 34.51 -10.72 13.09
N ILE B 181 33.38 -10.31 12.51
CA ILE B 181 32.34 -11.26 12.17
C ILE B 181 32.87 -12.30 11.18
N ILE B 182 33.55 -11.83 10.13
CA ILE B 182 34.06 -12.76 9.13
C ILE B 182 35.11 -13.69 9.71
N ASP B 183 35.95 -13.18 10.60
CA ASP B 183 37.00 -14.04 11.18
C ASP B 183 36.39 -15.12 12.06
N LYS B 184 35.41 -14.77 12.89
CA LYS B 184 34.78 -15.78 13.73
C LYS B 184 34.04 -16.81 12.89
N SER B 185 33.35 -16.37 11.84
CA SER B 185 32.69 -17.33 10.96
C SER B 185 33.69 -18.25 10.30
N SER B 186 34.82 -17.72 9.83
CA SER B 186 35.85 -18.57 9.24
C SER B 186 36.38 -19.58 10.25
N GLU B 187 36.51 -19.17 11.50
CA GLU B 187 36.83 -20.12 12.55
C GLU B 187 35.80 -21.24 12.65
N ASN B 188 34.51 -20.91 12.51
CA ASN B 188 33.44 -21.89 12.66
C ASN B 188 33.17 -22.70 11.39
N GLY B 189 34.04 -22.62 10.39
CA GLY B 189 33.94 -23.48 9.23
C GLY B 189 33.35 -22.88 7.97
N VAL B 190 33.06 -21.57 7.96
CA VAL B 190 32.49 -20.96 6.77
C VAL B 190 33.58 -20.71 5.74
N ASP B 191 33.26 -20.91 4.47
CA ASP B 191 34.22 -20.69 3.39
C ASP B 191 33.74 -19.73 2.32
N TYR B 192 32.53 -19.20 2.40
CA TYR B 192 32.01 -18.39 1.31
C TYR B 192 30.99 -17.44 1.90
N VAL B 193 31.21 -16.13 1.72
CA VAL B 193 30.37 -15.10 2.33
C VAL B 193 29.82 -14.22 1.23
N ILE B 194 28.53 -13.90 1.30
CA ILE B 194 27.87 -13.05 0.33
C ILE B 194 27.29 -11.85 1.06
N MET B 195 27.51 -10.65 0.52
CA MET B 195 27.18 -9.42 1.22
C MET B 195 26.35 -8.50 0.34
N GLY B 196 25.50 -7.73 0.99
CA GLY B 196 24.76 -6.67 0.33
C GLY B 196 24.78 -5.44 1.21
N MET B 197 24.84 -4.27 0.56
CA MET B 197 25.15 -3.07 1.32
C MET B 197 24.61 -1.82 0.64
N PRO B 198 24.13 -0.84 1.39
CA PRO B 198 23.65 0.40 0.78
C PRO B 198 24.76 1.37 0.45
N HIS B 199 24.37 2.60 0.08
CA HIS B 199 25.31 3.61 -0.38
C HIS B 199 26.33 3.99 0.69
N ARG B 200 25.89 4.13 1.94
CA ARG B 200 26.73 4.75 2.96
C ARG B 200 27.92 3.86 3.31
N GLY B 201 29.12 4.33 3.00
CA GLY B 201 30.33 3.63 3.39
C GLY B 201 30.79 2.56 2.43
N ARG B 202 30.32 2.59 1.19
CA ARG B 202 30.63 1.50 0.27
C ARG B 202 32.10 1.47 -0.10
N LEU B 203 32.68 2.63 -0.38
CA LEU B 203 34.07 2.67 -0.83
C LEU B 203 35.02 2.19 0.25
N ASN B 204 34.76 2.55 1.51
CA ASN B 204 35.62 2.12 2.60
C ASN B 204 35.62 0.60 2.72
N VAL B 205 34.45 -0.02 2.56
CA VAL B 205 34.38 -1.48 2.61
C VAL B 205 35.05 -2.09 1.39
N LEU B 206 34.88 -1.48 0.21
CA LEU B 206 35.55 -1.98 -0.99
C LEU B 206 37.07 -1.88 -0.87
N ALA B 207 37.58 -0.99 -0.04
CA ALA B 207 39.02 -0.84 0.09
C ALA B 207 39.62 -1.57 1.27
N ASN B 208 38.84 -1.80 2.32
CA ASN B 208 39.48 -2.37 3.54
C ASN B 208 38.90 -3.71 3.99
N VAL B 209 37.76 -4.17 3.48
CA VAL B 209 37.24 -5.53 3.84
C VAL B 209 37.46 -6.46 2.65
N ILE B 210 36.82 -6.20 1.51
CA ILE B 210 37.12 -6.96 0.26
C ILE B 210 38.28 -6.22 -0.39
N ARG B 211 39.52 -6.62 -0.14
CA ARG B 211 40.72 -5.86 -0.60
C ARG B 211 40.80 -5.56 -2.10
N LYS B 212 39.76 -5.05 -2.74
CA LYS B 212 39.78 -4.58 -4.16
C LYS B 212 41.01 -3.69 -4.32
N GLU B 213 41.71 -3.80 -5.46
CA GLU B 213 42.96 -3.02 -5.66
C GLU B 213 42.66 -1.52 -5.51
N LEU B 214 43.35 -0.85 -4.58
CA LEU B 214 43.14 0.57 -4.34
C LEU B 214 43.30 1.40 -5.61
N GLU B 215 44.12 0.91 -6.52
CA GLU B 215 44.47 1.68 -7.71
C GLU B 215 43.25 1.84 -8.61
N GLN B 216 42.43 0.79 -8.70
CA GLN B 216 41.17 0.90 -9.43
C GLN B 216 40.17 1.79 -8.70
N ILE B 217 40.15 1.75 -7.37
CA ILE B 217 39.26 2.69 -6.63
C ILE B 217 39.58 4.12 -7.07
N PHE B 218 40.86 4.50 -7.02
CA PHE B 218 41.27 5.87 -7.44
C PHE B 218 40.98 6.09 -8.93
N CYS B 219 41.16 5.05 -9.75
CA CYS B 219 40.93 5.15 -11.22
C CYS B 219 39.48 5.55 -11.51
N GLN B 220 38.53 5.03 -10.72
CA GLN B 220 37.08 5.32 -10.95
C GLN B 220 36.86 6.84 -10.83
N PHE B 221 37.57 7.50 -9.92
CA PHE B 221 37.36 8.96 -9.68
C PHE B 221 37.83 9.79 -10.87
N ASP B 222 38.64 9.22 -11.77
CA ASP B 222 39.22 10.02 -12.88
C ASP B 222 38.09 10.51 -13.80
N SER B 223 38.07 11.81 -14.11
CA SER B 223 37.05 12.37 -15.04
C SER B 223 37.27 11.81 -16.45
N LYS B 224 38.52 11.69 -16.88
CA LYS B 224 38.84 11.22 -18.26
C LYS B 224 38.75 9.69 -18.31
N LEU B 225 37.57 9.13 -17.99
CA LEU B 225 37.40 7.68 -18.02
C LEU B 225 36.38 7.30 -19.10
N GLU B 226 36.75 6.33 -19.92
CA GLU B 226 35.85 5.71 -20.87
C GLU B 226 35.56 4.26 -20.49
N ALA B 227 34.37 3.79 -20.86
CA ALA B 227 34.03 2.38 -20.74
C ALA B 227 34.12 1.74 -22.12
N ALA B 228 35.06 0.80 -22.28
CA ALA B 228 35.23 0.17 -23.58
C ALA B 228 34.20 -0.94 -23.79
N ASP B 229 33.48 -1.28 -22.72
CA ASP B 229 32.41 -2.31 -22.83
C ASP B 229 31.21 -1.72 -23.57
N GLU B 230 30.40 -2.57 -24.20
CA GLU B 230 29.20 -2.09 -24.92
C GLU B 230 27.99 -2.10 -23.98
N GLY B 231 27.98 -1.18 -23.00
CA GLY B 231 26.86 -1.11 -22.04
C GLY B 231 26.77 0.27 -21.42
N SER B 232 25.59 0.63 -20.90
CA SER B 232 25.39 1.97 -20.28
C SER B 232 26.33 2.15 -19.08
N GLY B 233 26.47 1.13 -18.24
CA GLY B 233 27.34 1.24 -17.05
C GLY B 233 26.58 1.76 -15.85
N ASP B 234 27.25 1.85 -14.69
CA ASP B 234 26.57 2.30 -13.45
C ASP B 234 27.51 3.19 -12.63
N VAL B 235 26.97 3.85 -11.60
CA VAL B 235 27.79 4.79 -10.77
C VAL B 235 28.75 3.99 -9.89
N LYS B 236 29.71 4.66 -9.25
CA LYS B 236 30.74 3.97 -8.44
C LYS B 236 30.13 3.21 -7.24
N TYR B 237 28.94 3.60 -6.78
CA TYR B 237 28.31 2.93 -5.60
C TYR B 237 27.43 1.75 -6.04
N HIS B 238 27.44 1.39 -7.32
CA HIS B 238 26.66 0.20 -7.76
C HIS B 238 27.55 -0.67 -8.65
N LEU B 239 28.36 -1.56 -8.06
CA LEU B 239 29.27 -2.44 -8.84
C LEU B 239 29.59 -3.69 -8.01
N GLY B 240 29.85 -4.85 -8.65
CA GLY B 240 30.08 -6.08 -7.87
C GLY B 240 31.52 -6.51 -7.80
N MET B 241 31.98 -6.96 -6.63
CA MET B 241 33.40 -7.36 -6.46
C MET B 241 33.53 -8.74 -5.82
N TYR B 242 34.27 -9.65 -6.48
CA TYR B 242 34.49 -11.04 -5.98
C TYR B 242 35.99 -11.18 -5.72
N HIS B 243 36.36 -11.61 -4.51
CA HIS B 243 37.80 -11.72 -4.15
C HIS B 243 37.99 -12.82 -3.09
N ARG B 244 38.94 -13.73 -3.32
CA ARG B 244 39.24 -14.78 -2.31
C ARG B 244 40.59 -14.44 -1.66
N ARG B 245 40.62 -14.34 -0.33
CA ARG B 245 41.87 -13.95 0.38
C ARG B 245 42.08 -14.86 1.59
N ILE B 246 43.34 -15.14 1.92
CA ILE B 246 43.64 -15.95 3.13
C ILE B 246 43.31 -15.07 4.35
N ASN B 247 42.57 -15.58 5.32
CA ASN B 247 42.37 -14.79 6.57
C ASN B 247 43.70 -14.78 7.33
N ARG B 248 44.05 -13.63 7.92
CA ARG B 248 45.30 -13.53 8.71
C ARG B 248 45.16 -14.38 9.99
N VAL B 249 44.13 -14.10 10.80
CA VAL B 249 43.98 -14.81 12.11
C VAL B 249 43.78 -16.31 11.88
N THR B 250 42.91 -16.69 10.93
CA THR B 250 42.64 -18.13 10.68
C THR B 250 43.71 -18.71 9.75
N ASP B 251 43.83 -20.04 9.70
CA ASP B 251 44.79 -20.68 8.76
C ASP B 251 44.06 -21.03 7.45
N ARG B 252 42.77 -20.70 7.36
CA ARG B 252 41.97 -21.09 6.17
C ARG B 252 41.72 -19.88 5.26
N ASN B 253 41.34 -20.11 4.01
CA ASN B 253 41.00 -19.00 3.08
C ASN B 253 39.49 -18.74 3.10
N ILE B 254 39.04 -17.65 2.48
CA ILE B 254 37.60 -17.28 2.45
C ILE B 254 37.32 -16.51 1.17
N THR B 255 36.18 -16.74 0.54
CA THR B 255 35.80 -15.99 -0.68
C THR B 255 34.74 -14.96 -0.28
N LEU B 256 34.93 -13.70 -0.66
CA LEU B 256 34.00 -12.61 -0.30
C LEU B 256 33.41 -12.04 -1.57
N SER B 257 32.10 -11.93 -1.63
CA SER B 257 31.34 -11.46 -2.78
C SER B 257 30.44 -10.32 -2.35
N LEU B 258 30.43 -9.25 -3.14
CA LEU B 258 29.57 -8.11 -2.92
C LEU B 258 28.70 -7.92 -4.16
N VAL B 259 27.39 -7.85 -3.95
CA VAL B 259 26.40 -7.88 -5.02
C VAL B 259 26.09 -6.45 -5.44
N ALA B 260 26.10 -6.20 -6.74
CA ALA B 260 25.72 -4.89 -7.26
C ALA B 260 24.23 -4.66 -7.06
N ASN B 261 23.91 -3.49 -6.49
CA ASN B 261 22.51 -3.12 -6.16
C ASN B 261 22.10 -1.80 -6.82
N PRO B 262 20.81 -1.51 -7.04
CA PRO B 262 20.38 -0.21 -7.55
C PRO B 262 20.19 0.75 -6.37
N SER B 263 19.94 2.03 -6.62
CA SER B 263 19.70 3.02 -5.54
C SER B 263 18.40 2.80 -4.79
N HIS B 264 17.43 2.08 -5.36
CA HIS B 264 16.18 1.79 -4.62
C HIS B 264 16.62 1.14 -3.32
N LEU B 265 16.04 1.56 -2.21
CA LEU B 265 16.56 1.10 -0.91
C LEU B 265 16.04 -0.26 -0.47
N GLU B 266 16.94 -1.11 -0.01
CA GLU B 266 16.67 -2.43 0.56
C GLU B 266 16.12 -3.42 -0.47
N ALA B 267 16.14 -3.07 -1.75
CA ALA B 267 15.58 -3.91 -2.79
C ALA B 267 16.47 -5.07 -3.16
N ALA B 268 17.69 -5.12 -2.65
CA ALA B 268 18.62 -6.20 -2.96
C ALA B 268 18.69 -7.25 -1.86
N ASP B 269 17.81 -7.19 -0.86
CA ASP B 269 17.81 -8.22 0.17
C ASP B 269 17.39 -9.58 -0.37
N PRO B 270 16.23 -9.72 -1.05
CA PRO B 270 15.88 -11.04 -1.59
C PRO B 270 16.88 -11.55 -2.61
N VAL B 271 17.53 -10.66 -3.36
CA VAL B 271 18.53 -11.11 -4.34
C VAL B 271 19.69 -11.78 -3.62
N VAL B 272 20.15 -11.20 -2.52
CA VAL B 272 21.22 -11.79 -1.73
C VAL B 272 20.77 -13.13 -1.14
N MET B 273 19.54 -13.19 -0.63
CA MET B 273 19.04 -14.45 -0.11
C MET B 273 19.00 -15.53 -1.19
N GLY B 274 18.53 -15.18 -2.38
CA GLY B 274 18.46 -16.17 -3.44
C GLY B 274 19.83 -16.66 -3.86
N LYS B 275 20.79 -15.76 -3.98
CA LYS B 275 22.14 -16.18 -4.34
C LYS B 275 22.73 -17.10 -3.27
N THR B 276 22.50 -16.77 -2.00
CA THR B 276 22.99 -17.64 -0.93
C THR B 276 22.37 -19.02 -1.02
N LYS B 277 21.06 -19.09 -1.28
CA LYS B 277 20.39 -20.38 -1.39
C LYS B 277 20.95 -21.19 -2.54
N ALA B 278 21.21 -20.55 -3.68
CA ALA B 278 21.76 -21.28 -4.82
C ALA B 278 23.15 -21.81 -4.51
N GLU B 279 24.00 -21.00 -3.89
CA GLU B 279 25.34 -21.48 -3.55
C GLU B 279 25.28 -22.63 -2.56
N GLN B 280 24.38 -22.55 -1.57
CA GLN B 280 24.23 -23.66 -0.63
C GLN B 280 23.75 -24.92 -1.34
N PHE B 281 22.83 -24.78 -2.28
CA PHE B 281 22.31 -25.94 -3.00
C PHE B 281 23.39 -26.62 -3.82
N TYR B 282 24.16 -25.84 -4.58
CA TYR B 282 25.14 -26.45 -5.49
C TYR B 282 26.28 -27.11 -4.74
N CYS B 283 26.68 -26.56 -3.61
CA CYS B 283 27.74 -27.20 -2.82
C CYS B 283 27.26 -28.38 -2.05
N GLY B 284 26.03 -28.86 -2.24
CA GLY B 284 25.53 -29.99 -1.48
C GLY B 284 25.47 -29.73 0.01
N ASP B 285 25.04 -28.55 0.41
CA ASP B 285 24.99 -28.16 1.80
C ASP B 285 23.55 -28.25 2.30
N THR B 286 23.33 -29.05 3.33
CA THR B 286 21.97 -29.31 3.76
C THR B 286 21.50 -28.35 4.85
N GLU B 287 22.42 -27.76 5.61
CA GLU B 287 22.05 -26.77 6.61
C GLU B 287 22.92 -25.53 6.51
N GLY B 288 23.39 -25.21 5.31
CA GLY B 288 24.02 -23.93 5.04
C GLY B 288 25.18 -23.64 5.96
N LYS B 289 25.95 -24.68 6.31
CA LYS B 289 27.06 -24.56 7.30
C LYS B 289 28.32 -23.96 6.74
N LYS B 290 28.50 -23.94 5.43
CA LYS B 290 29.73 -23.42 4.78
C LYS B 290 29.43 -22.19 3.92
N VAL B 291 28.18 -21.71 3.88
CA VAL B 291 27.85 -20.49 3.17
C VAL B 291 27.06 -19.60 4.11
N MET B 292 27.41 -18.32 4.14
CA MET B 292 26.80 -17.38 5.06
C MET B 292 26.41 -16.11 4.32
N SER B 293 25.44 -15.39 4.85
CA SER B 293 24.97 -14.13 4.29
C SER B 293 25.08 -13.03 5.32
N ILE B 294 25.43 -11.82 4.89
CA ILE B 294 25.49 -10.64 5.74
C ILE B 294 24.81 -9.49 5.01
N LEU B 295 23.99 -8.72 5.72
CA LEU B 295 23.29 -7.60 5.12
C LEU B 295 23.49 -6.34 5.97
N LEU B 296 23.62 -5.21 5.30
CA LEU B 296 23.76 -3.92 5.94
C LEU B 296 22.56 -3.03 5.61
N HIS B 297 22.07 -2.32 6.61
CA HIS B 297 20.89 -1.49 6.47
C HIS B 297 21.13 -0.13 7.10
N GLY B 298 20.26 0.82 6.77
CA GLY B 298 20.19 2.09 7.45
C GLY B 298 18.92 2.16 8.27
N ASP B 299 18.94 2.98 9.33
CA ASP B 299 17.84 2.97 10.28
C ASP B 299 16.53 3.47 9.65
N ALA B 300 16.60 4.48 8.80
CA ALA B 300 15.37 5.04 8.23
C ALA B 300 14.75 4.10 7.22
N ALA B 301 15.57 3.44 6.40
CA ALA B 301 15.05 2.51 5.41
C ALA B 301 14.61 1.19 6.01
N PHE B 302 15.31 0.73 7.04
CA PHE B 302 14.98 -0.55 7.66
C PHE B 302 13.62 -0.54 8.35
N ALA B 303 13.07 0.64 8.65
CA ALA B 303 11.82 0.73 9.40
C ALA B 303 10.70 1.35 8.58
N GLY B 304 10.86 1.47 7.28
CA GLY B 304 9.83 2.10 6.49
C GLY B 304 9.53 1.44 5.16
N GLN B 305 10.30 0.42 4.80
CA GLN B 305 10.12 -0.28 3.54
C GLN B 305 9.40 -1.60 3.77
N GLY B 306 8.52 -1.95 2.84
CA GLY B 306 7.71 -3.15 3.03
C GLY B 306 8.46 -4.44 2.76
N ILE B 307 9.44 -4.40 1.85
CA ILE B 307 10.13 -5.61 1.45
C ILE B 307 10.93 -6.23 2.59
N VAL B 308 11.27 -5.45 3.61
CA VAL B 308 11.94 -5.99 4.78
C VAL B 308 11.05 -7.04 5.46
N TYR B 309 9.77 -6.72 5.59
CA TYR B 309 8.80 -7.63 6.19
C TYR B 309 8.72 -8.94 5.41
N GLU B 310 8.62 -8.83 4.07
CA GLU B 310 8.50 -10.02 3.24
C GLU B 310 9.75 -10.87 3.30
N THR B 311 10.93 -10.24 3.29
CA THR B 311 12.17 -11.00 3.39
C THR B 311 12.26 -11.74 4.73
N PHE B 312 11.93 -11.06 5.82
CA PHE B 312 11.97 -11.71 7.12
C PHE B 312 11.00 -12.88 7.18
N HIS B 313 9.85 -12.77 6.51
CA HIS B 313 8.94 -13.91 6.48
C HIS B 313 9.48 -15.05 5.62
N LEU B 314 10.13 -14.74 4.50
CA LEU B 314 10.76 -15.77 3.69
C LEU B 314 11.89 -16.48 4.41
N SER B 315 12.46 -15.87 5.46
CA SER B 315 13.67 -16.39 6.08
C SER B 315 13.54 -17.81 6.61
N ASP B 316 12.33 -18.29 6.89
CA ASP B 316 12.18 -19.54 7.63
C ASP B 316 11.40 -20.60 6.87
N LEU B 317 10.64 -20.24 5.86
CA LEU B 317 9.90 -21.23 5.09
C LEU B 317 10.84 -22.27 4.49
N PRO B 318 10.51 -23.56 4.57
CA PRO B 318 11.31 -24.56 3.86
C PRO B 318 11.30 -24.30 2.37
N SER B 319 12.39 -24.65 1.72
CA SER B 319 12.66 -24.39 0.30
C SER B 319 12.97 -22.92 0.03
N TYR B 320 12.94 -22.07 1.05
CA TYR B 320 13.44 -20.71 0.94
C TYR B 320 14.43 -20.34 2.04
N THR B 321 14.51 -21.12 3.11
CA THR B 321 15.39 -20.79 4.22
C THR B 321 16.85 -21.00 3.86
N THR B 322 17.70 -20.08 4.31
CA THR B 322 19.13 -20.20 4.15
C THR B 322 19.85 -20.47 5.46
N HIS B 323 19.11 -20.80 6.51
CA HIS B 323 19.66 -21.28 7.78
C HIS B 323 20.48 -20.21 8.50
N GLY B 324 20.01 -18.97 8.48
CA GLY B 324 20.65 -17.94 9.29
C GLY B 324 21.24 -16.78 8.53
N THR B 325 20.97 -15.57 9.01
CA THR B 325 21.52 -14.35 8.46
C THR B 325 21.91 -13.41 9.59
N VAL B 326 22.97 -12.63 9.36
CA VAL B 326 23.40 -11.61 10.31
C VAL B 326 23.07 -10.26 9.68
N HIS B 327 22.14 -9.53 10.31
CA HIS B 327 21.80 -8.20 9.87
C HIS B 327 22.55 -7.19 10.71
N VAL B 328 23.08 -6.16 10.06
CA VAL B 328 23.78 -5.08 10.74
C VAL B 328 23.09 -3.78 10.37
N VAL B 329 22.60 -3.06 11.36
CA VAL B 329 21.88 -1.80 11.15
C VAL B 329 22.76 -0.67 11.66
N VAL B 330 22.91 0.36 10.85
CA VAL B 330 23.71 1.53 11.19
C VAL B 330 22.72 2.61 11.60
N ASN B 331 22.46 2.70 12.91
CA ASN B 331 21.48 3.63 13.45
C ASN B 331 22.19 4.93 13.79
N ASN B 332 22.23 5.85 12.82
CA ASN B 332 22.81 7.17 13.05
C ASN B 332 21.76 8.21 13.39
N GLN B 333 20.54 7.79 13.69
CA GLN B 333 19.52 8.65 14.29
C GLN B 333 19.07 9.77 13.35
N ILE B 334 19.20 9.57 12.04
CA ILE B 334 18.73 10.57 11.09
C ILE B 334 18.51 9.89 9.74
N GLY B 335 17.52 10.37 9.00
CA GLY B 335 17.31 9.93 7.64
C GLY B 335 18.02 10.83 6.66
N PHE B 336 17.28 11.45 5.75
CA PHE B 336 17.89 12.43 4.86
C PHE B 336 17.97 13.79 5.54
N THR B 337 16.82 14.36 5.89
CA THR B 337 16.70 15.51 6.77
C THR B 337 15.57 15.31 7.76
N THR B 338 15.16 14.06 7.97
CA THR B 338 13.95 13.75 8.72
C THR B 338 14.30 13.32 10.14
N ASP B 339 13.66 13.95 11.10
CA ASP B 339 13.82 13.59 12.50
C ASP B 339 13.33 12.14 12.70
N PRO B 340 14.06 11.33 13.46
CA PRO B 340 13.61 9.94 13.67
C PRO B 340 12.27 9.82 14.36
N ARG B 341 11.76 10.90 14.95
CA ARG B 341 10.47 10.83 15.63
C ARG B 341 9.32 10.71 14.63
N MET B 342 9.48 11.29 13.44
CA MET B 342 8.47 11.22 12.39
C MET B 342 8.81 10.18 11.33
N ALA B 343 9.55 9.13 11.68
CA ALA B 343 9.93 8.11 10.73
C ALA B 343 9.40 6.72 11.08
N ARG B 344 8.96 6.50 12.32
CA ARG B 344 8.54 5.17 12.72
C ARG B 344 7.61 5.30 13.92
N SER B 345 6.87 4.22 14.18
CA SER B 345 5.90 4.16 15.26
C SER B 345 6.31 3.21 16.36
N SER B 346 7.58 2.85 16.42
CA SER B 346 8.11 1.87 17.35
C SER B 346 9.32 2.46 18.06
N PRO B 347 9.65 1.95 19.25
CA PRO B 347 10.79 2.53 19.98
C PRO B 347 12.10 2.46 19.23
N TYR B 348 12.37 1.36 18.51
CA TYR B 348 13.63 1.18 17.82
C TYR B 348 13.37 0.89 16.35
N PRO B 349 14.32 1.22 15.46
CA PRO B 349 14.14 0.83 14.05
C PRO B 349 14.13 -0.67 13.85
N THR B 350 14.73 -1.42 14.77
CA THR B 350 14.87 -2.87 14.64
C THR B 350 13.82 -3.56 15.47
N ASP B 351 12.55 -3.39 15.08
CA ASP B 351 11.47 -4.12 15.71
C ASP B 351 10.73 -5.07 14.79
N VAL B 352 11.00 -5.05 13.49
CA VAL B 352 10.48 -6.11 12.65
C VAL B 352 11.10 -7.44 13.03
N ALA B 353 12.33 -7.40 13.54
CA ALA B 353 13.02 -8.61 13.96
C ALA B 353 12.28 -9.34 15.07
N ARG B 354 11.37 -8.67 15.76
CA ARG B 354 10.61 -9.30 16.82
C ARG B 354 9.47 -10.17 16.31
N VAL B 355 9.13 -10.09 15.01
CA VAL B 355 8.03 -10.92 14.52
C VAL B 355 8.47 -12.33 14.20
N VAL B 356 9.78 -12.59 14.12
CA VAL B 356 10.32 -13.91 13.86
C VAL B 356 11.18 -14.42 15.00
N ASN B 357 11.16 -13.72 16.15
CA ASN B 357 11.86 -14.15 17.35
C ASN B 357 13.37 -14.25 17.13
N ALA B 358 13.96 -13.11 16.78
CA ALA B 358 15.39 -12.98 16.60
C ALA B 358 15.94 -12.02 17.64
N PRO B 359 16.94 -12.39 18.43
CA PRO B 359 17.43 -11.48 19.46
C PRO B 359 18.10 -10.25 18.86
N ILE B 360 18.10 -9.15 19.61
CA ILE B 360 18.69 -7.91 19.14
C ILE B 360 19.70 -7.41 20.16
N PHE B 361 20.87 -6.99 19.69
CA PHE B 361 21.90 -6.40 20.54
C PHE B 361 22.19 -5.00 20.04
N HIS B 362 21.81 -4.00 20.82
CA HIS B 362 22.21 -2.62 20.56
C HIS B 362 23.50 -2.36 21.30
N VAL B 363 24.43 -1.67 20.64
CA VAL B 363 25.72 -1.36 21.24
C VAL B 363 26.08 0.08 20.90
N ASN B 364 26.63 0.79 21.88
CA ASN B 364 27.09 2.15 21.69
C ASN B 364 28.39 2.13 20.89
N SER B 365 28.34 2.64 19.67
CA SER B 365 29.49 2.54 18.77
C SER B 365 30.60 3.45 19.13
N ASP B 366 30.55 4.12 20.28
CA ASP B 366 31.65 4.94 20.75
C ASP B 366 32.62 4.17 21.64
N ASP B 367 32.29 2.92 21.96
CA ASP B 367 33.17 2.03 22.72
C ASP B 367 33.48 0.82 21.86
N PRO B 368 34.62 0.78 21.17
CA PRO B 368 34.86 -0.31 20.21
C PRO B 368 34.98 -1.68 20.85
N GLU B 369 35.48 -1.75 22.07
CA GLU B 369 35.74 -3.04 22.71
C GLU B 369 34.46 -3.77 23.11
N ALA B 370 33.32 -3.10 23.13
CA ALA B 370 32.05 -3.80 23.26
C ALA B 370 31.47 -4.16 21.91
N VAL B 371 31.74 -3.36 20.88
CA VAL B 371 31.31 -3.70 19.53
C VAL B 371 31.94 -5.01 19.10
N MET B 372 33.22 -5.19 19.39
CA MET B 372 33.89 -6.43 19.00
C MET B 372 33.25 -7.64 19.66
N TYR B 373 32.95 -7.53 20.96
CA TYR B 373 32.34 -8.65 21.67
C TYR B 373 30.95 -8.96 21.15
N VAL B 374 30.16 -7.93 20.86
CA VAL B 374 28.81 -8.19 20.34
C VAL B 374 28.89 -8.87 18.99
N CYS B 375 29.80 -8.43 18.12
CA CYS B 375 29.93 -9.07 16.82
C CYS B 375 30.36 -10.52 16.94
N LYS B 376 31.29 -10.80 17.85
CA LYS B 376 31.71 -12.18 18.09
C LYS B 376 30.56 -13.04 18.57
N VAL B 377 29.76 -12.51 19.50
CA VAL B 377 28.64 -13.30 20.04
C VAL B 377 27.61 -13.58 18.95
N ALA B 378 27.32 -12.59 18.11
CA ALA B 378 26.37 -12.82 17.02
C ALA B 378 26.87 -13.88 16.05
N ALA B 379 28.17 -13.83 15.72
CA ALA B 379 28.72 -14.83 14.83
C ALA B 379 28.64 -16.23 15.43
N GLU B 380 28.86 -16.35 16.75
CA GLU B 380 28.69 -17.66 17.39
C GLU B 380 27.23 -18.11 17.40
N TRP B 381 26.30 -17.19 17.62
CA TRP B 381 24.89 -17.57 17.66
C TRP B 381 24.44 -18.13 16.33
N ARG B 382 24.84 -17.50 15.23
CA ARG B 382 24.40 -17.99 13.92
C ARG B 382 24.86 -19.42 13.67
N SER B 383 26.06 -19.76 14.12
CA SER B 383 26.55 -21.12 13.93
C SER B 383 25.89 -22.09 14.89
N THR B 384 25.60 -21.67 16.11
CA THR B 384 25.06 -22.62 17.08
C THR B 384 23.59 -22.94 16.80
N PHE B 385 22.77 -21.94 16.47
CA PHE B 385 21.33 -22.15 16.39
C PHE B 385 20.77 -22.01 14.98
N HIS B 386 21.53 -21.49 14.03
CA HIS B 386 21.09 -21.35 12.64
C HIS B 386 19.79 -20.55 12.57
N LYS B 387 19.81 -19.36 13.17
CA LYS B 387 18.71 -18.41 13.15
C LYS B 387 19.23 -17.05 12.71
N ASP B 388 18.32 -16.11 12.51
CA ASP B 388 18.72 -14.75 12.19
C ASP B 388 19.19 -14.05 13.46
N VAL B 389 20.01 -13.00 13.28
CA VAL B 389 20.39 -12.17 14.42
C VAL B 389 20.64 -10.78 13.90
N VAL B 390 20.30 -9.78 14.71
CA VAL B 390 20.39 -8.37 14.33
C VAL B 390 21.33 -7.66 15.28
N VAL B 391 22.23 -6.86 14.73
CA VAL B 391 23.18 -6.06 15.50
C VAL B 391 22.97 -4.60 15.14
N ASP B 392 22.69 -3.77 16.14
CA ASP B 392 22.37 -2.35 15.96
C ASP B 392 23.52 -1.52 16.46
N LEU B 393 24.11 -0.71 15.58
CA LEU B 393 25.23 0.16 15.93
C LEU B 393 24.71 1.58 16.03
N VAL B 394 24.64 2.11 17.25
CA VAL B 394 24.17 3.47 17.48
C VAL B 394 25.35 4.41 17.32
N CYS B 395 25.24 5.34 16.39
CA CYS B 395 26.34 6.24 16.06
C CYS B 395 25.74 7.60 15.68
N TYR B 396 26.52 8.42 14.99
CA TYR B 396 26.06 9.70 14.51
C TYR B 396 26.64 9.96 13.12
N ARG B 397 26.12 10.98 12.47
CA ARG B 397 26.55 11.37 11.13
C ARG B 397 27.29 12.70 11.24
N ARG B 398 28.61 12.71 11.02
CA ARG B 398 29.39 13.96 11.25
C ARG B 398 29.06 15.03 10.22
N ASN B 399 29.11 14.67 8.96
CA ASN B 399 28.84 15.65 7.90
C ASN B 399 27.37 15.61 7.53
N GLY B 400 26.97 16.25 6.43
CA GLY B 400 25.58 16.21 5.98
C GLY B 400 25.30 14.89 5.26
N HIS B 401 24.13 14.76 4.64
CA HIS B 401 23.88 13.52 3.84
C HIS B 401 24.94 13.43 2.75
N ASN B 402 25.10 14.48 1.94
CA ASN B 402 26.18 14.50 0.92
C ASN B 402 27.35 15.27 1.54
N GLU B 403 28.43 15.45 0.78
CA GLU B 403 29.57 16.26 1.30
C GLU B 403 29.31 17.74 0.97
N MET B 404 28.13 17.97 0.38
CA MET B 404 27.69 19.32 -0.04
C MET B 404 26.33 19.66 0.57
N ASP B 405 25.73 18.81 1.42
CA ASP B 405 24.47 19.21 2.11
C ASP B 405 24.80 20.18 3.23
N GLU B 406 23.81 20.99 3.64
CA GLU B 406 23.97 21.93 4.78
C GLU B 406 23.15 21.39 5.96
N PRO B 407 23.72 20.71 6.99
CA PRO B 407 22.92 20.13 8.05
C PRO B 407 22.27 21.15 8.98
N MET B 408 22.83 22.34 9.13
CA MET B 408 22.34 23.35 10.11
C MET B 408 20.93 23.87 9.82
N PHE B 409 20.50 23.94 8.57
CA PHE B 409 19.19 24.53 8.23
C PHE B 409 18.06 23.77 8.94
N THR B 410 18.14 22.44 9.03
CA THR B 410 17.01 21.63 9.60
C THR B 410 17.29 21.08 10.99
N GLN B 411 18.54 20.86 11.35
CA GLN B 411 18.84 20.25 12.68
C GLN B 411 19.89 21.09 13.38
N PRO B 412 19.57 22.32 13.85
CA PRO B 412 20.59 23.19 14.40
C PRO B 412 21.27 22.72 15.68
N LEU B 413 20.50 22.27 16.67
CA LEU B 413 21.05 21.91 18.01
C LEU B 413 21.88 20.63 18.04
N MET B 414 21.49 19.62 17.24
CA MET B 414 22.19 18.31 17.24
C MET B 414 23.63 18.50 16.74
N TYR B 415 23.84 19.15 15.62
CA TYR B 415 25.21 19.27 15.04
C TYR B 415 26.08 20.21 15.87
N LYS B 416 25.46 21.09 16.68
CA LYS B 416 26.27 21.95 17.59
C LYS B 416 27.01 21.04 18.57
N GLN B 417 26.33 20.00 19.08
CA GLN B 417 26.98 19.02 19.99
C GLN B 417 28.00 18.21 19.17
N ILE B 418 27.66 17.84 17.95
CA ILE B 418 28.57 17.03 17.08
C ILE B 418 29.89 17.76 16.90
N ARG B 419 29.87 19.08 16.72
CA ARG B 419 31.11 19.84 16.44
C ARG B 419 32.04 19.81 17.66
N LYS B 420 31.51 19.56 18.86
CA LYS B 420 32.34 19.57 20.10
C LYS B 420 32.60 18.18 20.65
N GLN B 421 32.64 17.13 19.81
CA GLN B 421 32.91 15.77 20.25
C GLN B 421 34.07 15.17 19.47
N LYS B 422 34.93 14.43 20.17
CA LYS B 422 36.17 13.84 19.66
C LYS B 422 35.86 12.60 18.83
N PRO B 423 36.65 12.33 17.79
CA PRO B 423 36.50 11.07 17.05
C PRO B 423 36.92 9.88 17.90
N VAL B 424 36.41 8.71 17.53
CA VAL B 424 36.63 7.51 18.33
C VAL B 424 38.10 7.09 18.31
N LEU B 425 38.77 7.30 17.16
CA LEU B 425 40.17 6.88 17.04
C LEU B 425 41.04 7.58 18.07
N GLN B 426 40.83 8.87 18.27
CA GLN B 426 41.60 9.61 19.25
C GLN B 426 41.45 8.98 20.62
N LYS B 427 40.23 9.05 21.17
CA LYS B 427 40.02 8.59 22.55
C LYS B 427 40.48 7.15 22.75
N TYR B 428 40.33 6.30 21.73
CA TYR B 428 40.88 4.96 21.86
C TYR B 428 42.40 4.98 21.94
N ALA B 429 43.04 5.86 21.17
CA ALA B 429 44.50 5.95 21.23
C ALA B 429 44.98 6.41 22.59
N GLU B 430 44.34 7.44 23.16
CA GLU B 430 44.74 7.85 24.51
C GLU B 430 44.45 6.77 25.55
N LEU B 431 43.34 6.05 25.43
CA LEU B 431 43.08 4.98 26.39
C LEU B 431 44.17 3.92 26.33
N LEU B 432 44.55 3.51 25.11
CA LEU B 432 45.60 2.52 24.96
C LEU B 432 46.94 3.01 25.51
N VAL B 433 47.27 4.27 25.22
CA VAL B 433 48.54 4.82 25.71
C VAL B 433 48.54 4.86 27.23
N SER B 434 47.42 5.28 27.83
CA SER B 434 47.33 5.31 29.28
C SER B 434 47.51 3.93 29.88
N GLN B 435 46.90 2.91 29.27
CA GLN B 435 47.03 1.57 29.81
C GLN B 435 48.43 1.00 29.61
N GLY B 436 49.22 1.58 28.72
CA GLY B 436 50.55 1.07 28.43
C GLY B 436 50.61 0.01 27.36
N VAL B 437 49.50 -0.30 26.71
CA VAL B 437 49.48 -1.32 25.66
C VAL B 437 50.34 -0.89 24.49
N VAL B 438 50.26 0.42 24.20
CA VAL B 438 51.03 1.01 23.07
C VAL B 438 51.65 2.33 23.57
N ASN B 439 52.49 2.98 22.76
CA ASN B 439 53.14 4.26 23.10
C ASN B 439 52.95 5.22 21.92
N GLN B 440 53.03 6.53 22.14
CA GLN B 440 52.76 7.51 21.05
C GLN B 440 53.70 7.31 19.86
N PRO B 441 54.99 6.97 20.01
CA PRO B 441 55.83 6.75 18.83
C PRO B 441 55.20 5.71 17.90
N GLU B 442 54.66 4.62 18.44
CA GLU B 442 54.00 3.57 17.61
C GLU B 442 52.72 4.07 16.91
N TYR B 443 51.88 4.84 17.61
CA TYR B 443 50.67 5.41 16.97
C TYR B 443 51.05 6.34 15.80
N GLU B 444 52.06 7.20 15.93
CA GLU B 444 52.42 8.05 14.76
C GLU B 444 52.93 7.21 13.60
N GLU B 445 53.70 6.16 13.87
CA GLU B 445 54.33 5.40 12.78
C GLU B 445 53.24 4.83 11.86
N GLU B 446 52.18 4.26 12.43
CA GLU B 446 51.15 3.62 11.57
C GLU B 446 50.46 4.68 10.71
N ILE B 447 50.15 5.86 11.25
CA ILE B 447 49.43 6.87 10.42
C ILE B 447 50.32 7.19 9.22
N SER B 448 51.62 7.34 9.46
CA SER B 448 52.60 7.67 8.38
C SER B 448 52.70 6.56 7.33
N LYS B 449 52.73 5.31 7.79
CA LYS B 449 52.81 4.15 6.86
C LYS B 449 51.57 4.13 5.97
N TYR B 450 50.38 4.33 6.54
CA TYR B 450 49.18 4.21 5.70
C TYR B 450 49.18 5.36 4.68
N ASP B 451 49.83 6.48 5.01
CA ASP B 451 49.81 7.61 4.10
C ASP B 451 50.78 7.40 2.94
N LYS B 452 51.87 6.66 3.16
CA LYS B 452 52.78 6.34 2.04
C LYS B 452 52.07 5.41 1.06
N ILE B 453 51.37 4.39 1.55
CA ILE B 453 50.68 3.40 0.68
C ILE B 453 49.65 4.14 -0.18
N CYS B 454 48.86 5.03 0.41
CA CYS B 454 47.81 5.76 -0.32
C CYS B 454 48.40 6.65 -1.40
N GLU B 455 49.45 7.39 -1.05
CA GLU B 455 50.05 8.34 -2.03
C GLU B 455 50.65 7.59 -3.22
N GLU B 456 51.37 6.48 -2.98
CA GLU B 456 52.01 5.80 -4.13
C GLU B 456 50.91 5.40 -5.12
N ALA B 457 49.79 4.87 -4.62
CA ALA B 457 48.69 4.41 -5.48
C ALA B 457 48.12 5.56 -6.31
N PHE B 458 48.07 6.77 -5.74
CA PHE B 458 47.49 7.93 -6.44
C PHE B 458 48.33 8.25 -7.69
N ALA B 459 49.65 8.13 -7.56
CA ALA B 459 50.55 8.36 -8.72
C ALA B 459 50.24 7.31 -9.80
N ARG B 460 50.03 6.06 -9.39
CA ARG B 460 49.71 4.97 -10.36
C ARG B 460 48.39 5.29 -11.06
N SER B 461 47.41 5.81 -10.34
CA SER B 461 46.10 6.17 -10.94
C SER B 461 46.31 7.28 -11.97
N LYS B 462 47.16 8.27 -11.66
CA LYS B 462 47.45 9.37 -12.62
C LYS B 462 48.14 8.79 -13.87
N ASP B 463 49.05 7.84 -13.68
CA ASP B 463 49.76 7.19 -14.82
C ASP B 463 48.73 6.58 -15.78
N MET B 490 27.55 -17.63 -34.51
CA MET B 490 26.73 -18.34 -33.54
C MET B 490 25.57 -19.04 -34.24
N SER B 491 25.20 -20.21 -33.71
CA SER B 491 24.08 -20.97 -34.25
C SER B 491 23.44 -21.74 -33.11
N CYS B 492 22.20 -22.19 -33.34
CA CYS B 492 21.47 -22.94 -32.34
C CYS B 492 21.10 -24.31 -32.88
N PRO B 493 21.41 -25.38 -32.16
CA PRO B 493 21.01 -26.72 -32.61
C PRO B 493 19.51 -26.87 -32.59
N SER B 494 19.02 -27.79 -33.42
CA SER B 494 17.59 -28.08 -33.43
C SER B 494 17.16 -28.64 -32.09
N THR B 495 15.95 -28.28 -31.67
CA THR B 495 15.46 -28.64 -30.35
C THR B 495 14.54 -29.86 -30.36
N GLY B 496 14.40 -30.54 -31.49
CA GLY B 496 13.53 -31.70 -31.56
C GLY B 496 14.11 -32.90 -30.84
N LEU B 497 13.25 -33.88 -30.60
CA LEU B 497 13.63 -35.11 -29.91
C LEU B 497 13.10 -36.31 -30.67
N THR B 498 13.78 -37.44 -30.49
CA THR B 498 13.33 -38.70 -31.07
C THR B 498 12.09 -39.21 -30.33
N GLU B 499 11.33 -40.07 -31.03
CA GLU B 499 9.95 -40.34 -30.62
C GLU B 499 9.88 -41.15 -29.33
N ASP B 500 10.83 -42.08 -29.14
CA ASP B 500 10.74 -42.98 -28.00
C ASP B 500 10.88 -42.22 -26.69
N ILE B 501 11.70 -41.17 -26.67
CA ILE B 501 11.80 -40.32 -25.49
C ILE B 501 10.45 -39.69 -25.18
N LEU B 502 9.78 -39.17 -26.20
CA LEU B 502 8.48 -38.55 -25.99
C LEU B 502 7.46 -39.56 -25.46
N THR B 503 7.44 -40.77 -26.03
CA THR B 503 6.51 -41.77 -25.57
C THR B 503 6.78 -42.17 -24.13
N HIS B 504 8.05 -42.34 -23.76
CA HIS B 504 8.38 -42.70 -22.39
C HIS B 504 7.96 -41.60 -21.43
N ILE B 505 8.20 -40.34 -21.77
CA ILE B 505 7.81 -39.24 -20.91
C ILE B 505 6.29 -39.20 -20.76
N GLY B 506 5.56 -39.38 -21.86
CA GLY B 506 4.11 -39.36 -21.77
C GLY B 506 3.56 -40.48 -20.92
N ASN B 507 4.12 -41.68 -21.07
CA ASN B 507 3.64 -42.82 -20.28
C ASN B 507 3.90 -42.60 -18.81
N VAL B 508 5.05 -42.02 -18.45
CA VAL B 508 5.29 -41.74 -17.04
C VAL B 508 4.35 -40.64 -16.55
N ALA B 509 4.09 -39.63 -17.38
CA ALA B 509 3.28 -38.49 -16.97
C ALA B 509 1.81 -38.83 -16.82
N SER B 510 1.34 -39.89 -17.48
CA SER B 510 -0.08 -40.26 -17.44
C SER B 510 -0.34 -41.42 -16.49
N SER B 511 0.36 -41.46 -15.36
CA SER B 511 0.19 -42.55 -14.40
C SER B 511 0.73 -42.11 -13.06
N VAL B 512 0.50 -42.94 -12.06
CA VAL B 512 1.04 -42.75 -10.71
C VAL B 512 2.07 -43.85 -10.45
N PRO B 513 3.38 -43.46 -10.35
CA PRO B 513 4.46 -44.44 -10.29
C PRO B 513 4.94 -44.83 -8.90
N VAL B 514 4.03 -44.90 -7.93
CA VAL B 514 4.36 -45.40 -6.57
C VAL B 514 3.27 -46.43 -6.28
N GLU B 515 3.57 -47.47 -5.53
CA GLU B 515 2.58 -48.53 -5.22
C GLU B 515 1.84 -48.15 -3.94
N ASN B 516 0.59 -48.61 -3.80
CA ASN B 516 -0.21 -48.38 -2.56
C ASN B 516 -0.75 -46.95 -2.50
N PHE B 517 -0.70 -46.17 -3.59
CA PHE B 517 -1.12 -44.75 -3.51
C PHE B 517 -2.54 -44.62 -4.05
N THR B 518 -3.46 -44.06 -3.26
CA THR B 518 -4.86 -43.84 -3.72
C THR B 518 -5.06 -42.39 -4.13
N ILE B 519 -5.78 -42.14 -5.23
CA ILE B 519 -5.93 -40.77 -5.78
C ILE B 519 -7.42 -40.48 -6.00
N HIS B 520 -7.81 -39.21 -6.06
CA HIS B 520 -9.24 -38.81 -6.23
C HIS B 520 -9.76 -39.24 -7.59
N GLY B 521 -11.05 -39.57 -7.69
CA GLY B 521 -11.65 -39.94 -8.97
C GLY B 521 -11.42 -38.93 -10.06
N GLY B 522 -11.76 -37.66 -9.83
CA GLY B 522 -11.59 -36.60 -10.80
C GLY B 522 -10.17 -36.54 -11.34
N LEU B 523 -9.19 -36.84 -10.49
CA LEU B 523 -7.81 -36.87 -10.95
C LEU B 523 -7.52 -38.13 -11.76
N SER B 524 -8.18 -39.24 -11.44
CA SER B 524 -8.04 -40.44 -12.26
C SER B 524 -8.54 -40.22 -13.67
N ARG B 525 -9.65 -39.48 -13.84
CA ARG B 525 -10.10 -39.18 -15.20
C ARG B 525 -9.08 -38.35 -15.95
N ILE B 526 -8.46 -37.38 -15.27
CA ILE B 526 -7.48 -36.52 -15.92
C ILE B 526 -6.29 -37.34 -16.41
N LEU B 527 -5.78 -38.23 -15.56
CA LEU B 527 -4.67 -39.07 -15.99
C LEU B 527 -5.07 -40.01 -17.12
N LYS B 528 -6.29 -40.55 -17.07
CA LYS B 528 -6.72 -41.43 -18.15
C LYS B 528 -6.81 -40.68 -19.46
N THR B 529 -7.31 -39.44 -19.42
CA THR B 529 -7.37 -38.63 -20.64
C THR B 529 -5.98 -38.30 -21.15
N ARG B 530 -5.03 -38.08 -20.24
CA ARG B 530 -3.64 -37.88 -20.66
C ARG B 530 -3.14 -39.08 -21.44
N GLY B 531 -3.43 -40.28 -20.95
CA GLY B 531 -3.08 -41.49 -21.69
C GLY B 531 -3.81 -41.59 -23.03
N GLU B 532 -5.08 -41.21 -23.04
CA GLU B 532 -5.85 -41.14 -24.29
C GLU B 532 -5.09 -40.35 -25.34
N MET B 533 -4.63 -39.16 -24.97
CA MET B 533 -3.91 -38.33 -25.94
C MET B 533 -2.55 -38.92 -26.29
N VAL B 534 -1.84 -39.44 -25.29
CA VAL B 534 -0.47 -39.90 -25.54
C VAL B 534 -0.46 -41.06 -26.53
N LYS B 535 -1.45 -41.95 -26.49
CA LYS B 535 -1.49 -43.14 -27.38
C LYS B 535 -1.88 -42.73 -28.80
N ASN B 536 -2.45 -41.55 -28.97
CA ASN B 536 -2.88 -41.04 -30.25
C ASN B 536 -1.83 -40.09 -30.85
N ARG B 537 -0.70 -39.90 -30.16
CA ARG B 537 0.39 -39.04 -30.63
C ARG B 537 -0.06 -37.59 -30.76
N THR B 538 -0.60 -37.06 -29.67
CA THR B 538 -1.05 -35.68 -29.59
C THR B 538 -0.80 -35.18 -28.18
N VAL B 539 -0.48 -33.90 -28.05
CA VAL B 539 -0.20 -33.30 -26.75
C VAL B 539 -1.09 -32.09 -26.55
N ASP B 540 -1.61 -31.93 -25.34
CA ASP B 540 -2.30 -30.73 -24.91
C ASP B 540 -1.27 -29.81 -24.28
N TRP B 541 -1.73 -28.76 -23.58
CA TRP B 541 -0.79 -27.81 -23.01
C TRP B 541 -0.05 -28.41 -21.82
N ALA B 542 -0.70 -29.25 -21.04
CA ALA B 542 -0.05 -29.79 -19.85
C ALA B 542 1.02 -30.80 -20.21
N LEU B 543 0.85 -31.53 -21.31
CA LEU B 543 1.82 -32.57 -21.66
C LEU B 543 3.08 -31.98 -22.26
N ALA B 544 2.97 -30.85 -22.97
CA ALA B 544 4.15 -30.21 -23.51
C ALA B 544 5.11 -29.76 -22.42
N GLU B 545 4.58 -29.31 -21.28
CA GLU B 545 5.44 -28.89 -20.19
C GLU B 545 6.22 -30.06 -19.60
N TYR B 546 5.58 -31.23 -19.42
CA TYR B 546 6.33 -32.44 -19.09
C TYR B 546 7.37 -32.77 -20.15
N MET B 547 7.00 -32.72 -21.42
CA MET B 547 7.96 -33.15 -22.43
C MET B 547 9.11 -32.17 -22.61
N ALA B 548 8.99 -30.93 -22.13
CA ALA B 548 10.13 -30.03 -22.10
C ALA B 548 10.97 -30.26 -20.84
N PHE B 549 10.32 -30.33 -19.68
CA PHE B 549 11.05 -30.44 -18.43
C PHE B 549 11.80 -31.77 -18.34
N GLY B 550 11.17 -32.87 -18.76
CA GLY B 550 11.83 -34.15 -18.69
C GLY B 550 13.01 -34.24 -19.64
N SER B 551 12.85 -33.72 -20.85
CA SER B 551 13.94 -33.73 -21.81
C SER B 551 15.10 -32.89 -21.33
N LEU B 552 14.83 -31.78 -20.62
CA LEU B 552 15.94 -31.01 -20.06
C LEU B 552 16.57 -31.72 -18.86
N LEU B 553 15.76 -32.30 -17.98
CA LEU B 553 16.29 -33.02 -16.83
C LEU B 553 17.13 -34.22 -17.23
N LYS B 554 16.92 -34.75 -18.43
CA LYS B 554 17.73 -35.88 -18.87
C LYS B 554 19.21 -35.52 -18.92
N GLU B 555 19.55 -34.38 -19.51
CA GLU B 555 20.95 -33.97 -19.62
C GLU B 555 21.38 -33.03 -18.49
N GLY B 556 21.10 -33.39 -17.25
CA GLY B 556 21.68 -32.72 -16.11
C GLY B 556 21.44 -31.23 -16.01
N ILE B 557 20.22 -30.77 -16.26
CA ILE B 557 19.85 -29.38 -16.08
C ILE B 557 18.89 -29.30 -14.90
N HIS B 558 19.28 -28.57 -13.86
CA HIS B 558 18.39 -28.36 -12.73
C HIS B 558 17.23 -27.48 -13.15
N ILE B 559 16.03 -27.78 -12.65
CA ILE B 559 14.84 -27.02 -12.98
C ILE B 559 14.15 -26.64 -11.67
N ARG B 560 13.86 -25.36 -11.52
CA ARG B 560 13.18 -24.85 -10.33
C ARG B 560 11.98 -24.04 -10.78
N LEU B 561 10.79 -24.59 -10.57
CA LEU B 561 9.54 -23.90 -10.87
C LEU B 561 8.95 -23.39 -9.56
N SER B 562 8.83 -22.07 -9.44
CA SER B 562 8.34 -21.46 -8.23
C SER B 562 7.26 -20.45 -8.56
N GLY B 563 6.43 -20.17 -7.58
CA GLY B 563 5.33 -19.26 -7.82
C GLY B 563 4.27 -19.42 -6.75
N GLN B 564 3.03 -19.15 -7.15
CA GLN B 564 1.91 -19.07 -6.23
C GLN B 564 0.90 -20.13 -6.64
N ASP B 565 0.81 -21.20 -5.85
CA ASP B 565 -0.08 -22.34 -6.13
C ASP B 565 0.27 -22.99 -7.47
N VAL B 566 1.53 -23.37 -7.62
CA VAL B 566 2.01 -23.96 -8.87
C VAL B 566 2.06 -25.47 -8.82
N GLU B 567 2.01 -26.08 -7.64
CA GLU B 567 2.04 -27.54 -7.56
C GLU B 567 0.81 -28.16 -8.19
N ARG B 568 -0.32 -27.46 -8.18
CA ARG B 568 -1.54 -27.95 -8.80
C ARG B 568 -1.99 -27.13 -9.99
N GLY B 569 -1.75 -25.82 -9.98
CA GLY B 569 -2.19 -24.96 -11.06
C GLY B 569 -3.35 -24.10 -10.63
N THR B 570 -3.33 -22.82 -11.02
CA THR B 570 -4.44 -21.94 -10.69
C THR B 570 -5.73 -22.40 -11.36
N PHE B 571 -5.63 -22.88 -12.59
CA PHE B 571 -6.76 -23.41 -13.32
C PHE B 571 -6.83 -24.92 -13.25
N SER B 572 -6.03 -25.53 -12.38
CA SER B 572 -6.09 -26.96 -12.09
C SER B 572 -5.88 -27.79 -13.36
N HIS B 573 -4.70 -27.64 -13.95
CA HIS B 573 -4.42 -28.30 -15.22
C HIS B 573 -3.16 -29.13 -15.25
N ARG B 574 -2.24 -29.00 -14.30
CA ARG B 574 -0.99 -29.72 -14.37
C ARG B 574 -0.85 -30.85 -13.36
N HIS B 575 -1.17 -30.59 -12.09
CA HIS B 575 -1.10 -31.61 -11.05
C HIS B 575 0.28 -32.27 -11.02
N HIS B 576 1.29 -31.44 -10.74
CA HIS B 576 2.65 -31.96 -10.65
C HIS B 576 2.90 -32.72 -9.35
N VAL B 577 1.99 -32.62 -8.38
CA VAL B 577 2.13 -33.25 -7.08
C VAL B 577 0.81 -33.92 -6.73
N LEU B 578 0.87 -35.19 -6.34
CA LEU B 578 -0.32 -35.97 -6.02
C LEU B 578 -0.36 -36.29 -4.53
N HIS B 579 -1.55 -36.26 -3.95
CA HIS B 579 -1.74 -36.47 -2.52
C HIS B 579 -2.57 -37.73 -2.28
N ASP B 580 -2.13 -38.54 -1.33
CA ASP B 580 -2.91 -39.71 -0.93
C ASP B 580 -4.17 -39.29 -0.19
N GLN B 581 -5.27 -39.97 -0.48
CA GLN B 581 -6.53 -39.59 0.15
C GLN B 581 -6.67 -40.16 1.56
N ASN B 582 -5.90 -41.19 1.90
CA ASN B 582 -6.06 -41.85 3.18
C ASN B 582 -4.91 -41.59 4.15
N VAL B 583 -3.67 -41.66 3.68
CA VAL B 583 -2.50 -41.47 4.55
C VAL B 583 -2.12 -40.00 4.52
N ASP B 584 -1.86 -39.43 5.69
CA ASP B 584 -1.61 -38.01 5.76
C ASP B 584 -0.13 -37.76 5.47
N LYS B 585 0.13 -36.63 4.78
CA LYS B 585 1.46 -36.11 4.51
C LYS B 585 2.24 -36.92 3.48
N ARG B 586 1.61 -37.83 2.75
CA ARG B 586 2.31 -38.65 1.77
C ARG B 586 2.10 -38.09 0.37
N THR B 587 3.17 -38.04 -0.42
CA THR B 587 3.18 -37.27 -1.66
C THR B 587 4.04 -37.96 -2.70
N CYS B 588 3.63 -37.85 -3.97
CA CYS B 588 4.40 -38.34 -5.10
C CYS B 588 4.59 -37.23 -6.14
N ILE B 589 5.77 -37.20 -6.75
CA ILE B 589 6.06 -36.31 -7.87
C ILE B 589 6.45 -37.18 -9.06
N PRO B 590 5.56 -37.37 -10.02
CA PRO B 590 5.84 -38.30 -11.12
C PRO B 590 7.03 -37.91 -11.96
N MET B 591 7.46 -36.66 -11.93
CA MET B 591 8.57 -36.23 -12.77
C MET B 591 9.93 -36.56 -12.15
N ASN B 592 9.95 -37.05 -10.91
CA ASN B 592 11.18 -37.48 -10.27
C ASN B 592 11.49 -38.95 -10.53
N HIS B 593 10.68 -39.62 -11.35
CA HIS B 593 10.84 -41.06 -11.59
C HIS B 593 10.99 -41.33 -13.09
N LEU B 594 11.26 -40.30 -13.86
CA LEU B 594 11.36 -40.47 -15.32
C LEU B 594 12.59 -41.30 -15.72
N TRP B 595 13.77 -41.06 -15.14
CA TRP B 595 15.00 -41.74 -15.61
C TRP B 595 15.92 -42.14 -14.45
N PRO B 596 16.83 -43.11 -14.65
CA PRO B 596 17.73 -43.58 -13.58
C PRO B 596 18.70 -42.54 -13.02
N ASN B 597 19.38 -41.77 -13.87
CA ASN B 597 20.26 -40.66 -13.40
C ASN B 597 19.65 -39.39 -13.98
N GLN B 598 19.12 -38.51 -13.13
CA GLN B 598 18.43 -37.28 -13.64
C GLN B 598 18.70 -36.11 -12.69
N ALA B 599 18.46 -34.89 -13.16
CA ALA B 599 18.71 -33.69 -12.33
C ALA B 599 17.53 -33.45 -11.38
N PRO B 600 17.73 -32.78 -10.22
CA PRO B 600 16.64 -32.56 -9.26
C PRO B 600 15.50 -31.69 -9.82
N TYR B 601 14.26 -31.99 -9.41
CA TYR B 601 13.11 -31.14 -9.83
C TYR B 601 12.54 -30.46 -8.59
N THR B 602 12.40 -29.13 -8.62
CA THR B 602 11.95 -28.41 -7.40
C THR B 602 10.66 -27.64 -7.66
N VAL B 603 9.53 -28.10 -7.10
CA VAL B 603 8.30 -27.33 -7.20
C VAL B 603 7.93 -26.88 -5.80
N CYS B 604 7.75 -25.58 -5.62
CA CYS B 604 7.47 -25.04 -4.31
C CYS B 604 6.37 -24.00 -4.39
N ASN B 605 5.46 -24.04 -3.42
CA ASN B 605 4.44 -23.02 -3.26
C ASN B 605 4.99 -21.92 -2.38
N SER B 606 4.97 -20.69 -2.87
CA SER B 606 5.55 -19.58 -2.15
C SER B 606 4.53 -18.93 -1.24
N SER B 607 5.01 -18.02 -0.39
CA SER B 607 4.11 -17.20 0.38
C SER B 607 3.38 -16.23 -0.54
N LEU B 608 2.36 -15.59 0.00
CA LEU B 608 1.55 -14.67 -0.79
C LEU B 608 2.33 -13.37 -0.96
N SER B 609 3.21 -13.36 -1.96
CA SER B 609 4.03 -12.18 -2.22
C SER B 609 4.65 -12.27 -3.61
N GLU B 610 4.66 -11.16 -4.33
CA GLU B 610 5.27 -11.11 -5.65
C GLU B 610 6.59 -10.38 -5.66
N TYR B 611 6.85 -9.54 -4.66
CA TYR B 611 7.99 -8.65 -4.69
C TYR B 611 9.21 -9.28 -4.02
N GLY B 612 8.98 -10.15 -3.03
CA GLY B 612 10.08 -10.89 -2.44
C GLY B 612 10.42 -12.18 -3.15
N VAL B 613 9.41 -12.92 -3.59
CA VAL B 613 9.64 -14.20 -4.26
C VAL B 613 10.30 -14.00 -5.62
N LEU B 614 9.88 -13.00 -6.38
CA LEU B 614 10.52 -12.74 -7.66
C LEU B 614 11.98 -12.34 -7.50
N GLY B 615 12.27 -11.52 -6.48
CA GLY B 615 13.65 -11.19 -6.21
C GLY B 615 14.47 -12.40 -5.80
N PHE B 616 13.89 -13.26 -4.97
CA PHE B 616 14.57 -14.50 -4.59
C PHE B 616 14.90 -15.34 -5.81
N GLU B 617 13.93 -15.51 -6.72
CA GLU B 617 14.16 -16.32 -7.92
C GLU B 617 15.21 -15.69 -8.82
N LEU B 618 15.18 -14.37 -8.97
CA LEU B 618 16.18 -13.71 -9.79
C LEU B 618 17.57 -13.89 -9.21
N GLY B 619 17.71 -13.80 -7.89
CA GLY B 619 18.99 -14.09 -7.28
C GLY B 619 19.43 -15.52 -7.46
N PHE B 620 18.48 -16.46 -7.43
CA PHE B 620 18.80 -17.86 -7.67
C PHE B 620 19.27 -18.09 -9.10
N ALA B 621 18.73 -17.34 -10.06
CA ALA B 621 19.03 -17.56 -11.46
C ALA B 621 20.38 -17.01 -11.88
N MET B 622 21.06 -16.22 -11.05
CA MET B 622 22.33 -15.62 -11.41
C MET B 622 23.51 -16.30 -10.72
N ALA B 623 23.34 -17.54 -10.31
CA ALA B 623 24.43 -18.29 -9.68
C ALA B 623 24.98 -19.39 -10.56
N SER B 624 24.31 -19.74 -11.66
CA SER B 624 24.82 -20.71 -12.61
C SER B 624 24.00 -20.68 -13.90
N PRO B 625 24.63 -20.84 -15.06
CA PRO B 625 23.87 -20.88 -16.31
C PRO B 625 23.32 -22.26 -16.66
N ASN B 626 23.50 -23.25 -15.80
CA ASN B 626 23.04 -24.61 -16.03
C ASN B 626 21.80 -24.93 -15.21
N ALA B 627 20.89 -23.96 -15.10
CA ALA B 627 19.63 -24.16 -14.41
C ALA B 627 18.55 -23.38 -15.13
N LEU B 628 17.32 -23.85 -15.02
CA LEU B 628 16.15 -23.17 -15.57
C LEU B 628 15.24 -22.79 -14.43
N VAL B 629 15.13 -21.49 -14.16
CA VAL B 629 14.34 -20.98 -13.05
C VAL B 629 13.12 -20.30 -13.63
N LEU B 630 11.94 -20.77 -13.25
CA LEU B 630 10.68 -20.24 -13.75
C LEU B 630 9.90 -19.63 -12.60
N TRP B 631 9.34 -18.45 -12.82
CA TRP B 631 8.45 -17.81 -11.88
C TRP B 631 7.06 -17.72 -12.49
N GLU B 632 6.07 -18.22 -11.76
CA GLU B 632 4.69 -18.29 -12.21
C GLU B 632 3.86 -17.25 -11.46
N ALA B 633 3.08 -16.47 -12.19
CA ALA B 633 2.14 -15.53 -11.59
C ALA B 633 0.74 -16.11 -11.64
N GLN B 634 -0.01 -15.92 -10.56
CA GLN B 634 -1.37 -16.44 -10.51
C GLN B 634 -2.23 -15.85 -11.62
N PHE B 635 -2.18 -14.54 -11.78
CA PHE B 635 -2.71 -13.85 -12.94
C PHE B 635 -1.66 -12.85 -13.39
N GLY B 636 -1.64 -12.56 -14.68
CA GLY B 636 -0.63 -11.63 -15.17
C GLY B 636 -0.76 -10.23 -14.63
N ASP B 637 -1.86 -9.92 -13.96
CA ASP B 637 -2.16 -8.59 -13.51
C ASP B 637 -1.55 -8.24 -12.16
N PHE B 638 -1.06 -9.23 -11.43
CA PHE B 638 -0.47 -9.03 -10.12
C PHE B 638 1.03 -8.83 -10.17
N HIS B 639 1.60 -8.75 -11.36
CA HIS B 639 3.05 -8.57 -11.48
C HIS B 639 3.49 -7.16 -11.15
N ASN B 640 2.62 -6.16 -11.26
CA ASN B 640 3.07 -4.80 -11.04
C ASN B 640 3.48 -4.54 -9.59
N THR B 641 3.04 -5.36 -8.64
CA THR B 641 3.53 -5.25 -7.27
C THR B 641 5.04 -5.45 -7.20
N ALA B 642 5.62 -6.11 -8.20
CA ALA B 642 7.07 -6.33 -8.26
C ALA B 642 7.73 -5.46 -9.31
N GLN B 643 7.07 -4.37 -9.73
CA GLN B 643 7.57 -3.55 -10.82
C GLN B 643 9.02 -3.13 -10.60
N CYS B 644 9.38 -2.76 -9.38
CA CYS B 644 10.75 -2.36 -9.10
C CYS B 644 11.74 -3.40 -9.57
N ILE B 645 11.55 -4.66 -9.18
CA ILE B 645 12.49 -5.71 -9.55
C ILE B 645 12.57 -5.82 -11.08
N ILE B 646 11.42 -5.68 -11.75
CA ILE B 646 11.44 -5.82 -13.20
C ILE B 646 12.15 -4.63 -13.83
N ASP B 647 11.99 -3.45 -13.25
CA ASP B 647 12.49 -2.24 -13.91
C ASP B 647 13.98 -2.07 -13.69
N GLN B 648 14.52 -2.46 -12.55
CA GLN B 648 15.93 -2.13 -12.24
C GLN B 648 16.87 -3.32 -12.35
N PHE B 649 16.39 -4.53 -12.13
CA PHE B 649 17.29 -5.69 -12.11
C PHE B 649 17.20 -6.50 -13.39
N ILE B 650 16.00 -6.92 -13.76
CA ILE B 650 15.83 -7.79 -14.96
C ILE B 650 16.04 -7.04 -16.26
N CYS B 651 15.45 -5.86 -16.42
CA CYS B 651 15.50 -5.13 -17.72
C CYS B 651 16.85 -4.51 -18.11
N PRO B 652 17.57 -3.76 -17.26
CA PRO B 652 18.80 -3.15 -17.67
C PRO B 652 20.02 -3.78 -17.00
N GLY B 653 19.88 -4.95 -16.39
CA GLY B 653 20.95 -5.56 -15.60
C GLY B 653 22.21 -5.85 -16.38
N GLN B 654 22.13 -6.27 -17.63
CA GLN B 654 23.39 -6.56 -18.32
C GLN B 654 23.92 -5.28 -18.95
N ALA B 655 23.07 -4.30 -19.24
CA ALA B 655 23.61 -3.04 -19.73
C ALA B 655 24.42 -2.33 -18.65
N LYS B 656 23.92 -2.39 -17.40
CA LYS B 656 24.61 -1.67 -16.29
C LYS B 656 25.63 -2.59 -15.62
N TRP B 657 25.39 -3.90 -15.62
CA TRP B 657 26.31 -4.83 -14.89
C TRP B 657 26.76 -5.96 -15.82
N VAL B 658 27.97 -6.50 -15.59
CA VAL B 658 28.53 -7.59 -16.44
C VAL B 658 27.66 -8.84 -16.34
N ARG B 659 27.09 -9.13 -15.16
CA ARG B 659 26.33 -10.38 -14.94
C ARG B 659 25.13 -10.49 -15.91
N GLN B 660 24.86 -11.69 -16.42
CA GLN B 660 23.72 -11.93 -17.34
C GLN B 660 22.74 -12.89 -16.66
N ASN B 661 21.43 -12.65 -16.78
CA ASN B 661 20.43 -13.49 -16.07
C ASN B 661 19.53 -14.21 -17.09
N GLY B 662 19.28 -15.51 -16.88
CA GLY B 662 18.40 -16.28 -17.80
C GLY B 662 17.14 -16.76 -17.09
N ILE B 663 16.36 -15.84 -16.51
CA ILE B 663 15.12 -16.18 -15.84
C ILE B 663 13.95 -16.16 -16.83
N VAL B 664 12.95 -17.00 -16.55
CA VAL B 664 11.74 -17.10 -17.36
C VAL B 664 10.55 -16.68 -16.51
N LEU B 665 9.70 -15.84 -17.07
CA LEU B 665 8.49 -15.38 -16.39
C LEU B 665 7.27 -15.81 -17.18
N LEU B 666 6.37 -16.54 -16.53
CA LEU B 666 5.13 -16.99 -17.13
C LEU B 666 3.98 -16.17 -16.56
N LEU B 667 3.23 -15.50 -17.43
CA LEU B 667 2.17 -14.60 -17.01
C LEU B 667 0.88 -14.91 -17.76
N PRO B 668 -0.13 -15.48 -17.11
CA PRO B 668 -1.39 -15.74 -17.81
C PRO B 668 -2.03 -14.46 -18.31
N HIS B 669 -2.65 -14.54 -19.49
CA HIS B 669 -3.10 -13.33 -20.15
C HIS B 669 -4.21 -13.68 -21.12
N GLY B 670 -5.23 -12.84 -21.17
CA GLY B 670 -6.34 -13.05 -22.09
C GLY B 670 -7.65 -12.51 -21.57
N MET B 671 -8.41 -11.83 -22.44
CA MET B 671 -9.67 -11.17 -22.00
C MET B 671 -10.85 -12.14 -22.13
N GLU B 672 -11.29 -12.73 -21.02
CA GLU B 672 -12.46 -13.65 -21.03
C GLU B 672 -13.65 -12.95 -20.35
N GLY B 673 -13.59 -11.62 -20.21
CA GLY B 673 -14.65 -10.88 -19.51
C GLY B 673 -14.76 -11.28 -18.06
N MET B 674 -13.62 -11.58 -17.43
CA MET B 674 -13.60 -11.97 -15.99
C MET B 674 -13.44 -10.71 -15.12
N GLY B 675 -13.34 -9.54 -15.76
CA GLY B 675 -13.20 -8.27 -15.01
C GLY B 675 -11.90 -7.57 -15.34
N PRO B 676 -11.69 -6.30 -14.92
CA PRO B 676 -10.50 -5.54 -15.29
C PRO B 676 -9.20 -6.17 -14.79
N GLU B 677 -9.21 -6.74 -13.58
CA GLU B 677 -7.95 -7.26 -12.97
C GLU B 677 -7.81 -8.77 -13.24
N HIS B 678 -8.64 -9.32 -14.13
CA HIS B 678 -8.47 -10.74 -14.52
C HIS B 678 -8.55 -10.81 -16.06
N SER B 679 -7.78 -9.97 -16.75
CA SER B 679 -7.89 -9.92 -18.20
C SER B 679 -6.56 -9.76 -18.92
N SER B 680 -5.79 -8.71 -18.62
CA SER B 680 -4.71 -8.29 -19.51
C SER B 680 -3.44 -8.04 -18.71
N ALA B 681 -2.43 -8.89 -18.89
CA ALA B 681 -1.15 -8.79 -18.21
C ALA B 681 -0.32 -7.61 -18.65
N ARG B 682 -0.87 -6.70 -19.45
CA ARG B 682 -0.23 -5.47 -19.88
C ARG B 682 1.02 -5.73 -20.72
N PRO B 683 0.89 -6.39 -21.87
CA PRO B 683 2.07 -6.57 -22.72
C PRO B 683 2.65 -5.29 -23.28
N GLU B 684 1.84 -4.24 -23.40
CA GLU B 684 2.33 -2.99 -23.97
C GLU B 684 3.35 -2.33 -23.08
N ARG B 685 3.37 -2.65 -21.79
CA ARG B 685 4.37 -2.10 -20.90
C ARG B 685 5.72 -2.80 -21.06
N PHE B 686 5.70 -4.12 -21.27
CA PHE B 686 6.94 -4.84 -21.53
C PHE B 686 7.50 -4.51 -22.90
N LEU B 687 6.63 -4.33 -23.89
CA LEU B 687 7.09 -4.14 -25.25
C LEU B 687 7.73 -2.78 -25.48
N GLN B 688 7.49 -1.81 -24.60
CA GLN B 688 8.09 -0.50 -24.77
C GLN B 688 9.42 -0.36 -24.08
N MET B 689 9.73 -1.29 -23.17
CA MET B 689 11.02 -1.24 -22.42
C MET B 689 12.10 -1.92 -23.25
N CYS B 690 11.75 -2.38 -24.45
CA CYS B 690 12.74 -3.01 -25.36
C CYS B 690 13.70 -1.96 -25.90
N ASN B 691 14.95 -2.34 -26.18
CA ASN B 691 15.98 -1.36 -26.67
C ASN B 691 16.00 -1.32 -28.20
N ASP B 692 15.11 -2.06 -28.87
CA ASP B 692 15.10 -2.12 -30.35
C ASP B 692 14.77 -0.75 -30.95
N ASP B 693 15.36 -0.44 -32.12
CA ASP B 693 15.10 0.86 -32.78
C ASP B 693 14.03 0.67 -33.86
N PRO B 694 12.85 1.30 -33.73
CA PRO B 694 11.76 1.16 -34.72
C PRO B 694 12.03 1.72 -36.11
N ASP B 695 12.69 2.88 -36.22
CA ASP B 695 12.84 3.54 -37.55
C ASP B 695 14.10 3.08 -38.30
N VAL B 696 14.40 1.79 -38.34
CA VAL B 696 15.51 1.30 -39.15
C VAL B 696 15.24 -0.14 -39.54
N LEU B 697 15.47 -0.45 -40.81
CA LEU B 697 15.28 -1.80 -41.31
C LEU B 697 16.63 -2.51 -41.31
N PRO B 698 16.83 -3.54 -40.49
CA PRO B 698 18.12 -4.24 -40.49
C PRO B 698 18.38 -4.92 -41.81
N ASP B 699 19.65 -5.30 -42.01
CA ASP B 699 20.04 -6.06 -43.22
C ASP B 699 19.44 -7.46 -43.12
N LEU B 700 18.33 -7.67 -43.81
CA LEU B 700 17.62 -8.96 -43.74
C LEU B 700 18.51 -10.03 -44.39
N LYS B 701 19.31 -9.64 -45.37
CA LYS B 701 20.14 -10.64 -46.10
C LYS B 701 21.46 -10.90 -45.40
N GLU B 702 21.45 -11.59 -44.25
CA GLU B 702 22.71 -12.00 -43.57
C GLU B 702 22.44 -13.36 -42.94
N ALA B 703 23.45 -14.20 -42.82
CA ALA B 703 23.27 -15.53 -42.18
C ALA B 703 23.09 -15.33 -40.68
N ASN B 704 22.31 -16.21 -40.05
CA ASN B 704 22.09 -16.13 -38.59
C ASN B 704 21.48 -14.77 -38.24
N PHE B 705 20.54 -14.27 -39.04
CA PHE B 705 19.86 -13.01 -38.66
C PHE B 705 19.13 -13.26 -37.34
N ASP B 706 18.44 -14.38 -37.28
CA ASP B 706 17.63 -14.73 -36.09
C ASP B 706 18.47 -14.72 -34.84
N ILE B 707 19.74 -15.13 -34.89
CA ILE B 707 20.58 -15.24 -33.67
C ILE B 707 21.33 -13.93 -33.46
N ASN B 708 21.89 -13.35 -34.51
CA ASN B 708 22.49 -12.01 -34.38
C ASN B 708 21.48 -11.02 -33.80
N GLN B 709 20.26 -11.05 -34.31
CA GLN B 709 19.21 -10.17 -33.79
C GLN B 709 18.93 -10.47 -32.32
N LEU B 710 19.03 -11.74 -31.95
CA LEU B 710 18.73 -12.18 -30.60
C LEU B 710 19.90 -11.94 -29.65
N TYR B 711 21.10 -11.73 -30.19
CA TYR B 711 22.28 -11.59 -29.36
C TYR B 711 22.38 -10.23 -28.71
N ASP B 712 21.85 -9.19 -29.36
CA ASP B 712 21.89 -7.83 -28.85
C ASP B 712 20.46 -7.34 -28.60
N CYS B 713 19.93 -7.69 -27.42
CA CYS B 713 18.59 -7.32 -27.01
C CYS B 713 18.50 -7.53 -25.51
N ASN B 714 17.68 -6.72 -24.85
CA ASN B 714 17.61 -6.81 -23.39
C ASN B 714 16.82 -8.04 -22.94
N TRP B 715 15.72 -8.36 -23.60
CA TRP B 715 15.08 -9.64 -23.35
C TRP B 715 14.20 -10.02 -24.53
N VAL B 716 13.52 -11.16 -24.38
CA VAL B 716 12.65 -11.72 -25.41
C VAL B 716 11.26 -11.82 -24.82
N VAL B 717 10.24 -11.46 -25.59
CA VAL B 717 8.85 -11.70 -25.23
C VAL B 717 8.26 -12.61 -26.30
N VAL B 718 7.32 -13.46 -25.89
CA VAL B 718 6.63 -14.38 -26.80
C VAL B 718 5.20 -14.58 -26.32
N ASN B 719 4.32 -14.85 -27.28
CA ASN B 719 2.91 -15.14 -27.01
C ASN B 719 2.55 -16.38 -27.80
N CYS B 720 2.76 -17.55 -27.20
CA CYS B 720 2.56 -18.81 -27.89
C CYS B 720 1.08 -19.19 -27.93
N SER B 721 0.66 -19.76 -29.05
CA SER B 721 -0.72 -20.20 -29.22
C SER B 721 -0.88 -21.70 -29.39
N THR B 722 0.20 -22.44 -29.59
CA THR B 722 0.17 -23.88 -29.72
C THR B 722 1.14 -24.51 -28.74
N PRO B 723 0.86 -25.72 -28.26
CA PRO B 723 1.80 -26.36 -27.32
C PRO B 723 3.13 -26.75 -27.94
N GLY B 724 3.20 -26.95 -29.26
CA GLY B 724 4.48 -27.27 -29.88
C GLY B 724 5.48 -26.15 -29.76
N ASN B 725 5.03 -24.92 -30.04
CA ASN B 725 5.91 -23.76 -29.88
C ASN B 725 6.32 -23.58 -28.43
N PHE B 726 5.40 -23.81 -27.50
CA PHE B 726 5.75 -23.72 -26.09
C PHE B 726 6.78 -24.76 -25.70
N PHE B 727 6.74 -25.93 -26.33
CA PHE B 727 7.78 -26.92 -26.12
C PHE B 727 9.12 -26.43 -26.66
N HIS B 728 9.11 -25.81 -27.84
CA HIS B 728 10.36 -25.44 -28.49
C HIS B 728 11.05 -24.26 -27.81
N VAL B 729 10.27 -23.32 -27.27
CA VAL B 729 10.86 -22.11 -26.70
C VAL B 729 11.71 -22.43 -25.48
N LEU B 730 11.19 -23.29 -24.59
CA LEU B 730 11.90 -23.58 -23.36
C LEU B 730 13.20 -24.32 -23.64
N ARG B 731 13.24 -25.10 -24.71
CA ARG B 731 14.47 -25.79 -25.06
C ARG B 731 15.46 -24.85 -25.73
N ARG B 732 14.97 -23.93 -26.57
CA ARG B 732 15.85 -22.94 -27.16
C ARG B 732 16.48 -22.05 -26.11
N GLN B 733 15.76 -21.80 -25.01
CA GLN B 733 16.31 -20.97 -23.96
C GLN B 733 17.61 -21.53 -23.39
N ILE B 734 17.74 -22.86 -23.36
CA ILE B 734 18.91 -23.50 -22.77
C ILE B 734 19.95 -23.84 -23.82
N LEU B 735 19.54 -24.28 -25.01
CA LEU B 735 20.53 -24.71 -25.99
C LEU B 735 21.31 -23.56 -26.63
N LEU B 736 20.94 -22.31 -26.36
CA LEU B 736 21.64 -21.17 -26.95
C LEU B 736 23.01 -20.98 -26.30
N PRO B 737 23.96 -20.37 -27.01
CA PRO B 737 25.27 -20.10 -26.40
C PRO B 737 25.24 -19.09 -25.27
N PHE B 738 24.21 -18.24 -25.19
CA PHE B 738 24.14 -17.20 -24.17
C PHE B 738 22.83 -17.28 -23.41
N ARG B 739 22.56 -16.31 -22.53
CA ARG B 739 21.34 -16.31 -21.73
C ARG B 739 20.71 -14.94 -21.77
N LYS B 740 19.40 -14.88 -21.97
CA LYS B 740 18.64 -13.65 -21.90
C LYS B 740 17.28 -13.92 -21.29
N PRO B 741 16.70 -12.96 -20.58
CA PRO B 741 15.40 -13.18 -19.96
C PRO B 741 14.30 -13.39 -20.99
N LEU B 742 13.31 -14.19 -20.62
CA LEU B 742 12.21 -14.56 -21.49
C LEU B 742 10.89 -14.30 -20.79
N ILE B 743 9.95 -13.71 -21.53
CA ILE B 743 8.65 -13.34 -21.01
C ILE B 743 7.61 -14.03 -21.88
N ILE B 744 6.94 -15.04 -21.34
CA ILE B 744 5.93 -15.79 -22.08
C ILE B 744 4.56 -15.40 -21.56
N PHE B 745 3.63 -15.12 -22.48
CA PHE B 745 2.26 -14.80 -22.11
C PHE B 745 1.42 -16.05 -22.31
N THR B 746 1.20 -16.79 -21.23
CA THR B 746 0.52 -18.08 -21.32
C THR B 746 -1.00 -17.89 -21.42
N PRO B 747 -1.71 -18.85 -22.01
CA PRO B 747 -3.15 -18.71 -22.16
C PRO B 747 -3.89 -19.17 -20.91
N LYS B 748 -5.20 -18.92 -20.91
CA LYS B 748 -6.07 -19.31 -19.81
C LYS B 748 -7.18 -20.26 -20.26
N SER B 749 -7.94 -19.90 -21.28
CA SER B 749 -9.01 -20.77 -21.75
C SER B 749 -8.56 -21.76 -22.80
N LEU B 750 -7.35 -21.61 -23.34
CA LEU B 750 -6.83 -22.57 -24.31
C LEU B 750 -6.30 -23.84 -23.66
N LEU B 751 -6.25 -23.89 -22.33
CA LEU B 751 -5.81 -25.10 -21.65
C LEU B 751 -6.77 -26.26 -21.83
N ARG B 752 -8.01 -25.99 -22.24
CA ARG B 752 -8.99 -27.03 -22.48
C ARG B 752 -9.65 -26.94 -23.85
N HIS B 753 -9.16 -26.07 -24.71
CA HIS B 753 -9.79 -25.86 -25.99
C HIS B 753 -9.52 -27.04 -26.91
N PRO B 754 -10.55 -27.67 -27.48
CA PRO B 754 -10.35 -28.97 -28.14
C PRO B 754 -9.40 -28.94 -29.32
N GLU B 755 -9.33 -27.85 -30.06
CA GLU B 755 -8.48 -27.79 -31.24
C GLU B 755 -7.18 -27.05 -30.99
N ALA B 756 -6.86 -26.75 -29.73
CA ALA B 756 -5.55 -26.19 -29.38
C ALA B 756 -4.60 -27.29 -28.91
N ARG B 757 -4.29 -28.19 -29.83
CA ARG B 757 -3.32 -29.25 -29.55
C ARG B 757 -2.62 -29.62 -30.85
N SER B 758 -1.43 -30.19 -30.70
CA SER B 758 -0.56 -30.44 -31.84
C SER B 758 0.01 -31.85 -31.77
N SER B 759 0.44 -32.35 -32.93
CA SER B 759 0.90 -33.71 -33.07
C SER B 759 2.35 -33.86 -32.61
N PHE B 760 2.83 -35.10 -32.62
CA PHE B 760 4.23 -35.36 -32.34
C PHE B 760 5.13 -34.92 -33.48
N ASP B 761 4.58 -34.66 -34.66
CA ASP B 761 5.39 -34.35 -35.83
C ASP B 761 6.04 -32.98 -35.76
N GLU B 762 5.64 -32.13 -34.83
CA GLU B 762 6.32 -30.86 -34.63
C GLU B 762 7.40 -30.92 -33.55
N MET B 763 7.63 -32.10 -32.97
CA MET B 763 8.65 -32.26 -31.96
C MET B 763 9.76 -33.20 -32.39
N LEU B 764 9.65 -33.82 -33.56
CA LEU B 764 10.65 -34.76 -34.04
C LEU B 764 11.93 -34.01 -34.43
N PRO B 765 13.06 -34.72 -34.53
CA PRO B 765 14.33 -34.04 -34.81
C PRO B 765 14.29 -33.30 -36.13
N GLY B 766 14.95 -32.14 -36.15
CA GLY B 766 14.97 -31.28 -37.31
C GLY B 766 13.93 -30.19 -37.32
N THR B 767 13.18 -30.01 -36.24
CA THR B 767 12.16 -28.99 -36.15
C THR B 767 12.66 -27.83 -35.30
N HIS B 768 12.16 -26.64 -35.62
CA HIS B 768 12.65 -25.39 -35.05
C HIS B 768 11.50 -24.59 -34.47
N PHE B 769 11.83 -23.70 -33.54
CA PHE B 769 10.84 -22.76 -33.04
C PHE B 769 10.43 -21.82 -34.16
N GLN B 770 9.13 -21.57 -34.27
CA GLN B 770 8.59 -20.75 -35.35
C GLN B 770 8.22 -19.37 -34.82
N ARG B 771 8.91 -18.34 -35.30
CA ARG B 771 8.60 -16.98 -34.89
C ARG B 771 7.34 -16.44 -35.56
N VAL B 772 7.11 -16.81 -36.81
CA VAL B 772 5.88 -16.49 -37.52
C VAL B 772 5.33 -17.78 -38.08
N ILE B 773 4.06 -18.07 -37.82
CA ILE B 773 3.39 -19.26 -38.34
C ILE B 773 2.66 -18.86 -39.60
N PRO B 774 3.08 -19.33 -40.77
CA PRO B 774 2.46 -18.91 -42.02
C PRO B 774 0.97 -19.22 -42.08
N GLU B 775 0.33 -18.76 -43.14
CA GLU B 775 -1.05 -19.11 -43.44
C GLU B 775 -1.07 -20.36 -44.28
N ASP B 776 -1.56 -21.46 -43.71
CA ASP B 776 -1.71 -22.72 -44.43
C ASP B 776 -3.20 -23.03 -44.54
N GLY B 777 -3.67 -23.24 -45.75
CA GLY B 777 -5.06 -23.50 -45.98
C GLY B 777 -5.41 -23.31 -47.43
N PRO B 778 -6.72 -23.28 -47.74
CA PRO B 778 -7.14 -23.11 -49.13
C PRO B 778 -6.77 -21.76 -49.71
N ALA B 779 -6.47 -20.76 -48.88
CA ALA B 779 -6.12 -19.45 -49.40
C ALA B 779 -4.74 -19.46 -50.04
N ALA B 780 -3.80 -20.16 -49.40
CA ALA B 780 -2.40 -20.21 -49.87
C ALA B 780 -2.32 -20.78 -51.29
N GLN B 781 -3.38 -21.50 -51.72
CA GLN B 781 -3.41 -22.08 -53.08
C GLN B 781 -3.61 -20.97 -54.12
N ASN B 782 -4.47 -19.99 -53.84
CA ASN B 782 -4.68 -18.85 -54.76
C ASN B 782 -4.40 -17.52 -54.05
N PRO B 783 -3.16 -17.00 -54.09
CA PRO B 783 -2.81 -15.77 -53.37
C PRO B 783 -3.41 -14.49 -53.99
N GLU B 784 -3.82 -14.55 -55.27
CA GLU B 784 -4.37 -13.37 -55.96
C GLU B 784 -5.84 -13.20 -55.57
N ASN B 785 -6.49 -14.29 -55.16
CA ASN B 785 -7.91 -14.25 -54.72
C ASN B 785 -8.01 -13.67 -53.31
N VAL B 786 -6.91 -13.68 -52.55
CA VAL B 786 -6.92 -13.16 -51.15
C VAL B 786 -7.02 -11.64 -51.20
N LYS B 787 -8.02 -11.08 -50.50
CA LYS B 787 -8.28 -9.62 -50.50
C LYS B 787 -8.27 -9.06 -49.09
N ARG B 788 -7.84 -9.81 -48.08
CA ARG B 788 -7.70 -9.27 -46.70
C ARG B 788 -6.59 -10.00 -45.94
N LEU B 789 -5.37 -9.44 -45.94
CA LEU B 789 -4.25 -10.04 -45.16
C LEU B 789 -4.45 -9.65 -43.69
N LEU B 790 -4.58 -10.64 -42.80
CA LEU B 790 -4.86 -10.35 -41.37
C LEU B 790 -3.68 -10.80 -40.50
N PHE B 791 -3.29 -9.98 -39.52
CA PHE B 791 -2.27 -10.42 -38.58
C PHE B 791 -2.87 -10.44 -37.18
N CYS B 792 -2.68 -11.55 -36.47
CA CYS B 792 -3.24 -11.68 -35.13
C CYS B 792 -2.15 -12.21 -34.21
N THR B 793 -2.53 -12.53 -32.97
CA THR B 793 -1.58 -13.03 -31.98
C THR B 793 -2.34 -13.79 -30.91
N GLY B 794 -2.17 -15.11 -30.88
CA GLY B 794 -2.64 -15.88 -29.74
C GLY B 794 -4.12 -16.18 -29.79
N LYS B 795 -4.77 -15.97 -28.65
CA LYS B 795 -6.13 -16.46 -28.42
C LYS B 795 -7.13 -15.94 -29.45
N VAL B 796 -6.86 -14.80 -30.08
CA VAL B 796 -7.80 -14.25 -31.05
C VAL B 796 -7.96 -15.18 -32.24
N TYR B 797 -6.91 -15.93 -32.58
CA TYR B 797 -6.90 -16.71 -33.80
C TYR B 797 -8.11 -17.65 -33.86
N TYR B 798 -8.35 -18.39 -32.79
CA TYR B 798 -9.42 -19.37 -32.78
C TYR B 798 -10.79 -18.73 -32.84
N ASP B 799 -10.92 -17.44 -32.50
CA ASP B 799 -12.19 -16.76 -32.70
C ASP B 799 -12.39 -16.38 -34.16
N LEU B 800 -11.29 -16.05 -34.84
CA LEU B 800 -11.38 -15.59 -36.26
C LEU B 800 -11.63 -16.77 -37.20
N THR B 801 -10.96 -17.90 -36.97
CA THR B 801 -11.10 -19.06 -37.90
C THR B 801 -12.55 -19.55 -37.88
N ARG B 802 -13.18 -19.58 -36.71
CA ARG B 802 -14.60 -20.00 -36.60
C ARG B 802 -15.47 -19.02 -37.38
N GLU B 803 -15.19 -17.72 -37.25
CA GLU B 803 -15.97 -16.68 -37.97
C GLU B 803 -15.77 -16.81 -39.48
N ARG B 804 -14.54 -17.08 -39.94
CA ARG B 804 -14.24 -17.11 -41.39
C ARG B 804 -15.04 -18.22 -42.09
N LYS B 805 -15.06 -19.43 -41.49
CA LYS B 805 -15.79 -20.57 -42.11
C LYS B 805 -17.29 -20.28 -42.12
N ALA B 806 -17.81 -19.68 -41.05
CA ALA B 806 -19.26 -19.38 -40.96
C ALA B 806 -19.67 -18.39 -42.06
N ARG B 807 -18.84 -17.38 -42.33
CA ARG B 807 -19.18 -16.35 -43.33
C ARG B 807 -18.76 -16.80 -44.73
N ASP B 808 -18.52 -18.10 -44.93
CA ASP B 808 -18.08 -18.62 -46.22
C ASP B 808 -17.02 -17.71 -46.83
N MET B 809 -15.96 -17.44 -46.07
CA MET B 809 -14.89 -16.57 -46.53
C MET B 809 -13.53 -17.25 -46.53
N VAL B 810 -13.49 -18.57 -46.35
CA VAL B 810 -12.24 -19.29 -46.52
C VAL B 810 -11.80 -19.17 -47.97
N GLY B 811 -10.55 -18.77 -48.17
CA GLY B 811 -10.06 -18.46 -49.49
C GLY B 811 -10.24 -17.02 -49.90
N GLN B 812 -10.99 -16.23 -49.11
CA GLN B 812 -11.07 -14.79 -49.30
C GLN B 812 -10.26 -14.02 -48.28
N VAL B 813 -9.87 -14.65 -47.18
CA VAL B 813 -9.15 -13.98 -46.10
C VAL B 813 -8.06 -14.91 -45.62
N ALA B 814 -6.87 -14.35 -45.42
CA ALA B 814 -5.71 -15.11 -44.96
C ALA B 814 -5.29 -14.57 -43.60
N ILE B 815 -5.22 -15.45 -42.61
CA ILE B 815 -4.89 -15.08 -41.24
C ILE B 815 -3.50 -15.59 -40.92
N THR B 816 -2.66 -14.73 -40.36
CA THR B 816 -1.29 -15.06 -40.02
C THR B 816 -1.03 -14.74 -38.55
N ARG B 817 -0.37 -15.66 -37.85
CA ARG B 817 -0.01 -15.47 -36.46
C ARG B 817 1.42 -14.97 -36.32
N ILE B 818 1.65 -14.18 -35.29
CA ILE B 818 2.98 -13.70 -34.94
C ILE B 818 3.29 -14.21 -33.54
N GLU B 819 4.32 -15.05 -33.40
CA GLU B 819 4.59 -15.72 -32.10
C GLU B 819 5.69 -14.99 -31.32
N GLN B 820 6.79 -14.57 -31.95
CA GLN B 820 7.83 -13.77 -31.27
C GLN B 820 7.63 -12.30 -31.55
N LEU B 821 7.39 -11.49 -30.50
CA LEU B 821 7.08 -10.05 -30.67
C LEU B 821 8.32 -9.14 -30.53
N SER B 822 9.06 -9.23 -29.41
CA SER B 822 10.21 -8.30 -29.19
C SER B 822 11.24 -8.38 -30.32
N PRO B 823 11.99 -9.49 -30.54
CA PRO B 823 12.88 -9.59 -31.70
C PRO B 823 11.93 -9.69 -32.90
N PHE B 824 12.01 -8.74 -33.83
CA PHE B 824 11.02 -8.71 -34.95
C PHE B 824 11.44 -9.66 -36.09
N PRO B 825 10.61 -10.65 -36.53
CA PRO B 825 10.97 -11.46 -37.69
C PRO B 825 10.79 -10.60 -38.95
N PHE B 826 11.47 -9.45 -39.05
CA PHE B 826 11.29 -8.52 -40.19
C PHE B 826 11.36 -9.27 -41.53
N ASP B 827 12.13 -10.35 -41.60
CA ASP B 827 12.34 -11.06 -42.86
C ASP B 827 11.15 -11.94 -43.25
N LEU B 828 10.64 -12.74 -42.31
CA LEU B 828 9.51 -13.61 -42.60
C LEU B 828 8.26 -12.82 -42.95
N LEU B 829 8.01 -11.75 -42.20
CA LEU B 829 6.86 -10.90 -42.48
C LEU B 829 6.99 -10.27 -43.85
N LEU B 830 8.18 -9.83 -44.23
CA LEU B 830 8.37 -9.30 -45.58
C LEU B 830 8.08 -10.38 -46.62
N LYS B 831 8.31 -11.65 -46.34
CA LYS B 831 7.95 -12.67 -47.36
C LYS B 831 6.45 -12.98 -47.39
N GLU B 832 5.74 -12.93 -46.26
CA GLU B 832 4.26 -13.14 -46.26
C GLU B 832 3.56 -12.03 -47.04
N VAL B 833 3.94 -10.78 -46.84
CA VAL B 833 3.25 -9.65 -47.52
C VAL B 833 3.48 -9.82 -49.01
N GLN B 834 4.70 -10.17 -49.43
CA GLN B 834 5.01 -10.29 -50.88
C GLN B 834 4.18 -11.40 -51.51
N LYS B 835 4.02 -12.53 -50.81
CA LYS B 835 3.30 -13.70 -51.36
C LYS B 835 1.89 -13.30 -51.77
N TYR B 836 1.16 -12.62 -50.88
CA TYR B 836 -0.26 -12.25 -51.16
C TYR B 836 -0.33 -10.79 -51.62
N PRO B 837 -0.41 -10.51 -52.94
CA PRO B 837 -0.50 -9.15 -53.45
C PRO B 837 -1.95 -8.66 -53.38
N ASN B 838 -2.22 -7.42 -53.82
CA ASN B 838 -3.60 -6.85 -53.83
C ASN B 838 -4.39 -7.31 -52.60
N ALA B 839 -3.80 -7.19 -51.40
CA ALA B 839 -4.51 -7.57 -50.15
C ALA B 839 -4.27 -6.49 -49.10
N GLU B 840 -5.35 -5.89 -48.57
CA GLU B 840 -5.22 -4.82 -47.55
C GLU B 840 -4.70 -5.42 -46.25
N LEU B 841 -3.80 -4.74 -45.53
CA LEU B 841 -3.19 -5.28 -44.33
C LEU B 841 -3.94 -4.79 -43.10
N ALA B 842 -4.42 -5.73 -42.28
CA ALA B 842 -5.10 -5.37 -41.06
C ALA B 842 -4.44 -6.05 -39.88
N TRP B 843 -4.46 -5.38 -38.73
CA TRP B 843 -4.01 -5.95 -37.48
C TRP B 843 -5.23 -6.15 -36.61
N CYS B 844 -5.52 -7.41 -36.26
CA CYS B 844 -6.68 -7.73 -35.44
C CYS B 844 -6.23 -8.06 -34.03
N GLN B 845 -7.00 -7.60 -33.06
CA GLN B 845 -6.51 -7.57 -31.69
C GLN B 845 -7.65 -7.79 -30.71
N GLU B 846 -7.33 -8.39 -29.57
CA GLU B 846 -8.31 -8.69 -28.53
C GLU B 846 -8.59 -7.50 -27.64
N GLU B 847 -7.55 -6.76 -27.27
CA GLU B 847 -7.63 -5.77 -26.20
C GLU B 847 -8.10 -4.43 -26.76
N HIS B 848 -7.96 -3.38 -25.96
CA HIS B 848 -8.34 -2.05 -26.37
C HIS B 848 -7.21 -1.40 -27.17
N LYS B 849 -7.55 -0.33 -27.88
CA LYS B 849 -6.62 0.24 -28.84
C LYS B 849 -5.38 0.80 -28.16
N ASN B 850 -5.53 1.36 -26.97
CA ASN B 850 -4.39 1.93 -26.26
C ASN B 850 -3.64 0.90 -25.42
N GLN B 851 -4.04 -0.37 -25.48
CA GLN B 851 -3.30 -1.44 -24.81
C GLN B 851 -2.97 -2.53 -25.82
N GLY B 852 -2.47 -3.65 -25.33
CA GLY B 852 -2.19 -4.74 -26.25
C GLY B 852 -0.94 -4.50 -27.07
N TYR B 853 -0.96 -5.02 -28.30
CA TYR B 853 0.22 -5.04 -29.14
C TYR B 853 0.22 -3.98 -30.23
N TYR B 854 -0.94 -3.43 -30.58
CA TYR B 854 -0.97 -2.30 -31.50
C TYR B 854 -0.23 -1.13 -30.87
N ASP B 855 0.34 -0.29 -31.73
CA ASP B 855 1.20 0.87 -31.48
C ASP B 855 2.63 0.47 -31.12
N TYR B 856 2.90 -0.81 -30.89
CA TYR B 856 4.25 -1.34 -31.00
C TYR B 856 4.46 -2.03 -32.33
N VAL B 857 3.46 -2.79 -32.76
CA VAL B 857 3.56 -3.56 -33.98
C VAL B 857 3.43 -2.68 -35.20
N LYS B 858 2.59 -1.65 -35.14
CA LYS B 858 2.29 -0.86 -36.34
C LYS B 858 3.51 -0.15 -36.94
N PRO B 859 4.34 0.57 -36.19
CA PRO B 859 5.54 1.14 -36.82
C PRO B 859 6.44 0.09 -37.46
N ARG B 860 6.58 -1.06 -36.81
CA ARG B 860 7.44 -2.11 -37.36
C ARG B 860 6.87 -2.68 -38.65
N LEU B 861 5.57 -2.96 -38.68
CA LEU B 861 4.95 -3.43 -39.92
C LEU B 861 5.05 -2.39 -41.01
N ARG B 862 4.92 -1.12 -40.63
CA ARG B 862 4.96 -0.07 -41.63
C ARG B 862 6.36 0.12 -42.19
N THR B 863 7.39 -0.27 -41.42
CA THR B 863 8.76 -0.15 -41.90
C THR B 863 9.32 -1.42 -42.53
N THR B 864 8.67 -2.58 -42.32
CA THR B 864 9.12 -3.80 -43.04
C THR B 864 9.00 -3.51 -44.53
N ILE B 865 7.79 -3.17 -44.99
CA ILE B 865 7.57 -2.78 -46.42
C ILE B 865 8.02 -1.32 -46.58
N SER B 866 8.30 -0.88 -47.81
CA SER B 866 8.63 0.54 -48.03
C SER B 866 7.33 1.33 -48.16
N ARG B 867 6.51 1.37 -47.10
CA ARG B 867 5.21 2.09 -47.11
C ARG B 867 4.35 1.58 -48.28
N ALA B 868 4.43 0.28 -48.59
CA ALA B 868 3.70 -0.27 -49.75
C ALA B 868 2.19 -0.15 -49.54
N LYS B 869 1.69 -0.48 -48.34
CA LYS B 869 0.24 -0.45 -48.07
C LYS B 869 -0.02 0.10 -46.66
N PRO B 870 -1.14 0.84 -46.43
CA PRO B 870 -1.48 1.31 -45.08
C PRO B 870 -1.87 0.16 -44.16
N VAL B 871 -1.49 0.24 -42.88
CA VAL B 871 -1.87 -0.81 -41.89
C VAL B 871 -3.15 -0.35 -41.18
N TRP B 872 -4.25 -1.09 -41.35
CA TRP B 872 -5.50 -0.73 -40.71
C TRP B 872 -5.55 -1.33 -39.31
N TYR B 873 -6.71 -1.29 -38.68
CA TYR B 873 -6.85 -1.79 -37.31
C TYR B 873 -8.25 -2.34 -37.11
N ALA B 874 -8.35 -3.49 -36.45
CA ALA B 874 -9.63 -4.08 -36.10
C ALA B 874 -9.54 -4.58 -34.66
N GLY B 875 -10.39 -4.05 -33.78
CA GLY B 875 -10.31 -4.42 -32.39
C GLY B 875 -11.23 -3.58 -31.56
N ARG B 876 -10.92 -3.48 -30.27
CA ARG B 876 -11.76 -2.74 -29.35
C ARG B 876 -11.30 -1.29 -29.23
N ASP B 877 -12.24 -0.43 -28.86
CA ASP B 877 -11.97 0.99 -28.76
C ASP B 877 -11.16 1.31 -27.51
N PRO B 878 -10.50 2.47 -27.46
CA PRO B 878 -9.67 2.80 -26.29
C PRO B 878 -10.51 2.93 -25.03
N ALA B 879 -9.90 2.60 -23.90
CA ALA B 879 -10.58 2.70 -22.62
C ALA B 879 -9.54 2.85 -21.52
N ALA B 880 -9.96 3.42 -20.40
CA ALA B 880 -9.05 3.66 -19.29
C ALA B 880 -8.68 2.37 -18.57
N ALA B 881 -9.68 1.53 -18.27
CA ALA B 881 -9.53 0.28 -17.54
C ALA B 881 -9.16 -0.85 -18.47
N PRO B 882 -8.43 -1.86 -17.97
CA PRO B 882 -8.04 -2.97 -18.85
C PRO B 882 -9.20 -3.72 -19.46
N ALA B 883 -10.31 -3.87 -18.73
CA ALA B 883 -11.47 -4.58 -19.26
C ALA B 883 -12.70 -4.14 -18.49
N THR B 884 -13.86 -4.34 -19.12
CA THR B 884 -15.12 -3.89 -18.53
C THR B 884 -15.64 -4.90 -17.51
N GLY B 885 -16.32 -4.38 -16.49
CA GLY B 885 -16.91 -5.23 -15.47
C GLY B 885 -18.30 -5.71 -15.76
N ASN B 886 -18.94 -5.17 -16.80
CA ASN B 886 -20.27 -5.62 -17.19
C ASN B 886 -20.14 -6.83 -18.10
N LYS B 887 -20.70 -7.97 -17.68
CA LYS B 887 -20.54 -9.21 -18.48
C LYS B 887 -21.26 -9.09 -19.83
N LYS B 888 -22.45 -8.49 -19.85
CA LYS B 888 -23.26 -8.43 -21.10
C LYS B 888 -22.53 -7.63 -22.20
N THR B 889 -21.93 -6.48 -21.87
CA THR B 889 -21.29 -5.62 -22.90
C THR B 889 -20.10 -6.35 -23.56
N HIS B 890 -19.33 -7.09 -22.77
CA HIS B 890 -18.13 -7.82 -23.29
C HIS B 890 -18.51 -8.56 -24.58
N LEU B 891 -19.68 -9.20 -24.61
CA LEU B 891 -20.10 -9.98 -25.77
C LEU B 891 -20.42 -9.07 -26.95
N THR B 892 -21.08 -7.93 -26.71
CA THR B 892 -21.38 -7.00 -27.78
C THR B 892 -20.10 -6.42 -28.40
N GLU B 893 -19.13 -6.08 -27.56
CA GLU B 893 -17.86 -5.58 -28.07
C GLU B 893 -17.17 -6.64 -28.94
N LEU B 894 -17.15 -7.89 -28.48
CA LEU B 894 -16.54 -8.95 -29.28
C LEU B 894 -17.28 -9.12 -30.61
N GLN B 895 -18.61 -9.04 -30.58
CA GLN B 895 -19.37 -9.19 -31.81
C GLN B 895 -19.06 -8.08 -32.80
N ARG B 896 -18.95 -6.84 -32.33
CA ARG B 896 -18.65 -5.76 -33.26
C ARG B 896 -17.21 -5.84 -33.78
N LEU B 897 -16.30 -6.35 -32.94
CA LEU B 897 -14.94 -6.62 -33.39
C LEU B 897 -14.95 -7.60 -34.57
N LEU B 898 -15.63 -8.73 -34.42
CA LEU B 898 -15.70 -9.69 -35.52
C LEU B 898 -16.48 -9.14 -36.70
N ASP B 899 -17.41 -8.21 -36.46
CA ASP B 899 -18.13 -7.58 -37.56
C ASP B 899 -17.21 -6.74 -38.42
N THR B 900 -16.35 -5.93 -37.79
CA THR B 900 -15.49 -5.04 -38.57
C THR B 900 -14.35 -5.81 -39.23
N ALA B 901 -13.95 -6.96 -38.66
CA ALA B 901 -12.83 -7.69 -39.24
C ALA B 901 -13.14 -8.23 -40.63
N PHE B 902 -14.37 -8.68 -40.87
CA PHE B 902 -14.71 -9.39 -42.11
C PHE B 902 -15.64 -8.60 -43.01
N ASP B 903 -15.68 -7.26 -42.88
CA ASP B 903 -16.64 -6.50 -43.67
C ASP B 903 -16.19 -6.33 -45.11
N LEU B 904 -14.89 -6.20 -45.33
CA LEU B 904 -14.23 -6.02 -46.63
C LEU B 904 -14.50 -4.65 -47.24
N ASP B 905 -15.21 -3.74 -46.57
CA ASP B 905 -15.43 -2.41 -47.12
C ASP B 905 -15.32 -1.30 -46.10
N VAL B 906 -14.98 -1.60 -44.84
CA VAL B 906 -14.92 -0.55 -43.82
C VAL B 906 -13.82 0.45 -44.14
N PHE B 907 -12.64 -0.07 -44.52
CA PHE B 907 -11.49 0.81 -44.84
C PHE B 907 -11.25 0.79 -46.36
N LYS B 908 -11.87 -0.18 -47.06
CA LYS B 908 -11.66 -0.31 -48.52
C LYS B 908 -12.17 0.95 -49.23
N ASN B 909 -13.32 1.48 -48.80
CA ASN B 909 -13.88 2.71 -49.41
C ASN B 909 -12.91 3.88 -49.19
N PHE B 910 -12.32 3.98 -48.00
CA PHE B 910 -11.34 5.06 -47.70
C PHE B 910 -10.12 4.91 -48.62
N SER B 911 -9.66 3.68 -48.85
CA SER B 911 -8.47 3.44 -49.69
C SER B 911 -8.92 3.09 -51.13
N THR C 1 -16.94 13.87 41.12
CA THR C 1 -17.01 14.94 40.13
C THR C 1 -15.68 15.09 39.39
N THR C 2 -15.48 14.26 38.37
CA THR C 2 -14.26 14.34 37.57
C THR C 2 -14.28 15.51 36.60
N LEU C 3 -15.44 16.13 36.37
CA LEU C 3 -15.48 17.28 35.48
C LEU C 3 -14.68 18.44 36.04
N THR C 4 -14.57 18.54 37.36
CA THR C 4 -13.77 19.61 37.96
C THR C 4 -12.32 19.47 37.54
N SER C 5 -11.78 18.25 37.67
CA SER C 5 -10.41 18.00 37.24
C SER C 5 -10.25 18.21 35.74
N TRP C 6 -11.22 17.74 34.94
CA TRP C 6 -11.11 17.91 33.50
C TRP C 6 -11.11 19.38 33.11
N LEU C 7 -11.98 20.17 33.73
CA LEU C 7 -12.02 21.61 33.45
C LEU C 7 -10.72 22.27 33.85
N ASP C 8 -10.24 21.97 35.07
CA ASP C 8 -9.01 22.60 35.53
C ASP C 8 -7.84 22.26 34.61
N ASN C 9 -7.85 21.06 34.02
CA ASN C 9 -6.79 20.69 33.11
C ASN C 9 -6.92 21.38 31.75
N ASN C 10 -8.15 21.49 31.21
CA ASN C 10 -8.29 21.82 29.80
C ASN C 10 -8.90 23.19 29.52
N GLY C 11 -9.16 24.03 30.53
CA GLY C 11 -9.79 25.32 30.26
C GLY C 11 -8.92 26.29 29.49
N LYS C 12 -7.61 26.28 29.74
CA LYS C 12 -6.73 27.29 29.15
C LYS C 12 -6.62 27.10 27.65
N SER C 13 -6.45 25.86 27.21
CA SER C 13 -6.41 25.59 25.78
C SER C 13 -7.73 26.01 25.13
N ALA C 14 -8.84 25.83 25.85
CA ALA C 14 -10.14 26.22 25.31
C ALA C 14 -10.23 27.73 25.11
N VAL C 15 -9.81 28.50 26.10
CA VAL C 15 -9.91 29.96 25.95
C VAL C 15 -8.99 30.44 24.83
N LYS C 16 -7.79 29.86 24.73
CA LYS C 16 -6.91 30.22 23.64
C LYS C 16 -7.51 29.89 22.28
N LYS C 17 -8.14 28.71 22.18
CA LYS C 17 -8.76 28.30 20.91
C LYS C 17 -9.91 29.22 20.53
N LEU C 18 -10.73 29.62 21.50
CA LEU C 18 -11.79 30.59 21.22
C LEU C 18 -11.20 31.89 20.68
N LYS C 19 -10.16 32.39 21.36
CA LYS C 19 -9.55 33.66 20.94
C LYS C 19 -9.01 33.55 19.51
N ASN C 20 -8.45 32.39 19.16
CA ASN C 20 -8.03 32.22 17.77
C ASN C 20 -9.22 32.15 16.82
N SER C 21 -10.34 31.57 17.26
CA SER C 21 -11.43 31.24 16.35
C SER C 21 -12.37 32.40 16.04
N LEU C 22 -12.39 33.45 16.85
CA LEU C 22 -13.32 34.56 16.57
C LEU C 22 -13.34 35.07 15.13
N PRO C 23 -12.21 35.37 14.47
CA PRO C 23 -12.29 35.92 13.11
C PRO C 23 -13.00 35.03 12.12
N LEU C 24 -12.83 33.71 12.22
CA LEU C 24 -13.53 32.82 11.32
C LEU C 24 -15.03 32.88 11.54
N ARG C 25 -15.46 33.04 12.79
CA ARG C 25 -16.89 33.21 13.07
C ARG C 25 -17.42 34.47 12.41
N LYS C 26 -16.67 35.57 12.50
CA LYS C 26 -17.11 36.80 11.84
C LYS C 26 -17.24 36.58 10.34
N GLU C 27 -16.24 35.92 9.74
CA GLU C 27 -16.28 35.67 8.30
C GLU C 27 -17.45 34.78 7.91
N LEU C 28 -17.74 33.76 8.72
CA LEU C 28 -18.86 32.88 8.42
C LEU C 28 -20.18 33.63 8.44
N ASP C 29 -20.37 34.51 9.43
CA ASP C 29 -21.61 35.29 9.47
C ASP C 29 -21.73 36.19 8.25
N ARG C 30 -20.63 36.85 7.88
CA ARG C 30 -20.67 37.73 6.70
C ARG C 30 -21.01 36.96 5.43
N LEU C 31 -20.34 35.83 5.20
CA LEU C 31 -20.63 35.06 4.00
C LEU C 31 -22.07 34.57 4.00
N LYS C 32 -22.56 34.07 5.14
CA LYS C 32 -23.90 33.50 5.16
C LYS C 32 -24.95 34.55 4.86
N ASP C 33 -24.89 35.72 5.53
CA ASP C 33 -25.96 36.68 5.30
C ASP C 33 -25.86 37.32 3.92
N GLU C 34 -24.64 37.47 3.40
CA GLU C 34 -24.51 37.97 2.03
C GLU C 34 -25.14 37.01 1.02
N LEU C 35 -24.81 35.71 1.12
CA LEU C 35 -25.39 34.75 0.19
C LEU C 35 -26.89 34.66 0.35
N SER C 36 -27.38 34.71 1.58
CA SER C 36 -28.81 34.64 1.81
C SER C 36 -29.52 35.81 1.17
N HIS C 37 -28.93 37.01 1.25
CA HIS C 37 -29.57 38.16 0.63
C HIS C 37 -29.53 38.07 -0.90
N GLN C 38 -28.40 37.66 -1.47
CA GLN C 38 -28.24 37.74 -2.92
C GLN C 38 -29.22 36.82 -3.64
N LEU C 39 -29.30 35.56 -3.24
CA LEU C 39 -30.20 34.61 -3.90
C LEU C 39 -31.60 34.63 -3.32
N GLN C 40 -31.85 35.46 -2.31
CA GLN C 40 -33.15 35.55 -1.65
C GLN C 40 -33.60 34.22 -1.05
N LEU C 41 -32.63 33.43 -0.61
CA LEU C 41 -32.96 32.18 0.07
C LEU C 41 -33.61 32.47 1.42
N SER C 42 -34.44 31.52 1.87
CA SER C 42 -35.06 31.66 3.18
C SER C 42 -34.06 31.36 4.29
N ASP C 43 -33.23 30.34 4.12
CA ASP C 43 -32.28 29.96 5.16
C ASP C 43 -31.19 29.07 4.57
N ILE C 44 -30.10 28.94 5.31
CA ILE C 44 -29.02 28.01 5.01
C ILE C 44 -28.72 27.22 6.26
N ARG C 45 -28.68 25.89 6.15
CA ARG C 45 -28.47 25.03 7.30
C ARG C 45 -27.44 23.97 6.98
N TRP C 46 -26.98 23.31 8.04
CA TRP C 46 -26.02 22.21 7.95
C TRP C 46 -26.57 21.01 8.70
N GLN C 47 -26.14 19.81 8.27
CA GLN C 47 -26.66 18.57 8.85
C GLN C 47 -25.65 17.84 9.73
N ARG C 48 -24.35 18.07 9.55
CA ARG C 48 -23.32 17.42 10.34
C ARG C 48 -22.63 18.43 11.23
N SER C 49 -21.78 17.95 12.12
CA SER C 49 -21.02 18.91 12.95
C SER C 49 -20.27 19.85 12.02
N TRP C 50 -19.09 19.42 11.58
CA TRP C 50 -18.27 20.27 10.71
C TRP C 50 -17.79 21.49 11.50
N GLY C 51 -16.58 21.97 11.25
CA GLY C 51 -16.06 23.09 12.04
C GLY C 51 -16.12 24.38 11.28
N ILE C 52 -15.94 25.49 11.97
CA ILE C 52 -16.06 26.82 11.33
C ILE C 52 -15.13 26.86 10.11
N ALA C 53 -14.13 25.98 10.03
CA ALA C 53 -13.25 26.19 8.88
C ALA C 53 -13.81 25.53 7.62
N HIS C 54 -14.47 24.38 7.77
CA HIS C 54 -15.05 23.72 6.60
C HIS C 54 -16.33 24.39 6.14
N ARG C 55 -17.13 24.90 7.08
CA ARG C 55 -18.34 25.62 6.71
C ARG C 55 -18.01 26.86 5.90
N CYS C 56 -16.93 27.56 6.26
CA CYS C 56 -16.53 28.71 5.48
C CYS C 56 -16.14 28.33 4.06
N SER C 57 -15.46 27.19 3.89
CA SER C 57 -15.08 26.76 2.55
C SER C 57 -16.30 26.39 1.72
N GLN C 58 -17.28 25.73 2.34
CA GLN C 58 -18.51 25.40 1.61
C GLN C 58 -19.24 26.66 1.17
N LEU C 59 -19.34 27.65 2.05
CA LEU C 59 -19.98 28.91 1.66
C LEU C 59 -19.21 29.60 0.55
N HIS C 60 -17.88 29.55 0.61
CA HIS C 60 -17.07 30.14 -0.46
C HIS C 60 -17.32 29.46 -1.79
N SER C 61 -17.42 28.13 -1.79
CA SER C 61 -17.66 27.41 -3.03
C SER C 61 -19.03 27.75 -3.61
N LEU C 62 -20.05 27.82 -2.75
CA LEU C 62 -21.37 28.22 -3.24
C LEU C 62 -21.36 29.64 -3.79
N SER C 63 -20.58 30.53 -3.17
CA SER C 63 -20.46 31.89 -3.70
C SER C 63 -19.81 31.90 -5.08
N ARG C 64 -18.76 31.10 -5.27
CA ARG C 64 -18.15 30.99 -6.60
C ARG C 64 -19.16 30.48 -7.62
N LEU C 65 -19.94 29.47 -7.25
CA LEU C 65 -20.95 28.95 -8.16
C LEU C 65 -21.95 30.04 -8.55
N ALA C 66 -22.41 30.82 -7.56
CA ALA C 66 -23.32 31.91 -7.87
C ALA C 66 -22.68 32.96 -8.77
N GLN C 67 -21.37 33.16 -8.62
CA GLN C 67 -20.68 34.09 -9.51
C GLN C 67 -20.68 33.60 -10.95
N GLN C 68 -20.46 32.30 -11.15
CA GLN C 68 -20.38 31.79 -12.51
C GLN C 68 -21.75 31.71 -13.17
N ASN C 69 -22.65 30.92 -12.60
CA ASN C 69 -24.00 30.72 -13.12
C ASN C 69 -24.97 31.44 -12.18
N LEU C 70 -25.53 32.55 -12.64
CA LEU C 70 -26.44 33.28 -11.78
C LEU C 70 -27.90 33.08 -12.16
N GLU C 71 -28.20 32.97 -13.45
CA GLU C 71 -29.58 32.85 -13.89
C GLU C 71 -30.19 31.52 -13.44
N THR C 72 -29.46 30.42 -13.63
CA THR C 72 -29.98 29.13 -13.19
C THR C 72 -30.08 29.07 -11.67
N LEU C 73 -29.08 29.61 -10.97
CA LEU C 73 -29.12 29.64 -9.51
C LEU C 73 -30.27 30.49 -9.00
N LYS C 74 -30.72 31.46 -9.79
CA LYS C 74 -31.78 32.37 -9.36
C LYS C 74 -33.12 31.67 -9.22
N LYS C 75 -33.25 30.44 -9.69
CA LYS C 75 -34.49 29.66 -9.59
C LYS C 75 -34.79 29.19 -8.19
N ALA C 76 -34.04 29.59 -7.17
CA ALA C 76 -34.23 29.08 -5.82
C ALA C 76 -34.70 30.17 -4.85
N LYS C 77 -35.48 31.13 -5.34
CA LYS C 77 -36.05 32.13 -4.45
C LYS C 77 -37.01 31.47 -3.47
N GLY C 78 -36.81 31.77 -2.18
CA GLY C 78 -37.68 31.23 -1.15
C GLY C 78 -37.43 29.79 -0.78
N CYS C 79 -36.41 29.16 -1.34
CA CYS C 79 -36.07 27.78 -1.01
C CYS C 79 -34.88 27.78 -0.07
N THR C 80 -35.03 27.14 1.07
CA THR C 80 -33.90 26.97 1.98
C THR C 80 -32.97 25.86 1.50
N ILE C 81 -31.71 25.99 1.86
CA ILE C 81 -30.65 25.12 1.39
C ILE C 81 -30.00 24.44 2.59
N ILE C 82 -29.84 23.13 2.51
CA ILE C 82 -29.15 22.37 3.54
C ILE C 82 -27.94 21.69 2.91
N PHE C 83 -26.88 21.53 3.68
CA PHE C 83 -25.65 20.90 3.23
C PHE C 83 -25.61 19.49 3.78
N THR C 84 -25.51 18.50 2.89
CA THR C 84 -25.57 17.11 3.31
C THR C 84 -24.48 16.29 2.64
N ASP C 85 -24.61 14.97 2.67
CA ASP C 85 -23.70 14.08 1.96
C ASP C 85 -24.27 13.56 0.65
N ARG C 86 -25.53 13.83 0.35
CA ARG C 86 -26.13 13.43 -0.92
C ARG C 86 -26.94 14.59 -1.47
N SER C 87 -27.01 14.66 -2.79
CA SER C 87 -27.75 15.73 -3.45
C SER C 87 -29.20 15.32 -3.66
N GLY C 88 -29.94 16.13 -4.41
CA GLY C 88 -31.35 15.93 -4.63
C GLY C 88 -32.19 16.78 -3.68
N MET C 89 -33.50 16.71 -3.87
CA MET C 89 -34.41 17.42 -2.98
C MET C 89 -34.95 16.49 -1.91
N SER C 90 -35.08 17.00 -0.69
CA SER C 90 -35.46 16.18 0.44
C SER C 90 -36.95 15.91 0.45
N ALA C 91 -37.40 15.19 1.48
CA ALA C 91 -38.80 14.80 1.56
C ALA C 91 -39.71 15.97 1.88
N VAL C 92 -39.18 17.05 2.45
CA VAL C 92 -40.00 18.22 2.78
C VAL C 92 -39.45 19.45 2.05
N GLY C 93 -38.84 19.24 0.90
CA GLY C 93 -38.50 20.33 0.00
C GLY C 93 -37.30 21.16 0.41
N HIS C 94 -36.13 20.53 0.51
CA HIS C 94 -34.89 21.24 0.75
C HIS C 94 -33.90 20.85 -0.33
N VAL C 95 -33.27 21.85 -0.96
CA VAL C 95 -32.11 21.56 -1.79
C VAL C 95 -30.98 21.07 -0.89
N MET C 96 -30.60 19.83 -1.18
CA MET C 96 -29.58 19.19 -0.33
C MET C 96 -28.30 19.08 -1.12
N LEU C 97 -27.58 20.19 -1.27
CA LEU C 97 -26.26 20.16 -1.93
C LEU C 97 -25.39 19.21 -1.13
N GLY C 98 -24.54 18.42 -1.76
CA GLY C 98 -23.78 17.39 -1.05
C GLY C 98 -22.32 17.73 -1.00
N THR C 99 -21.67 17.47 0.13
CA THR C 99 -20.27 17.91 0.30
C THR C 99 -19.31 17.27 -0.68
N MET C 100 -19.68 16.15 -1.31
CA MET C 100 -18.67 15.47 -2.11
C MET C 100 -18.90 15.64 -3.59
N ASP C 101 -19.64 16.65 -4.02
CA ASP C 101 -20.01 16.83 -5.41
C ASP C 101 -19.40 18.12 -5.96
N VAL C 102 -19.00 18.08 -7.22
CA VAL C 102 -18.41 19.22 -7.90
C VAL C 102 -19.50 20.16 -8.41
N HIS C 103 -19.12 21.36 -8.86
CA HIS C 103 -20.11 22.34 -9.29
C HIS C 103 -20.94 21.83 -10.46
N HIS C 104 -20.37 20.96 -11.29
CA HIS C 104 -21.12 20.45 -12.43
C HIS C 104 -22.30 19.62 -11.96
N HIS C 105 -22.19 19.00 -10.79
CA HIS C 105 -23.29 18.21 -10.25
C HIS C 105 -24.35 19.09 -9.62
N TRP C 106 -23.95 20.21 -9.00
CA TRP C 106 -24.92 21.12 -8.40
C TRP C 106 -25.70 21.87 -9.45
N THR C 107 -25.02 22.29 -10.53
CA THR C 107 -25.70 23.03 -11.58
C THR C 107 -26.82 22.22 -12.20
N LYS C 108 -26.61 20.91 -12.36
CA LYS C 108 -27.66 20.04 -12.88
C LYS C 108 -28.86 20.02 -11.94
N LEU C 109 -28.62 20.03 -10.63
CA LEU C 109 -29.71 20.04 -9.67
C LEU C 109 -30.50 21.35 -9.77
N PHE C 110 -29.81 22.47 -9.91
CA PHE C 110 -30.51 23.74 -9.97
C PHE C 110 -31.27 23.95 -11.27
N GLU C 111 -31.08 23.09 -12.26
CA GLU C 111 -31.84 23.17 -13.51
C GLU C 111 -33.05 22.27 -13.53
N ARG C 112 -33.31 21.52 -12.46
CA ARG C 112 -34.42 20.59 -12.40
C ARG C 112 -35.42 20.94 -11.30
N LEU C 113 -35.37 22.15 -10.79
CA LEU C 113 -36.28 22.53 -9.70
C LEU C 113 -37.75 22.48 -10.08
N PRO C 114 -38.18 23.00 -11.24
CA PRO C 114 -39.63 22.95 -11.55
C PRO C 114 -40.22 21.56 -11.54
N SER C 115 -39.50 20.55 -12.05
CA SER C 115 -40.04 19.19 -12.05
C SER C 115 -40.18 18.65 -10.63
N TYR C 116 -39.21 18.95 -9.77
CA TYR C 116 -39.34 18.54 -8.36
C TYR C 116 -40.52 19.22 -7.70
N PHE C 117 -40.72 20.51 -8.00
CA PHE C 117 -41.87 21.22 -7.45
C PHE C 117 -43.17 20.57 -7.92
N ASP C 118 -43.23 20.18 -9.20
CA ASP C 118 -44.41 19.48 -9.70
C ASP C 118 -44.64 18.19 -8.95
N LEU C 119 -43.58 17.40 -8.73
CA LEU C 119 -43.73 16.15 -7.99
C LEU C 119 -44.22 16.40 -6.57
N GLN C 120 -43.87 17.55 -6.00
CA GLN C 120 -44.30 17.83 -4.63
C GLN C 120 -45.81 17.93 -4.52
N ARG C 121 -46.48 18.49 -5.53
CA ARG C 121 -47.94 18.55 -5.51
C ARG C 121 -48.57 17.17 -5.51
N ARG C 122 -48.04 16.26 -6.34
CA ARG C 122 -48.54 14.90 -6.36
C ARG C 122 -48.35 14.23 -5.01
N LEU C 123 -47.19 14.44 -4.39
CA LEU C 123 -46.98 13.86 -3.07
C LEU C 123 -47.96 14.43 -2.05
N MET C 124 -48.25 15.72 -2.13
CA MET C 124 -49.20 16.32 -1.20
C MET C 124 -50.60 15.75 -1.40
N ILE C 125 -50.98 15.52 -2.66
CA ILE C 125 -52.27 14.90 -2.95
C ILE C 125 -52.33 13.50 -2.37
N LEU C 126 -51.24 12.74 -2.50
CA LEU C 126 -51.17 11.43 -1.86
C LEU C 126 -51.33 11.54 -0.36
N GLU C 127 -50.67 12.53 0.26
CA GLU C 127 -50.82 12.76 1.68
C GLU C 127 -52.29 12.96 2.04
N ASP C 128 -52.99 13.79 1.27
CA ASP C 128 -54.40 14.06 1.54
C ASP C 128 -55.23 12.80 1.41
N GLN C 129 -54.95 11.99 0.39
CA GLN C 129 -55.70 10.75 0.21
C GLN C 129 -55.51 9.81 1.39
N ILE C 130 -54.26 9.62 1.81
CA ILE C 130 -54.00 8.74 2.95
C ILE C 130 -54.62 9.30 4.22
N SER C 131 -54.63 10.63 4.34
CA SER C 131 -55.24 11.25 5.52
C SER C 131 -56.74 10.98 5.56
N TYR C 132 -57.43 11.17 4.44
CA TYR C 132 -58.87 10.93 4.45
C TYR C 132 -59.18 9.44 4.57
N LEU C 133 -58.27 8.58 4.14
CA LEU C 133 -58.52 7.14 4.15
C LEU C 133 -58.76 6.63 5.57
N LEU C 134 -57.75 6.75 6.44
CA LEU C 134 -57.82 6.24 7.79
C LEU C 134 -58.48 7.22 8.76
N GLY C 135 -59.25 8.18 8.26
CA GLY C 135 -59.61 9.33 9.05
C GLY C 135 -58.41 10.25 9.23
N GLY C 136 -58.70 11.51 9.54
CA GLY C 136 -57.68 12.54 9.43
C GLY C 136 -56.42 12.21 10.21
N ILE C 137 -55.38 11.83 9.48
CA ILE C 137 -54.12 11.39 10.07
C ILE C 137 -53.00 12.03 9.26
N GLN C 138 -52.25 12.92 9.90
CA GLN C 138 -51.15 13.58 9.23
C GLN C 138 -50.01 12.58 9.03
N VAL C 139 -49.51 12.51 7.81
CA VAL C 139 -48.30 11.76 7.52
C VAL C 139 -47.15 12.74 7.47
N VAL C 140 -46.17 12.53 8.35
CA VAL C 140 -45.10 13.50 8.56
C VAL C 140 -43.77 12.84 8.26
N TYR C 141 -42.78 13.65 7.87
CA TYR C 141 -41.41 13.20 7.69
C TYR C 141 -40.56 13.86 8.76
N ILE C 142 -40.41 13.17 9.89
CA ILE C 142 -39.57 13.65 10.98
C ILE C 142 -38.12 13.28 10.67
N GLU C 143 -37.30 14.27 10.34
CA GLU C 143 -35.88 14.02 10.17
C GLU C 143 -35.26 13.62 11.50
N GLU C 144 -33.97 13.27 11.49
CA GLU C 144 -33.21 12.79 12.64
C GLU C 144 -33.94 11.65 13.35
N LEU C 145 -34.91 11.05 12.68
CA LEU C 145 -35.52 9.80 13.11
C LEU C 145 -35.75 8.85 11.95
N GLN C 146 -35.45 9.25 10.73
CA GLN C 146 -35.56 8.44 9.52
C GLN C 146 -34.30 8.63 8.70
N PRO C 147 -33.98 7.67 7.84
CA PRO C 147 -32.83 7.87 6.95
C PRO C 147 -33.08 9.03 6.00
N VAL C 148 -31.99 9.65 5.56
CA VAL C 148 -32.12 10.74 4.59
C VAL C 148 -32.81 10.21 3.35
N LEU C 149 -34.00 10.74 3.06
CA LEU C 149 -34.85 10.24 2.00
C LEU C 149 -35.00 11.31 0.93
N THR C 150 -34.66 10.94 -0.31
CA THR C 150 -34.87 11.84 -1.43
C THR C 150 -36.34 11.78 -1.85
N LEU C 151 -36.79 12.85 -2.51
CA LEU C 151 -38.22 13.00 -2.79
C LEU C 151 -38.80 11.78 -3.49
N GLU C 152 -38.08 11.25 -4.48
CA GLU C 152 -38.60 10.11 -5.23
C GLU C 152 -38.80 8.90 -4.33
N GLU C 153 -37.86 8.63 -3.43
CA GLU C 153 -38.00 7.46 -2.56
C GLU C 153 -39.19 7.59 -1.63
N TYR C 154 -39.41 8.78 -1.06
CA TYR C 154 -40.56 8.96 -0.19
C TYR C 154 -41.86 8.85 -0.99
N TYR C 155 -41.88 9.40 -2.20
CA TYR C 155 -43.06 9.25 -3.03
C TYR C 155 -43.34 7.79 -3.35
N SER C 156 -42.29 7.02 -3.63
CA SER C 156 -42.47 5.61 -3.92
C SER C 156 -43.00 4.85 -2.71
N LEU C 157 -42.48 5.16 -1.51
CA LEU C 157 -43.00 4.53 -0.30
C LEU C 157 -44.47 4.85 -0.10
N LEU C 158 -44.84 6.13 -0.22
CA LEU C 158 -46.24 6.50 -0.05
C LEU C 158 -47.11 5.80 -1.07
N ASP C 159 -46.67 5.76 -2.33
CA ASP C 159 -47.45 5.14 -3.39
C ASP C 159 -47.64 3.65 -3.16
N VAL C 160 -46.56 2.93 -2.84
CA VAL C 160 -46.67 1.49 -2.65
C VAL C 160 -47.55 1.18 -1.46
N PHE C 161 -47.40 1.94 -0.37
CA PHE C 161 -48.24 1.71 0.80
C PHE C 161 -49.72 1.91 0.46
N TYR C 162 -50.05 3.06 -0.14
CA TYR C 162 -51.45 3.36 -0.44
C TYR C 162 -52.02 2.34 -1.41
N ASN C 163 -51.29 2.01 -2.47
CA ASN C 163 -51.81 1.11 -3.49
C ASN C 163 -51.99 -0.30 -2.93
N ARG C 164 -50.97 -0.83 -2.26
CA ARG C 164 -51.01 -2.19 -1.77
C ARG C 164 -51.96 -2.34 -0.58
N LEU C 165 -52.31 -1.26 0.10
CA LEU C 165 -53.20 -1.37 1.26
C LEU C 165 -54.66 -1.08 0.93
N LEU C 166 -54.93 -0.09 0.07
CA LEU C 166 -56.32 0.26 -0.22
C LEU C 166 -57.02 -0.84 -1.02
N LYS C 167 -56.29 -1.47 -1.95
CA LYS C 167 -56.93 -2.39 -2.88
C LYS C 167 -57.53 -3.60 -2.19
N SER C 168 -56.83 -4.17 -1.21
CA SER C 168 -57.23 -5.45 -0.63
C SER C 168 -58.33 -5.29 0.42
N ARG C 169 -58.02 -4.61 1.52
CA ARG C 169 -58.97 -4.45 2.61
C ARG C 169 -58.88 -3.03 3.13
N ILE C 170 -59.94 -2.60 3.81
CA ILE C 170 -60.02 -1.20 4.23
C ILE C 170 -60.94 -1.11 5.44
N LEU C 171 -60.64 -0.15 6.32
CA LEU C 171 -61.52 0.25 7.41
C LEU C 171 -61.45 1.76 7.53
N PHE C 172 -62.60 2.39 7.75
CA PHE C 172 -62.69 3.85 7.76
C PHE C 172 -63.37 4.33 9.02
N HIS C 173 -62.89 5.47 9.54
CA HIS C 173 -63.54 6.22 10.61
C HIS C 173 -62.90 7.58 10.73
N PRO C 174 -63.68 8.67 10.75
CA PRO C 174 -63.12 10.01 10.76
C PRO C 174 -62.54 10.46 12.10
N ARG C 175 -62.31 9.55 13.03
CA ARG C 175 -61.71 9.88 14.31
C ARG C 175 -60.20 10.05 14.15
N SER C 176 -59.48 10.27 15.26
CA SER C 176 -58.01 10.47 15.23
C SER C 176 -57.68 11.77 14.50
N LEU C 177 -58.67 12.63 14.26
CA LEU C 177 -58.47 13.86 13.45
C LEU C 177 -57.49 14.84 14.10
N ARG C 178 -57.71 15.22 15.37
CA ARG C 178 -56.88 16.28 16.00
C ARG C 178 -55.41 15.87 16.13
N GLY C 179 -55.12 14.63 16.52
CA GLY C 179 -53.73 14.21 16.77
C GLY C 179 -53.39 12.92 16.06
N LEU C 180 -52.38 12.17 16.55
CA LEU C 180 -51.92 10.88 15.96
C LEU C 180 -51.22 11.11 14.60
N GLN C 181 -49.90 10.85 14.54
CA GLN C 181 -49.19 11.04 13.25
C GLN C 181 -48.60 9.69 12.81
N MET C 182 -48.23 9.53 11.53
CA MET C 182 -47.58 8.26 11.11
C MET C 182 -46.19 8.52 10.52
N ILE C 183 -45.16 7.87 11.07
CA ILE C 183 -43.76 7.98 10.54
C ILE C 183 -43.65 7.25 9.19
N LEU C 184 -44.47 6.22 8.96
CA LEU C 184 -44.34 5.38 7.73
C LEU C 184 -42.93 4.77 7.69
N ASN C 185 -42.60 3.96 8.71
CA ASN C 185 -41.26 3.33 8.79
C ASN C 185 -41.03 2.45 7.56
N SER C 186 -39.79 2.36 7.08
CA SER C 186 -39.52 1.62 5.81
C SER C 186 -39.37 0.11 6.04
N ASP C 187 -40.31 -0.54 6.73
CA ASP C 187 -40.31 -2.00 6.85
C ASP C 187 -39.10 -2.51 7.64
N ARG C 188 -39.03 -2.12 8.92
CA ARG C 188 -37.99 -2.70 9.77
C ARG C 188 -38.46 -4.01 10.40
N TYR C 189 -39.42 -3.95 11.32
CA TYR C 189 -40.00 -5.19 11.83
C TYR C 189 -41.51 -5.25 11.74
N ALA C 190 -42.19 -4.28 12.33
CA ALA C 190 -43.61 -4.37 12.65
C ALA C 190 -44.05 -3.04 13.25
N PRO C 191 -45.37 -2.76 13.26
CA PRO C 191 -45.83 -1.48 13.82
C PRO C 191 -45.49 -1.35 15.30
N SER C 192 -45.18 -0.13 15.71
CA SER C 192 -44.76 0.15 17.07
C SER C 192 -45.17 1.56 17.45
N LEU C 193 -45.18 1.83 18.75
CA LEU C 193 -45.54 3.13 19.31
C LEU C 193 -44.28 3.77 19.87
N HIS C 194 -43.82 4.84 19.22
CA HIS C 194 -42.65 5.57 19.69
C HIS C 194 -42.99 6.36 20.95
N GLU C 195 -41.94 6.73 21.69
CA GLU C 195 -42.14 7.37 22.99
C GLU C 195 -42.72 8.78 22.84
N LEU C 196 -42.42 9.47 21.74
CA LEU C 196 -42.90 10.85 21.59
C LEU C 196 -44.42 10.90 21.51
N GLY C 197 -45.02 9.96 20.79
CA GLY C 197 -46.47 9.95 20.66
C GLY C 197 -46.95 9.58 19.28
N HIS C 198 -46.01 9.32 18.37
CA HIS C 198 -46.32 8.94 17.00
C HIS C 198 -46.16 7.43 16.80
N PHE C 199 -46.42 6.99 15.57
CA PHE C 199 -46.32 5.58 15.20
C PHE C 199 -45.37 5.43 14.02
N ASN C 200 -44.39 4.54 14.17
CA ASN C 200 -43.56 4.13 13.05
C ASN C 200 -44.09 2.80 12.51
N ILE C 201 -44.79 2.86 11.40
CA ILE C 201 -45.53 1.71 10.88
C ILE C 201 -44.92 1.27 9.56
N PRO C 202 -44.53 0.01 9.43
CA PRO C 202 -43.92 -0.45 8.18
C PRO C 202 -44.91 -0.44 7.03
N THR C 203 -44.38 -0.29 5.82
CA THR C 203 -45.21 -0.36 4.63
C THR C 203 -45.70 -1.79 4.43
N LEU C 204 -46.60 -1.95 3.45
CA LEU C 204 -47.16 -3.25 3.06
C LEU C 204 -47.60 -4.08 4.26
N CYS C 205 -47.93 -3.41 5.37
CA CYS C 205 -48.33 -4.09 6.59
C CYS C 205 -49.70 -4.72 6.44
N ASP C 206 -50.02 -5.63 7.34
CA ASP C 206 -51.31 -6.30 7.30
C ASP C 206 -52.39 -5.33 7.79
N PRO C 207 -53.39 -5.02 6.98
CA PRO C 207 -54.41 -4.06 7.42
C PRO C 207 -55.13 -4.48 8.70
N ALA C 208 -55.35 -5.78 8.90
CA ALA C 208 -56.00 -6.24 10.12
C ALA C 208 -55.11 -6.00 11.34
N ASN C 209 -53.84 -6.38 11.25
CA ASN C 209 -52.93 -6.13 12.36
C ASN C 209 -52.74 -4.64 12.59
N LEU C 210 -52.68 -3.86 11.52
CA LEU C 210 -52.58 -2.41 11.64
C LEU C 210 -53.78 -1.85 12.40
N GLN C 211 -54.99 -2.28 12.02
CA GLN C 211 -56.19 -1.79 12.68
C GLN C 211 -56.21 -2.17 14.15
N TRP C 212 -55.87 -3.43 14.46
CA TRP C 212 -55.87 -3.88 15.84
C TRP C 212 -54.86 -3.11 16.67
N PHE C 213 -53.68 -2.84 16.09
CA PHE C 213 -52.66 -2.08 16.80
C PHE C 213 -53.11 -0.64 17.06
N ILE C 214 -53.69 0.01 16.04
CA ILE C 214 -54.01 1.42 16.17
C ILE C 214 -55.18 1.63 17.13
N LEU C 215 -56.20 0.76 17.07
CA LEU C 215 -57.44 1.06 17.77
C LEU C 215 -57.28 1.10 19.29
N THR C 216 -56.22 0.49 19.82
CA THR C 216 -56.18 0.21 21.25
C THR C 216 -55.37 1.21 22.07
N LYS C 217 -54.42 1.94 21.46
CA LYS C 217 -53.54 2.82 22.21
C LYS C 217 -53.67 4.28 21.81
N ALA C 218 -54.90 4.76 21.59
CA ALA C 218 -55.08 6.17 21.27
C ALA C 218 -54.78 7.05 22.48
N GLN C 219 -55.32 6.68 23.65
CA GLN C 219 -55.23 7.53 24.82
C GLN C 219 -53.79 7.73 25.28
N GLN C 220 -52.99 6.66 25.24
CA GLN C 220 -51.58 6.79 25.63
C GLN C 220 -50.84 7.74 24.69
N ALA C 221 -51.13 7.66 23.39
CA ALA C 221 -50.51 8.59 22.45
C ALA C 221 -50.92 10.03 22.76
N ARG C 222 -52.21 10.26 23.01
CA ARG C 222 -52.65 11.61 23.33
C ARG C 222 -51.99 12.13 24.60
N GLU C 223 -51.71 11.24 25.55
CA GLU C 223 -51.03 11.64 26.78
C GLU C 223 -49.58 12.01 26.49
N ASN C 224 -48.93 11.24 25.60
CA ASN C 224 -47.55 11.50 25.23
C ASN C 224 -47.38 12.82 24.48
N MET C 225 -48.32 13.17 23.58
CA MET C 225 -48.17 14.45 22.89
C MET C 225 -48.19 15.65 23.83
N LYS C 226 -48.77 15.53 25.03
CA LYS C 226 -48.69 16.65 25.96
C LYS C 226 -47.49 16.54 26.89
N ARG C 227 -47.09 15.31 27.25
CA ARG C 227 -45.87 15.19 28.04
C ARG C 227 -44.68 15.78 27.29
N LYS C 228 -44.58 15.51 25.99
CA LYS C 228 -43.41 15.99 25.24
C LYS C 228 -43.33 17.51 25.27
N GLU C 229 -44.46 18.20 25.07
CA GLU C 229 -44.41 19.66 25.02
C GLU C 229 -44.13 20.24 26.40
N GLU C 230 -44.67 19.65 27.47
CA GLU C 230 -44.45 20.28 28.77
C GLU C 230 -43.02 20.05 29.26
N LEU C 231 -42.43 18.88 28.96
CA LEU C 231 -40.99 18.76 29.19
C LEU C 231 -40.19 19.72 28.32
N LYS C 232 -40.62 19.97 27.09
CA LYS C 232 -39.87 20.93 26.27
C LYS C 232 -39.90 22.32 26.88
N VAL C 233 -41.05 22.73 27.44
CA VAL C 233 -41.15 24.05 28.06
C VAL C 233 -40.26 24.14 29.31
N ILE C 234 -40.29 23.10 30.15
CA ILE C 234 -39.42 23.14 31.32
C ILE C 234 -37.95 23.16 30.89
N GLU C 235 -37.62 22.53 29.76
CA GLU C 235 -36.28 22.66 29.22
C GLU C 235 -35.93 24.07 28.80
N ASN C 236 -36.85 24.75 28.13
CA ASN C 236 -36.55 26.14 27.76
C ASN C 236 -36.21 26.97 29.00
N GLU C 237 -37.02 26.83 30.06
CA GLU C 237 -36.74 27.65 31.23
C GLU C 237 -35.44 27.24 31.93
N LEU C 238 -35.16 25.95 32.05
CA LEU C 238 -33.92 25.53 32.68
C LEU C 238 -32.70 25.99 31.90
N ILE C 239 -32.74 25.88 30.57
CA ILE C 239 -31.56 26.25 29.78
C ILE C 239 -31.37 27.76 29.79
N GLN C 240 -32.45 28.54 29.93
CA GLN C 240 -32.26 29.97 30.16
C GLN C 240 -31.60 30.22 31.51
N ALA C 241 -32.05 29.52 32.56
CA ALA C 241 -31.54 29.77 33.90
C ALA C 241 -30.05 29.42 33.99
N SER C 242 -29.62 28.33 33.35
CA SER C 242 -28.21 27.94 33.43
C SER C 242 -27.31 29.00 32.79
N THR C 243 -27.71 29.52 31.63
CA THR C 243 -26.94 30.57 31.00
C THR C 243 -26.91 31.82 31.86
N LYS C 244 -28.02 32.14 32.53
CA LYS C 244 -28.00 33.27 33.45
C LYS C 244 -27.02 33.05 34.59
N LYS C 245 -26.98 31.82 35.13
CA LYS C 245 -26.12 31.55 36.28
C LYS C 245 -24.65 31.57 35.91
N PHE C 246 -24.27 30.93 34.81
CA PHE C 246 -22.85 30.76 34.51
C PHE C 246 -22.33 31.69 33.43
N SER C 247 -23.17 32.50 32.80
CA SER C 247 -22.77 33.48 31.79
C SER C 247 -22.06 32.81 30.61
N LEU C 248 -22.82 31.97 29.90
CA LEU C 248 -22.38 31.34 28.68
C LEU C 248 -22.85 32.14 27.47
N GLU C 249 -22.05 32.11 26.40
CA GLU C 249 -22.47 32.71 25.14
C GLU C 249 -23.64 31.93 24.54
N LYS C 250 -23.55 30.60 24.55
CA LYS C 250 -24.65 29.75 24.13
C LYS C 250 -24.48 28.36 24.71
N LEU C 251 -25.59 27.73 25.06
CA LEU C 251 -25.63 26.36 25.58
C LEU C 251 -26.58 25.56 24.72
N TYR C 252 -26.13 24.41 24.23
CA TYR C 252 -26.93 23.62 23.30
C TYR C 252 -26.63 22.14 23.46
N LYS C 253 -27.32 21.34 22.67
CA LYS C 253 -27.38 19.90 22.82
C LYS C 253 -27.02 19.21 21.51
N GLU C 254 -26.57 17.98 21.62
CA GLU C 254 -26.49 17.15 20.43
C GLU C 254 -27.89 16.67 20.06
N PRO C 255 -28.15 16.44 18.77
CA PRO C 255 -29.50 15.99 18.37
C PRO C 255 -29.90 14.68 19.02
N SER C 256 -28.93 13.81 19.34
CA SER C 256 -29.25 12.50 19.90
C SER C 256 -29.62 12.57 21.38
N ILE C 257 -29.46 13.71 22.03
CA ILE C 257 -29.72 13.82 23.46
C ILE C 257 -31.22 13.89 23.70
N SER C 258 -31.71 13.03 24.58
CA SER C 258 -33.12 13.07 24.97
C SER C 258 -33.39 14.27 25.87
N SER C 259 -34.61 14.80 25.79
CA SER C 259 -34.97 15.96 26.59
C SER C 259 -34.90 15.66 28.08
N ILE C 260 -35.24 14.44 28.50
CA ILE C 260 -35.15 14.08 29.91
C ILE C 260 -33.70 14.11 30.37
N GLN C 261 -32.78 13.66 29.50
CA GLN C 261 -31.38 13.73 29.84
C GLN C 261 -30.93 15.17 30.06
N MET C 262 -31.49 16.11 29.29
CA MET C 262 -31.14 17.51 29.49
C MET C 262 -31.80 18.06 30.76
N VAL C 263 -33.00 17.56 31.10
CA VAL C 263 -33.57 17.83 32.41
C VAL C 263 -32.54 17.54 33.48
N ASP C 264 -32.06 16.31 33.51
CA ASP C 264 -31.16 15.87 34.57
C ASP C 264 -29.84 16.63 34.51
N CYS C 265 -29.35 16.88 33.29
CA CYS C 265 -28.11 17.62 33.10
C CYS C 265 -28.19 19.02 33.71
N CYS C 266 -29.18 19.80 33.29
CA CYS C 266 -29.29 21.17 33.80
C CYS C 266 -29.57 21.17 35.29
N LYS C 267 -30.36 20.23 35.77
CA LYS C 267 -30.69 20.19 37.19
C LYS C 267 -29.46 19.92 38.04
N ARG C 268 -28.56 19.06 37.57
CA ARG C 268 -27.38 18.75 38.38
C ARG C 268 -26.20 19.65 38.06
N LEU C 269 -26.29 20.52 37.05
CA LEU C 269 -25.43 21.70 37.05
C LEU C 269 -25.90 22.81 37.98
N LEU C 270 -27.20 23.10 38.03
CA LEU C 270 -27.66 24.32 38.68
C LEU C 270 -27.36 24.37 40.17
N GLU C 271 -27.02 23.24 40.79
CA GLU C 271 -26.68 23.23 42.21
C GLU C 271 -25.18 23.30 42.46
N GLN C 272 -24.36 23.39 41.41
CA GLN C 272 -22.93 23.47 41.55
C GLN C 272 -22.41 24.68 40.78
N SER C 273 -21.21 25.14 41.15
CA SER C 273 -20.55 26.25 40.49
C SER C 273 -19.14 25.85 40.09
N LEU C 274 -18.74 26.23 38.88
CA LEU C 274 -17.43 25.93 38.33
C LEU C 274 -16.77 27.20 37.84
N PRO C 275 -15.45 27.33 37.99
CA PRO C 275 -14.79 28.60 37.65
C PRO C 275 -14.72 28.89 36.16
N TYR C 276 -14.26 27.92 35.37
CA TYR C 276 -13.82 28.19 34.00
C TYR C 276 -14.95 28.23 32.98
N LEU C 277 -16.19 27.98 33.40
CA LEU C 277 -17.30 27.99 32.45
C LEU C 277 -17.68 29.39 31.99
N HIS C 278 -17.08 30.44 32.56
CA HIS C 278 -17.50 31.80 32.26
C HIS C 278 -17.16 32.17 30.82
N GLY C 279 -18.16 32.68 30.10
CA GLY C 279 -17.97 33.22 28.76
C GLY C 279 -17.46 32.24 27.73
N MET C 280 -18.05 31.04 27.67
CA MET C 280 -17.58 29.99 26.79
C MET C 280 -18.76 29.32 26.11
N HIS C 281 -18.47 28.53 25.09
CA HIS C 281 -19.45 27.70 24.40
C HIS C 281 -19.43 26.30 24.99
N LEU C 282 -20.59 25.83 25.42
CA LEU C 282 -20.73 24.50 26.00
C LEU C 282 -21.86 23.75 25.31
N CYS C 283 -21.62 22.48 25.04
CA CYS C 283 -22.61 21.62 24.42
C CYS C 283 -22.67 20.30 25.16
N ILE C 284 -23.86 19.72 25.21
CA ILE C 284 -24.10 18.46 25.90
C ILE C 284 -23.90 17.32 24.90
N SER C 285 -23.10 16.34 25.27
CA SER C 285 -22.66 15.31 24.35
C SER C 285 -22.49 14.01 25.13
N HIS C 286 -21.73 13.07 24.56
CA HIS C 286 -21.50 11.77 25.17
C HIS C 286 -20.07 11.56 25.62
N PHE C 287 -19.24 12.61 25.62
CA PHE C 287 -17.85 12.37 25.97
C PHE C 287 -17.16 13.66 26.41
N TYR C 288 -16.01 13.49 27.06
CA TYR C 288 -15.17 14.60 27.51
C TYR C 288 -14.27 15.02 26.35
N SER C 289 -14.49 16.23 25.83
CA SER C 289 -13.64 16.68 24.74
C SER C 289 -13.69 18.20 24.64
N VAL C 290 -12.68 18.74 23.98
CA VAL C 290 -12.64 20.15 23.57
C VAL C 290 -12.45 20.20 22.06
N MET C 291 -13.31 20.96 21.40
CA MET C 291 -13.25 21.04 19.94
C MET C 291 -12.15 21.97 19.48
N GLN C 292 -11.76 21.80 18.22
CA GLN C 292 -10.63 22.54 17.68
C GLN C 292 -10.90 24.03 17.64
N ASP C 293 -12.16 24.42 17.46
CA ASP C 293 -12.52 25.83 17.40
C ASP C 293 -12.94 26.40 18.75
N GLY C 294 -12.84 25.64 19.82
CA GLY C 294 -12.95 26.18 21.16
C GLY C 294 -14.19 25.83 21.95
N ASP C 295 -14.92 24.78 21.59
CA ASP C 295 -16.11 24.38 22.31
C ASP C 295 -15.79 23.22 23.26
N LEU C 296 -16.54 23.14 24.35
CA LEU C 296 -16.38 22.10 25.35
C LEU C 296 -17.51 21.10 25.25
N CYS C 297 -17.18 19.81 25.34
CA CYS C 297 -18.17 18.74 25.36
C CYS C 297 -18.20 18.14 26.75
N ILE C 298 -19.33 18.29 27.43
CA ILE C 298 -19.55 17.70 28.75
C ILE C 298 -20.60 16.61 28.61
N PRO C 299 -20.27 15.35 28.87
CA PRO C 299 -21.28 14.30 28.83
C PRO C 299 -22.34 14.51 29.90
N TRP C 300 -23.56 14.08 29.60
CA TRP C 300 -24.64 14.22 30.56
C TRP C 300 -24.50 13.23 31.72
N ASN C 301 -23.38 12.54 31.80
CA ASN C 301 -23.09 11.64 32.92
C ASN C 301 -21.75 12.02 33.53
N TRP C 302 -21.81 12.60 34.73
CA TRP C 302 -20.63 12.92 35.50
C TRP C 302 -20.04 11.68 36.17
#